data_1V7R
# 
_entry.id   1V7R 
# 
_audit_conform.dict_name       mmcif_pdbx.dic 
_audit_conform.dict_version    5.380 
_audit_conform.dict_location   http://mmcif.pdb.org/dictionaries/ascii/mmcif_pdbx.dic 
# 
loop_
_database_2.database_id 
_database_2.database_code 
_database_2.pdbx_database_accession 
_database_2.pdbx_DOI 
PDB   1V7R         pdb_00001v7r 10.2210/pdb1v7r/pdb 
RCSB  RCSB006312   ?            ?                   
WWPDB D_1000006312 ?            ?                   
# 
_pdbx_database_related.db_name        TargetDB 
_pdbx_database_related.db_id          pho001001917.1 
_pdbx_database_related.details        . 
_pdbx_database_related.content_type   unspecified 
# 
_pdbx_database_status.status_code                     REL 
_pdbx_database_status.entry_id                        1V7R 
_pdbx_database_status.recvd_initial_deposition_date   2003-12-22 
_pdbx_database_status.deposit_site                    PDBJ 
_pdbx_database_status.process_site                    PDBJ 
_pdbx_database_status.status_code_sf                  REL 
_pdbx_database_status.SG_entry                        Y 
_pdbx_database_status.status_code_mr                  ? 
_pdbx_database_status.pdb_format_compatible           Y 
_pdbx_database_status.status_code_cs                  ? 
_pdbx_database_status.status_code_nmr_data            ? 
_pdbx_database_status.methods_development_category    ? 
# 
loop_
_audit_author.name 
_audit_author.pdbx_ordinal 
'Lokanath, N.K.'                                         1 
'Kunishima, N.'                                          2 
'RIKEN Structural Genomics/Proteomics Initiative (RSGI)' 3 
# 
_citation.id                        primary 
_citation.title                     
;Structures of dimeric nonstandard nucleotide triphosphate pyrophosphatase from Pyrococcus horikoshii OT3: functional significance of interprotomer conformational changes.
;
_citation.journal_abbrev            J.Mol.Biol. 
_citation.journal_volume            375 
_citation.page_first                1013 
_citation.page_last                 1025 
_citation.year                      2008 
_citation.journal_id_ASTM           JMOBAK 
_citation.country                   UK 
_citation.journal_id_ISSN           0022-2836 
_citation.journal_id_CSD            0070 
_citation.book_publisher            ? 
_citation.pdbx_database_id_PubMed   18062990 
_citation.pdbx_database_id_DOI      10.1016/j.jmb.2007.11.018 
# 
loop_
_citation_author.citation_id 
_citation_author.name 
_citation_author.ordinal 
_citation_author.identifier_ORCID 
primary 'Lokanath, N.K.' 1 ? 
primary 'Pampa, K.J.'    2 ? 
primary 'Takio, K.'      3 ? 
primary 'Kunishima, N.'  4 ? 
# 
_cell.entry_id           1V7R 
_cell.length_a           79.013 
_cell.length_b           93.188 
_cell.length_c           55.621 
_cell.angle_alpha        90.00 
_cell.angle_beta         90.00 
_cell.angle_gamma        90.00 
_cell.Z_PDB              8 
_cell.pdbx_unique_axis   ? 
# 
_symmetry.entry_id                         1V7R 
_symmetry.space_group_name_H-M             'C 2 2 21' 
_symmetry.pdbx_full_space_group_name_H-M   ? 
_symmetry.cell_setting                     ? 
_symmetry.Int_Tables_number                20 
# 
loop_
_entity.id 
_entity.type 
_entity.src_method 
_entity.pdbx_description 
_entity.formula_weight 
_entity.pdbx_number_of_molecules 
_entity.pdbx_ec 
_entity.pdbx_mutation 
_entity.pdbx_fragment 
_entity.details 
1 polymer     man 'hypothetical protein PH1917' 21233.420 1   3.6.1.19 ? ? ? 
2 non-polymer syn 'CITRIC ACID'                 192.124   1   ?        ? ? ? 
3 water       nat water                         18.015    202 ?        ? ? ? 
# 
_entity_name_com.entity_id   1 
_entity_name_com.name        'Nucleotide triphosphate pyrophosphatase' 
# 
_entity_poly.entity_id                      1 
_entity_poly.type                           'polypeptide(L)' 
_entity_poly.nstd_linkage                   no 
_entity_poly.nstd_monomer                   no 
_entity_poly.pdbx_seq_one_letter_code       
;MKIFFITSNPGKVREVANFLGTFGIEIVQLKHEYPEIQAEKLEDVVDFGISWLKGKVPEPFMIEDSGLFIESLKGFPGVY
SSYVYRTIGLEGILKLMEGAEDRRAYFKSVIGFYIDGKAYKFSGVTWGRISNEKRGTHGFGYDPIFIPEGSEKTFAEMTI
EEKNALSHRGKALKAFFEWLKVNLKY
;
_entity_poly.pdbx_seq_one_letter_code_can   
;MKIFFITSNPGKVREVANFLGTFGIEIVQLKHEYPEIQAEKLEDVVDFGISWLKGKVPEPFMIEDSGLFIESLKGFPGVY
SSYVYRTIGLEGILKLMEGAEDRRAYFKSVIGFYIDGKAYKFSGVTWGRISNEKRGTHGFGYDPIFIPEGSEKTFAEMTI
EEKNALSHRGKALKAFFEWLKVNLKY
;
_entity_poly.pdbx_strand_id                 A 
_entity_poly.pdbx_target_identifier         pho001001917.1 
# 
loop_
_entity_poly_seq.entity_id 
_entity_poly_seq.num 
_entity_poly_seq.mon_id 
_entity_poly_seq.hetero 
1 1   MET n 
1 2   LYS n 
1 3   ILE n 
1 4   PHE n 
1 5   PHE n 
1 6   ILE n 
1 7   THR n 
1 8   SER n 
1 9   ASN n 
1 10  PRO n 
1 11  GLY n 
1 12  LYS n 
1 13  VAL n 
1 14  ARG n 
1 15  GLU n 
1 16  VAL n 
1 17  ALA n 
1 18  ASN n 
1 19  PHE n 
1 20  LEU n 
1 21  GLY n 
1 22  THR n 
1 23  PHE n 
1 24  GLY n 
1 25  ILE n 
1 26  GLU n 
1 27  ILE n 
1 28  VAL n 
1 29  GLN n 
1 30  LEU n 
1 31  LYS n 
1 32  HIS n 
1 33  GLU n 
1 34  TYR n 
1 35  PRO n 
1 36  GLU n 
1 37  ILE n 
1 38  GLN n 
1 39  ALA n 
1 40  GLU n 
1 41  LYS n 
1 42  LEU n 
1 43  GLU n 
1 44  ASP n 
1 45  VAL n 
1 46  VAL n 
1 47  ASP n 
1 48  PHE n 
1 49  GLY n 
1 50  ILE n 
1 51  SER n 
1 52  TRP n 
1 53  LEU n 
1 54  LYS n 
1 55  GLY n 
1 56  LYS n 
1 57  VAL n 
1 58  PRO n 
1 59  GLU n 
1 60  PRO n 
1 61  PHE n 
1 62  MET n 
1 63  ILE n 
1 64  GLU n 
1 65  ASP n 
1 66  SER n 
1 67  GLY n 
1 68  LEU n 
1 69  PHE n 
1 70  ILE n 
1 71  GLU n 
1 72  SER n 
1 73  LEU n 
1 74  LYS n 
1 75  GLY n 
1 76  PHE n 
1 77  PRO n 
1 78  GLY n 
1 79  VAL n 
1 80  TYR n 
1 81  SER n 
1 82  SER n 
1 83  TYR n 
1 84  VAL n 
1 85  TYR n 
1 86  ARG n 
1 87  THR n 
1 88  ILE n 
1 89  GLY n 
1 90  LEU n 
1 91  GLU n 
1 92  GLY n 
1 93  ILE n 
1 94  LEU n 
1 95  LYS n 
1 96  LEU n 
1 97  MET n 
1 98  GLU n 
1 99  GLY n 
1 100 ALA n 
1 101 GLU n 
1 102 ASP n 
1 103 ARG n 
1 104 ARG n 
1 105 ALA n 
1 106 TYR n 
1 107 PHE n 
1 108 LYS n 
1 109 SER n 
1 110 VAL n 
1 111 ILE n 
1 112 GLY n 
1 113 PHE n 
1 114 TYR n 
1 115 ILE n 
1 116 ASP n 
1 117 GLY n 
1 118 LYS n 
1 119 ALA n 
1 120 TYR n 
1 121 LYS n 
1 122 PHE n 
1 123 SER n 
1 124 GLY n 
1 125 VAL n 
1 126 THR n 
1 127 TRP n 
1 128 GLY n 
1 129 ARG n 
1 130 ILE n 
1 131 SER n 
1 132 ASN n 
1 133 GLU n 
1 134 LYS n 
1 135 ARG n 
1 136 GLY n 
1 137 THR n 
1 138 HIS n 
1 139 GLY n 
1 140 PHE n 
1 141 GLY n 
1 142 TYR n 
1 143 ASP n 
1 144 PRO n 
1 145 ILE n 
1 146 PHE n 
1 147 ILE n 
1 148 PRO n 
1 149 GLU n 
1 150 GLY n 
1 151 SER n 
1 152 GLU n 
1 153 LYS n 
1 154 THR n 
1 155 PHE n 
1 156 ALA n 
1 157 GLU n 
1 158 MET n 
1 159 THR n 
1 160 ILE n 
1 161 GLU n 
1 162 GLU n 
1 163 LYS n 
1 164 ASN n 
1 165 ALA n 
1 166 LEU n 
1 167 SER n 
1 168 HIS n 
1 169 ARG n 
1 170 GLY n 
1 171 LYS n 
1 172 ALA n 
1 173 LEU n 
1 174 LYS n 
1 175 ALA n 
1 176 PHE n 
1 177 PHE n 
1 178 GLU n 
1 179 TRP n 
1 180 LEU n 
1 181 LYS n 
1 182 VAL n 
1 183 ASN n 
1 184 LEU n 
1 185 LYS n 
1 186 TYR n 
# 
_entity_src_gen.entity_id                          1 
_entity_src_gen.pdbx_src_id                        1 
_entity_src_gen.pdbx_alt_source_flag               sample 
_entity_src_gen.pdbx_seq_type                      ? 
_entity_src_gen.pdbx_beg_seq_num                   ? 
_entity_src_gen.pdbx_end_seq_num                   ? 
_entity_src_gen.gene_src_common_name               ? 
_entity_src_gen.gene_src_genus                     Pyrococcus 
_entity_src_gen.pdbx_gene_src_gene                 NTPase 
_entity_src_gen.gene_src_species                   'Pyrococcus horikoshii' 
_entity_src_gen.gene_src_strain                    OT3 
_entity_src_gen.gene_src_tissue                    ? 
_entity_src_gen.gene_src_tissue_fraction           ? 
_entity_src_gen.gene_src_details                   ? 
_entity_src_gen.pdbx_gene_src_fragment             ? 
_entity_src_gen.pdbx_gene_src_scientific_name      'Pyrococcus horikoshii' 
_entity_src_gen.pdbx_gene_src_ncbi_taxonomy_id     70601 
_entity_src_gen.pdbx_gene_src_variant              ? 
_entity_src_gen.pdbx_gene_src_cell_line            ? 
_entity_src_gen.pdbx_gene_src_atcc                 ? 
_entity_src_gen.pdbx_gene_src_organ                ? 
_entity_src_gen.pdbx_gene_src_organelle            ? 
_entity_src_gen.pdbx_gene_src_cell                 ? 
_entity_src_gen.pdbx_gene_src_cellular_location    ? 
_entity_src_gen.host_org_common_name               ? 
_entity_src_gen.pdbx_host_org_scientific_name      'Escherichia coli BL21(DE3)' 
_entity_src_gen.pdbx_host_org_ncbi_taxonomy_id     469008 
_entity_src_gen.host_org_genus                     Escherichia 
_entity_src_gen.pdbx_host_org_gene                 ? 
_entity_src_gen.pdbx_host_org_organ                ? 
_entity_src_gen.host_org_species                   'Escherichia coli' 
_entity_src_gen.pdbx_host_org_tissue               ? 
_entity_src_gen.pdbx_host_org_tissue_fraction      ? 
_entity_src_gen.pdbx_host_org_strain               'BL21 (DE3)' 
_entity_src_gen.pdbx_host_org_variant              ? 
_entity_src_gen.pdbx_host_org_cell_line            ? 
_entity_src_gen.pdbx_host_org_atcc                 ? 
_entity_src_gen.pdbx_host_org_culture_collection   ? 
_entity_src_gen.pdbx_host_org_cell                 ? 
_entity_src_gen.pdbx_host_org_organelle            ? 
_entity_src_gen.pdbx_host_org_cellular_location    ? 
_entity_src_gen.pdbx_host_org_vector_type          PLASMID 
_entity_src_gen.pdbx_host_org_vector               ? 
_entity_src_gen.host_org_details                   ? 
_entity_src_gen.expression_system_id               ? 
_entity_src_gen.plasmid_name                       PET-11A 
_entity_src_gen.plasmid_details                    ? 
_entity_src_gen.pdbx_description                   ? 
# 
_struct_ref.id                         1 
_struct_ref.db_name                    UNP 
_struct_ref.db_code                    O59580_PYRHO 
_struct_ref.pdbx_db_accession          O59580 
_struct_ref.entity_id                  1 
_struct_ref.pdbx_seq_one_letter_code   
;MKIFFITSNPGKVREVANFLGTFGIEIVQLKHEYPEIQAEKLEDVVDFGISWLKGKVPEPFMIEDSGLFIESLKGFPGVY
SSYVYRTIGLEGILKLMEGAEDRRAYFKSVIGFYIDGKAYKFSGVTWGRISNEKRGTHGFGYDPIFIPEGSEKTFAEMTI
EEKNALSHRGKALKAFFEWLKVNLKY
;
_struct_ref.pdbx_align_begin           1 
_struct_ref.pdbx_db_isoform            ? 
# 
_struct_ref_seq.align_id                      1 
_struct_ref_seq.ref_id                        1 
_struct_ref_seq.pdbx_PDB_id_code              1V7R 
_struct_ref_seq.pdbx_strand_id                A 
_struct_ref_seq.seq_align_beg                 1 
_struct_ref_seq.pdbx_seq_align_beg_ins_code   ? 
_struct_ref_seq.seq_align_end                 186 
_struct_ref_seq.pdbx_seq_align_end_ins_code   ? 
_struct_ref_seq.pdbx_db_accession             O59580 
_struct_ref_seq.db_align_beg                  1 
_struct_ref_seq.pdbx_db_align_beg_ins_code    ? 
_struct_ref_seq.db_align_end                  186 
_struct_ref_seq.pdbx_db_align_end_ins_code    ? 
_struct_ref_seq.pdbx_auth_seq_align_beg       1 
_struct_ref_seq.pdbx_auth_seq_align_end       186 
# 
loop_
_chem_comp.id 
_chem_comp.type 
_chem_comp.mon_nstd_flag 
_chem_comp.name 
_chem_comp.pdbx_synonyms 
_chem_comp.formula 
_chem_comp.formula_weight 
ALA 'L-peptide linking' y ALANINE         ? 'C3 H7 N O2'     89.093  
ARG 'L-peptide linking' y ARGININE        ? 'C6 H15 N4 O2 1' 175.209 
ASN 'L-peptide linking' y ASPARAGINE      ? 'C4 H8 N2 O3'    132.118 
ASP 'L-peptide linking' y 'ASPARTIC ACID' ? 'C4 H7 N O4'     133.103 
CIT non-polymer         . 'CITRIC ACID'   ? 'C6 H8 O7'       192.124 
GLN 'L-peptide linking' y GLUTAMINE       ? 'C5 H10 N2 O3'   146.144 
GLU 'L-peptide linking' y 'GLUTAMIC ACID' ? 'C5 H9 N O4'     147.129 
GLY 'peptide linking'   y GLYCINE         ? 'C2 H5 N O2'     75.067  
HIS 'L-peptide linking' y HISTIDINE       ? 'C6 H10 N3 O2 1' 156.162 
HOH non-polymer         . WATER           ? 'H2 O'           18.015  
ILE 'L-peptide linking' y ISOLEUCINE      ? 'C6 H13 N O2'    131.173 
LEU 'L-peptide linking' y LEUCINE         ? 'C6 H13 N O2'    131.173 
LYS 'L-peptide linking' y LYSINE          ? 'C6 H15 N2 O2 1' 147.195 
MET 'L-peptide linking' y METHIONINE      ? 'C5 H11 N O2 S'  149.211 
PHE 'L-peptide linking' y PHENYLALANINE   ? 'C9 H11 N O2'    165.189 
PRO 'L-peptide linking' y PROLINE         ? 'C5 H9 N O2'     115.130 
SER 'L-peptide linking' y SERINE          ? 'C3 H7 N O3'     105.093 
THR 'L-peptide linking' y THREONINE       ? 'C4 H9 N O3'     119.119 
TRP 'L-peptide linking' y TRYPTOPHAN      ? 'C11 H12 N2 O2'  204.225 
TYR 'L-peptide linking' y TYROSINE        ? 'C9 H11 N O3'    181.189 
VAL 'L-peptide linking' y VALINE          ? 'C5 H11 N O2'    117.146 
# 
_exptl.entry_id          1V7R 
_exptl.method            'X-RAY DIFFRACTION' 
_exptl.crystals_number   1 
# 
_exptl_crystal.id                    1 
_exptl_crystal.density_meas          ? 
_exptl_crystal.density_Matthews      2.41 
_exptl_crystal.density_percent_sol   48.61 
_exptl_crystal.description           ? 
# 
_exptl_crystal_grow.crystal_id      1 
_exptl_crystal_grow.method          MICROBATCH 
_exptl_crystal_grow.temp            295 
_exptl_crystal_grow.temp_details    ? 
_exptl_crystal_grow.pH              5.1 
_exptl_crystal_grow.pdbx_details    '1.6M Tris sodium citrate, pH 5.1, Microbatch, temperature 295K' 
_exptl_crystal_grow.pdbx_pH_range   . 
# 
_diffrn.id                     1 
_diffrn.ambient_temp           100 
_diffrn.ambient_temp_details   ? 
_diffrn.crystal_id             1 
# 
_diffrn_detector.diffrn_id              1 
_diffrn_detector.detector               'IMAGE PLATE' 
_diffrn_detector.type                   'RIGAKU RAXIS' 
_diffrn_detector.pdbx_collection_date   2003-11-12 
_diffrn_detector.details                ? 
# 
_diffrn_radiation.diffrn_id                        1 
_diffrn_radiation.wavelength_id                    1 
_diffrn_radiation.pdbx_monochromatic_or_laue_m_l   M 
_diffrn_radiation.monochromator                    GRAPHITE 
_diffrn_radiation.pdbx_diffrn_protocol             'SINGLE WAVELENGTH' 
_diffrn_radiation.pdbx_scattering_type             x-ray 
# 
_diffrn_radiation_wavelength.id           1 
_diffrn_radiation_wavelength.wavelength   1.0 
_diffrn_radiation_wavelength.wt           1.0 
# 
_diffrn_source.diffrn_id                   1 
_diffrn_source.source                      SYNCHROTRON 
_diffrn_source.type                        'SPRING-8 BEAMLINE BL26B2' 
_diffrn_source.pdbx_synchrotron_site       SPring-8 
_diffrn_source.pdbx_synchrotron_beamline   BL26B2 
_diffrn_source.pdbx_wavelength             ? 
_diffrn_source.pdbx_wavelength_list        1.0 
# 
_reflns.entry_id                     1V7R 
_reflns.observed_criterion_sigma_I   0.0 
_reflns.observed_criterion_sigma_F   0.0 
_reflns.d_resolution_low             40.0 
_reflns.d_resolution_high            1.4 
_reflns.number_obs                   40654 
_reflns.number_all                   40686 
_reflns.percent_possible_obs         99.6 
_reflns.pdbx_Rmerge_I_obs            0.05 
_reflns.pdbx_Rsym_value              ? 
_reflns.pdbx_netI_over_sigmaI        ? 
_reflns.B_iso_Wilson_estimate        17.5 
_reflns.pdbx_redundancy              7.1 
_reflns.R_free_details               ? 
_reflns.limit_h_max                  ? 
_reflns.limit_h_min                  ? 
_reflns.limit_k_max                  ? 
_reflns.limit_k_min                  ? 
_reflns.limit_l_max                  ? 
_reflns.limit_l_min                  ? 
_reflns.observed_criterion_F_max     ? 
_reflns.observed_criterion_F_min     ? 
_reflns.pdbx_ordinal                 1 
_reflns.pdbx_diffrn_id               1 
# 
_reflns_shell.d_res_high             1.40 
_reflns_shell.d_res_low              1.45 
_reflns_shell.percent_possible_all   100.0 
_reflns_shell.Rmerge_I_obs           ? 
_reflns_shell.pdbx_Rsym_value        ? 
_reflns_shell.meanI_over_sigI_obs    ? 
_reflns_shell.pdbx_redundancy        ? 
_reflns_shell.percent_possible_obs   ? 
_reflns_shell.number_unique_all      ? 
_reflns_shell.pdbx_ordinal           1 
_reflns_shell.pdbx_diffrn_id         1 
# 
_refine.entry_id                                 1V7R 
_refine.ls_number_reflns_obs                     40654 
_refine.ls_number_reflns_all                     40686 
_refine.pdbx_ls_sigma_I                          ? 
_refine.pdbx_ls_sigma_F                          0.0 
_refine.pdbx_data_cutoff_high_absF               1374304.66 
_refine.pdbx_data_cutoff_low_absF                0.000000 
_refine.pdbx_data_cutoff_high_rms_absF           ? 
_refine.ls_d_res_low                             26.50 
_refine.ls_d_res_high                            1.40 
_refine.ls_percent_reflns_obs                    99.6 
_refine.ls_R_factor_obs                          0.202 
_refine.ls_R_factor_all                          ? 
_refine.ls_R_factor_R_work                       0.202 
_refine.ls_R_factor_R_free                       0.223 
_refine.ls_R_factor_R_free_error                 0.005 
_refine.ls_R_factor_R_free_error_details         ? 
_refine.ls_percent_reflns_R_free                 5.0 
_refine.ls_number_reflns_R_free                  2038 
_refine.ls_number_parameters                     ? 
_refine.ls_number_restraints                     ? 
_refine.occupancy_min                            ? 
_refine.occupancy_max                            ? 
_refine.correlation_coeff_Fo_to_Fc               ? 
_refine.correlation_coeff_Fo_to_Fc_free          ? 
_refine.B_iso_mean                               18.5 
_refine.aniso_B[1][1]                            0.71 
_refine.aniso_B[2][2]                            -5.58 
_refine.aniso_B[3][3]                            4.87 
_refine.aniso_B[1][2]                            0.00 
_refine.aniso_B[1][3]                            0.00 
_refine.aniso_B[2][3]                            0.00 
_refine.solvent_model_details                    'FLAT MODEL' 
_refine.solvent_model_param_ksol                 0.38057 
_refine.solvent_model_param_bsol                 42.463 
_refine.pdbx_solvent_vdw_probe_radii             ? 
_refine.pdbx_solvent_ion_probe_radii             ? 
_refine.pdbx_solvent_shrinkage_radii             ? 
_refine.pdbx_ls_cross_valid_method               THROUGHOUT 
_refine.details                                  ? 
_refine.pdbx_starting_model                      1B78 
_refine.pdbx_method_to_determine_struct          'MOLECULAR REPLACEMENT' 
_refine.pdbx_isotropic_thermal_model             ? 
_refine.pdbx_stereochemistry_target_values       'Engh & Huber' 
_refine.pdbx_stereochem_target_val_spec_case     ? 
_refine.pdbx_R_Free_selection_details            RANDOM 
_refine.pdbx_overall_ESU_R                       ? 
_refine.pdbx_overall_ESU_R_Free                  ? 
_refine.overall_SU_ML                            ? 
_refine.overall_SU_B                             ? 
_refine.ls_redundancy_reflns_obs                 ? 
_refine.B_iso_min                                ? 
_refine.B_iso_max                                ? 
_refine.overall_SU_R_Cruickshank_DPI             ? 
_refine.overall_SU_R_free                        ? 
_refine.pdbx_refine_id                           'X-RAY DIFFRACTION' 
_refine.pdbx_diffrn_id                           1 
_refine.pdbx_TLS_residual_ADP_flag               ? 
_refine.pdbx_overall_phase_error                 ? 
_refine.pdbx_overall_SU_R_free_Cruickshank_DPI   ? 
_refine.pdbx_overall_SU_R_Blow_DPI               ? 
_refine.pdbx_overall_SU_R_free_Blow_DPI          ? 
# 
_refine_analyze.entry_id                        1V7R 
_refine_analyze.Luzzati_coordinate_error_obs    0.17 
_refine_analyze.Luzzati_sigma_a_obs             0.09 
_refine_analyze.Luzzati_d_res_low_obs           5.00 
_refine_analyze.Luzzati_coordinate_error_free   0.19 
_refine_analyze.Luzzati_sigma_a_free            0.10 
_refine_analyze.Luzzati_d_res_low_free          ? 
_refine_analyze.number_disordered_residues      ? 
_refine_analyze.occupancy_sum_hydrogen          ? 
_refine_analyze.occupancy_sum_non_hydrogen      ? 
_refine_analyze.pdbx_Luzzati_d_res_high_obs     ? 
_refine_analyze.pdbx_refine_id                  'X-RAY DIFFRACTION' 
# 
_refine_hist.pdbx_refine_id                   'X-RAY DIFFRACTION' 
_refine_hist.cycle_id                         LAST 
_refine_hist.pdbx_number_atoms_protein        1503 
_refine_hist.pdbx_number_atoms_nucleic_acid   0 
_refine_hist.pdbx_number_atoms_ligand         13 
_refine_hist.number_atoms_solvent             202 
_refine_hist.number_atoms_total               1718 
_refine_hist.d_res_high                       1.40 
_refine_hist.d_res_low                        26.50 
# 
loop_
_refine_ls_restr.type 
_refine_ls_restr.dev_ideal 
_refine_ls_restr.dev_ideal_target 
_refine_ls_restr.weight 
_refine_ls_restr.number 
_refine_ls_restr.pdbx_refine_id 
_refine_ls_restr.pdbx_restraint_function 
c_bond_d           0.005 ?    ? ? 'X-RAY DIFFRACTION' ? 
c_angle_deg        1.2   ?    ? ? 'X-RAY DIFFRACTION' ? 
c_dihedral_angle_d 23.5  ?    ? ? 'X-RAY DIFFRACTION' ? 
c_improper_angle_d 0.75  ?    ? ? 'X-RAY DIFFRACTION' ? 
c_mcbond_it        1.06  1.50 ? ? 'X-RAY DIFFRACTION' ? 
c_mcangle_it       1.66  2.00 ? ? 'X-RAY DIFFRACTION' ? 
c_scbond_it        1.86  2.00 ? ? 'X-RAY DIFFRACTION' ? 
c_scangle_it       2.76  2.50 ? ? 'X-RAY DIFFRACTION' ? 
# 
_refine_ls_shell.pdbx_total_number_of_bins_used   6 
_refine_ls_shell.d_res_high                       1.40 
_refine_ls_shell.d_res_low                        ? 
_refine_ls_shell.number_reflns_R_work             6361 
_refine_ls_shell.R_factor_R_work                  ? 
_refine_ls_shell.percent_reflns_obs               ? 
_refine_ls_shell.R_factor_R_free                  ? 
_refine_ls_shell.R_factor_R_free_error            ? 
_refine_ls_shell.percent_reflns_R_free            4.7 
_refine_ls_shell.number_reflns_R_free             ? 
_refine_ls_shell.number_reflns_obs                ? 
_refine_ls_shell.redundancy_reflns_obs            ? 
_refine_ls_shell.number_reflns_all                ? 
_refine_ls_shell.pdbx_refine_id                   'X-RAY DIFFRACTION' 
_refine_ls_shell.R_factor_all                     ? 
# 
loop_
_pdbx_xplor_file.serial_no 
_pdbx_xplor_file.param_file 
_pdbx_xplor_file.topol_file 
_pdbx_xplor_file.pdbx_refine_id 
1 PROTEIN_REP.PARAM PROTEIN.TOP 'X-RAY DIFFRACTION' 
2 WATER_REP.PARAM   CIT.TOP     'X-RAY DIFFRACTION' 
3 CIT.PARAM         ?           'X-RAY DIFFRACTION' 
# 
_struct.entry_id                  1V7R 
_struct.title                     'Structure of nucleotide triphosphate pyrophosphatase from pyrococcus horikoshii OT3' 
_struct.pdbx_model_details        ? 
_struct.pdbx_CASP_flag            ? 
_struct.pdbx_model_type_details   ? 
# 
_struct_keywords.entry_id        1V7R 
_struct_keywords.pdbx_keywords   HYDROLASE 
_struct_keywords.text            'NTPase, STRUCTURAL GENOMICS, RIKEN Structural Genomics/Proteomics Initiative, RSGI, HYDROLASE' 
# 
loop_
_struct_asym.id 
_struct_asym.pdbx_blank_PDB_chainid_flag 
_struct_asym.pdbx_modified 
_struct_asym.entity_id 
_struct_asym.details 
A N N 1 ? 
B N N 2 ? 
C N N 3 ? 
# 
_struct_biol.id                    1 
_struct_biol.pdbx_parent_biol_id   ? 
_struct_biol.details               ? 
# 
loop_
_struct_conf.conf_type_id 
_struct_conf.id 
_struct_conf.pdbx_PDB_helix_id 
_struct_conf.beg_label_comp_id 
_struct_conf.beg_label_asym_id 
_struct_conf.beg_label_seq_id 
_struct_conf.pdbx_beg_PDB_ins_code 
_struct_conf.end_label_comp_id 
_struct_conf.end_label_asym_id 
_struct_conf.end_label_seq_id 
_struct_conf.pdbx_end_PDB_ins_code 
_struct_conf.beg_auth_comp_id 
_struct_conf.beg_auth_asym_id 
_struct_conf.beg_auth_seq_id 
_struct_conf.end_auth_comp_id 
_struct_conf.end_auth_asym_id 
_struct_conf.end_auth_seq_id 
_struct_conf.pdbx_PDB_helix_class 
_struct_conf.details 
_struct_conf.pdbx_PDB_helix_length 
HELX_P HELX_P1  1  ASN A 9   ? THR A 22  ? ASN A 9   THR A 22  1 ? 14 
HELX_P HELX_P2  2  LYS A 41  ? LYS A 54  ? LYS A 41  LYS A 54  1 ? 14 
HELX_P HELX_P3  3  SER A 72  ? LYS A 74  ? SER A 72  LYS A 74  5 ? 3  
HELX_P HELX_P4  4  PRO A 77  ? VAL A 79  ? PRO A 77  VAL A 79  5 ? 3  
HELX_P HELX_P5  5  TYR A 80  ? ILE A 88  ? TYR A 80  ILE A 88  1 ? 9  
HELX_P HELX_P6  6  ILE A 88  ? MET A 97  ? ILE A 88  MET A 97  1 ? 10 
HELX_P HELX_P7  7  TYR A 142 ? PRO A 144 ? TYR A 142 PRO A 144 5 ? 3  
HELX_P HELX_P8  8  THR A 154 ? MET A 158 ? THR A 154 MET A 158 5 ? 5  
HELX_P HELX_P9  9  THR A 159 ? ALA A 165 ? THR A 159 ALA A 165 1 ? 7  
HELX_P HELX_P10 10 SER A 167 ? LYS A 185 ? SER A 167 LYS A 185 1 ? 19 
# 
_struct_conf_type.id          HELX_P 
_struct_conf_type.criteria    ? 
_struct_conf_type.reference   ? 
# 
loop_
_struct_mon_prot_cis.pdbx_id 
_struct_mon_prot_cis.label_comp_id 
_struct_mon_prot_cis.label_seq_id 
_struct_mon_prot_cis.label_asym_id 
_struct_mon_prot_cis.label_alt_id 
_struct_mon_prot_cis.pdbx_PDB_ins_code 
_struct_mon_prot_cis.auth_comp_id 
_struct_mon_prot_cis.auth_seq_id 
_struct_mon_prot_cis.auth_asym_id 
_struct_mon_prot_cis.pdbx_label_comp_id_2 
_struct_mon_prot_cis.pdbx_label_seq_id_2 
_struct_mon_prot_cis.pdbx_label_asym_id_2 
_struct_mon_prot_cis.pdbx_PDB_ins_code_2 
_struct_mon_prot_cis.pdbx_auth_comp_id_2 
_struct_mon_prot_cis.pdbx_auth_seq_id_2 
_struct_mon_prot_cis.pdbx_auth_asym_id_2 
_struct_mon_prot_cis.pdbx_PDB_model_num 
_struct_mon_prot_cis.pdbx_omega_angle 
1 GLU 59 A . ? GLU 59 A PRO 60 A ? PRO 60 A 1 -0.11 
2 PHE 76 A . ? PHE 76 A PRO 77 A ? PRO 77 A 1 0.48  
# 
_struct_sheet.id               A 
_struct_sheet.type             ? 
_struct_sheet.number_strands   6 
_struct_sheet.details          ? 
# 
loop_
_struct_sheet_order.sheet_id 
_struct_sheet_order.range_id_1 
_struct_sheet_order.range_id_2 
_struct_sheet_order.offset 
_struct_sheet_order.sense 
A 1 2 ? parallel      
A 2 3 ? parallel      
A 3 4 ? anti-parallel 
A 4 5 ? anti-parallel 
A 5 6 ? anti-parallel 
# 
loop_
_struct_sheet_range.sheet_id 
_struct_sheet_range.id 
_struct_sheet_range.beg_label_comp_id 
_struct_sheet_range.beg_label_asym_id 
_struct_sheet_range.beg_label_seq_id 
_struct_sheet_range.pdbx_beg_PDB_ins_code 
_struct_sheet_range.end_label_comp_id 
_struct_sheet_range.end_label_asym_id 
_struct_sheet_range.end_label_seq_id 
_struct_sheet_range.pdbx_end_PDB_ins_code 
_struct_sheet_range.beg_auth_comp_id 
_struct_sheet_range.beg_auth_asym_id 
_struct_sheet_range.beg_auth_seq_id 
_struct_sheet_range.end_auth_comp_id 
_struct_sheet_range.end_auth_asym_id 
_struct_sheet_range.end_auth_seq_id 
A 1 GLU A 26  ? LEU A 30  ? GLU A 26  LEU A 30  
A 2 LYS A 2   ? ILE A 6   ? LYS A 2   ILE A 6   
A 3 PHE A 61  ? ILE A 70  ? PHE A 61  ILE A 70  
A 4 ARG A 104 ? ILE A 115 ? ARG A 104 ILE A 115 
A 5 LYS A 118 ? ILE A 130 ? LYS A 118 ILE A 130 
A 6 PHE A 146 ? PRO A 148 ? PHE A 146 PRO A 148 
# 
loop_
_pdbx_struct_sheet_hbond.sheet_id 
_pdbx_struct_sheet_hbond.range_id_1 
_pdbx_struct_sheet_hbond.range_id_2 
_pdbx_struct_sheet_hbond.range_1_label_atom_id 
_pdbx_struct_sheet_hbond.range_1_label_comp_id 
_pdbx_struct_sheet_hbond.range_1_label_asym_id 
_pdbx_struct_sheet_hbond.range_1_label_seq_id 
_pdbx_struct_sheet_hbond.range_1_PDB_ins_code 
_pdbx_struct_sheet_hbond.range_1_auth_atom_id 
_pdbx_struct_sheet_hbond.range_1_auth_comp_id 
_pdbx_struct_sheet_hbond.range_1_auth_asym_id 
_pdbx_struct_sheet_hbond.range_1_auth_seq_id 
_pdbx_struct_sheet_hbond.range_2_label_atom_id 
_pdbx_struct_sheet_hbond.range_2_label_comp_id 
_pdbx_struct_sheet_hbond.range_2_label_asym_id 
_pdbx_struct_sheet_hbond.range_2_label_seq_id 
_pdbx_struct_sheet_hbond.range_2_PDB_ins_code 
_pdbx_struct_sheet_hbond.range_2_auth_atom_id 
_pdbx_struct_sheet_hbond.range_2_auth_comp_id 
_pdbx_struct_sheet_hbond.range_2_auth_asym_id 
_pdbx_struct_sheet_hbond.range_2_auth_seq_id 
A 1 2 O GLU A 26  ? O GLU A 26  N ILE A 3   ? N ILE A 3   
A 2 3 N PHE A 4   ? N PHE A 4   O MET A 62  ? O MET A 62  
A 3 4 N PHE A 69  ? N PHE A 69  O TYR A 106 ? O TYR A 106 
A 4 5 N ILE A 111 ? N ILE A 111 O PHE A 122 ? O PHE A 122 
A 5 6 N ARG A 129 ? N ARG A 129 O ILE A 147 ? O ILE A 147 
# 
_struct_site.id                   AC1 
_struct_site.pdbx_evidence_code   Software 
_struct_site.pdbx_auth_asym_id    A 
_struct_site.pdbx_auth_comp_id    CIT 
_struct_site.pdbx_auth_seq_id     1200 
_struct_site.pdbx_auth_ins_code   ? 
_struct_site.pdbx_num_residues    15 
_struct_site.details              'BINDING SITE FOR RESIDUE CIT A 1200' 
# 
loop_
_struct_site_gen.id 
_struct_site_gen.site_id 
_struct_site_gen.pdbx_num_res 
_struct_site_gen.label_comp_id 
_struct_site_gen.label_asym_id 
_struct_site_gen.label_seq_id 
_struct_site_gen.pdbx_auth_ins_code 
_struct_site_gen.auth_comp_id 
_struct_site_gen.auth_asym_id 
_struct_site_gen.auth_seq_id 
_struct_site_gen.label_atom_id 
_struct_site_gen.label_alt_id 
_struct_site_gen.symmetry 
_struct_site_gen.details 
1  AC1 15 TYR A 106 ? TYR A 106  . ? 1_555 ? 
2  AC1 15 LYS A 108 ? LYS A 108  . ? 1_555 ? 
3  AC1 15 VAL A 125 ? VAL A 125  . ? 1_555 ? 
4  AC1 15 TRP A 127 ? TRP A 127  . ? 1_555 ? 
5  AC1 15 HIS A 138 ? HIS A 138  . ? 6_565 ? 
6  AC1 15 THR A 159 ? THR A 159  . ? 6_565 ? 
7  AC1 15 ILE A 160 ? ILE A 160  . ? 6_565 ? 
8  AC1 15 HOH C .   ? HOH A 1217 . ? 6_565 ? 
9  AC1 15 HOH C .   ? HOH A 1268 . ? 1_555 ? 
10 AC1 15 HOH C .   ? HOH A 1281 . ? 6_565 ? 
11 AC1 15 HOH C .   ? HOH A 1300 . ? 1_555 ? 
12 AC1 15 HOH C .   ? HOH A 1314 . ? 1_555 ? 
13 AC1 15 HOH C .   ? HOH A 1322 . ? 1_555 ? 
14 AC1 15 HOH C .   ? HOH A 1357 . ? 1_555 ? 
15 AC1 15 HOH C .   ? HOH A 1366 . ? 1_555 ? 
# 
_atom_sites.entry_id                    1V7R 
_atom_sites.fract_transf_matrix[1][1]   0.00188911 
_atom_sites.fract_transf_matrix[1][2]   -0.01056967 
_atom_sites.fract_transf_matrix[1][3]   -0.00669983 
_atom_sites.fract_transf_matrix[2][1]   -0.00472296 
_atom_sites.fract_transf_matrix[2][2]   -0.00574681 
_atom_sites.fract_transf_matrix[2][3]   0.00773448 
_atom_sites.fract_transf_matrix[3][1]   -0.01591940 
_atom_sites.fract_transf_matrix[3][2]   0.00225470 
_atom_sites.fract_transf_matrix[3][3]   -0.00804572 
_atom_sites.fract_transf_vector[1]      0.202956 
_atom_sites.fract_transf_vector[2]      0.690173 
_atom_sites.fract_transf_vector[3]      0.215219 
# 
loop_
_atom_type.symbol 
C 
N 
O 
S 
# 
loop_
_atom_site.group_PDB 
_atom_site.id 
_atom_site.type_symbol 
_atom_site.label_atom_id 
_atom_site.label_alt_id 
_atom_site.label_comp_id 
_atom_site.label_asym_id 
_atom_site.label_entity_id 
_atom_site.label_seq_id 
_atom_site.pdbx_PDB_ins_code 
_atom_site.Cartn_x 
_atom_site.Cartn_y 
_atom_site.Cartn_z 
_atom_site.occupancy 
_atom_site.B_iso_or_equiv 
_atom_site.pdbx_formal_charge 
_atom_site.auth_seq_id 
_atom_site.auth_comp_id 
_atom_site.auth_asym_id 
_atom_site.auth_atom_id 
_atom_site.pdbx_PDB_model_num 
ATOM   1    N N   . MET A 1 1   ? 15.090  -4.196  -16.270 1.00 28.48 ? 1    MET A N   1 
ATOM   2    C CA  . MET A 1 1   ? 14.550  -2.808  -16.207 1.00 26.18 ? 1    MET A CA  1 
ATOM   3    C C   . MET A 1 1   ? 14.504  -2.324  -14.769 1.00 25.34 ? 1    MET A C   1 
ATOM   4    O O   . MET A 1 1   ? 13.994  -3.016  -13.887 1.00 24.55 ? 1    MET A O   1 
ATOM   5    C CB  . MET A 1 1   ? 13.140  -2.761  -16.798 1.00 29.33 ? 1    MET A CB  1 
ATOM   6    C CG  . MET A 1 1   ? 12.463  -1.404  -16.685 1.00 31.51 ? 1    MET A CG  1 
ATOM   7    S SD  . MET A 1 1   ? 10.722  -1.459  -17.160 1.00 34.13 ? 1    MET A SD  1 
ATOM   8    C CE  . MET A 1 1   ? 9.982   -2.047  -15.651 1.00 34.29 ? 1    MET A CE  1 
ATOM   9    N N   . LYS A 1 2   ? 15.033  -1.135  -14.524 1.00 21.99 ? 2    LYS A N   1 
ATOM   10   C CA  . LYS A 1 2   ? 15.021  -0.605  -13.174 1.00 21.51 ? 2    LYS A CA  1 
ATOM   11   C C   . LYS A 1 2   ? 13.946  0.462   -13.018 1.00 19.38 ? 2    LYS A C   1 
ATOM   12   O O   . LYS A 1 2   ? 13.604  1.178   -13.964 1.00 18.28 ? 2    LYS A O   1 
ATOM   13   C CB  . LYS A 1 2   ? 16.396  -0.046  -12.809 1.00 24.38 ? 2    LYS A CB  1 
ATOM   14   C CG  . LYS A 1 2   ? 16.889  1.037   -13.718 1.00 28.54 ? 2    LYS A CG  1 
ATOM   15   C CD  . LYS A 1 2   ? 18.318  1.409   -13.400 1.00 31.43 ? 2    LYS A CD  1 
ATOM   16   C CE  . LYS A 1 2   ? 18.667  2.695   -14.118 1.00 32.93 ? 2    LYS A CE  1 
ATOM   17   N NZ  . LYS A 1 2   ? 18.185  2.704   -15.535 1.00 33.81 ? 2    LYS A NZ  1 
ATOM   18   N N   . ILE A 1 3   ? 13.399  0.537   -11.811 1.00 16.84 ? 3    ILE A N   1 
ATOM   19   C CA  . ILE A 1 3   ? 12.373  1.503   -11.473 1.00 15.87 ? 3    ILE A CA  1 
ATOM   20   C C   . ILE A 1 3   ? 12.739  2.092   -10.120 1.00 14.18 ? 3    ILE A C   1 
ATOM   21   O O   . ILE A 1 3   ? 13.025  1.356   -9.174  1.00 14.87 ? 3    ILE A O   1 
ATOM   22   C CB  . ILE A 1 3   ? 10.987  0.833   -11.355 1.00 14.84 ? 3    ILE A CB  1 
ATOM   23   C CG1 . ILE A 1 3   ? 10.562  0.278   -12.714 1.00 16.37 ? 3    ILE A CG1 1 
ATOM   24   C CG2 . ILE A 1 3   ? 9.966   1.834   -10.837 1.00 15.59 ? 3    ILE A CG2 1 
ATOM   25   C CD1 . ILE A 1 3   ? 9.218   -0.443  -12.693 1.00 17.30 ? 3    ILE A CD1 1 
ATOM   26   N N   . PHE A 1 4   ? 12.748  3.415   -10.030 1.00 14.01 ? 4    PHE A N   1 
ATOM   27   C CA  . PHE A 1 4   ? 13.067  4.075   -8.779  1.00 13.53 ? 4    PHE A CA  1 
ATOM   28   C C   . PHE A 1 4   ? 11.791  4.250   -7.966  1.00 13.89 ? 4    PHE A C   1 
ATOM   29   O O   . PHE A 1 4   ? 10.803  4.807   -8.443  1.00 15.32 ? 4    PHE A O   1 
ATOM   30   C CB  . PHE A 1 4   ? 13.737  5.422   -9.052  1.00 15.96 ? 4    PHE A CB  1 
ATOM   31   C CG  . PHE A 1 4   ? 14.949  5.317   -9.931  1.00 20.26 ? 4    PHE A CG  1 
ATOM   32   C CD1 . PHE A 1 4   ? 14.822  5.311   -11.316 1.00 20.86 ? 4    PHE A CD1 1 
ATOM   33   C CD2 . PHE A 1 4   ? 16.215  5.167   -9.374  1.00 23.44 ? 4    PHE A CD2 1 
ATOM   34   C CE1 . PHE A 1 4   ? 15.938  5.156   -12.137 1.00 23.70 ? 4    PHE A CE1 1 
ATOM   35   C CE2 . PHE A 1 4   ? 17.337  5.012   -10.184 1.00 24.99 ? 4    PHE A CE2 1 
ATOM   36   C CZ  . PHE A 1 4   ? 17.197  5.006   -11.569 1.00 25.02 ? 4    PHE A CZ  1 
ATOM   37   N N   . PHE A 1 5   ? 11.820  3.751   -6.738  1.00 13.12 ? 5    PHE A N   1 
ATOM   38   C CA  . PHE A 1 5   ? 10.675  3.818   -5.837  1.00 12.32 ? 5    PHE A CA  1 
ATOM   39   C C   . PHE A 1 5   ? 10.987  4.867   -4.776  1.00 12.99 ? 5    PHE A C   1 
ATOM   40   O O   . PHE A 1 5   ? 11.824  4.657   -3.895  1.00 13.87 ? 5    PHE A O   1 
ATOM   41   C CB  . PHE A 1 5   ? 10.447  2.423   -5.225  1.00 11.96 ? 5    PHE A CB  1 
ATOM   42   C CG  . PHE A 1 5   ? 9.216   2.299   -4.347  1.00 11.22 ? 5    PHE A CG  1 
ATOM   43   C CD1 . PHE A 1 5   ? 8.257   3.310   -4.269  1.00 11.70 ? 5    PHE A CD1 1 
ATOM   44   C CD2 . PHE A 1 5   ? 9.021   1.138   -3.602  1.00 12.05 ? 5    PHE A CD2 1 
ATOM   45   C CE1 . PHE A 1 5   ? 7.124   3.157   -3.457  1.00 11.79 ? 5    PHE A CE1 1 
ATOM   46   C CE2 . PHE A 1 5   ? 7.898   0.975   -2.792  1.00 12.38 ? 5    PHE A CE2 1 
ATOM   47   C CZ  . PHE A 1 5   ? 6.948   1.985   -2.719  1.00 12.56 ? 5    PHE A CZ  1 
ATOM   48   N N   . ILE A 1 6   ? 10.315  6.008   -4.883  1.00 12.12 ? 6    ILE A N   1 
ATOM   49   C CA  . ILE A 1 6   ? 10.521  7.110   -3.956  1.00 13.78 ? 6    ILE A CA  1 
ATOM   50   C C   . ILE A 1 6   ? 9.672   6.867   -2.718  1.00 14.58 ? 6    ILE A C   1 
ATOM   51   O O   . ILE A 1 6   ? 8.455   7.059   -2.741  1.00 14.75 ? 6    ILE A O   1 
ATOM   52   C CB  . ILE A 1 6   ? 10.109  8.456   -4.586  1.00 14.04 ? 6    ILE A CB  1 
ATOM   53   C CG1 . ILE A 1 6   ? 10.586  8.530   -6.042  1.00 19.54 ? 6    ILE A CG1 1 
ATOM   54   C CG2 . ILE A 1 6   ? 10.685  9.603   -3.769  1.00 16.86 ? 6    ILE A CG2 1 
ATOM   55   C CD1 . ILE A 1 6   ? 12.074  8.370   -6.225  1.00 21.95 ? 6    ILE A CD1 1 
ATOM   56   N N   . THR A 1 7   ? 10.320  6.453   -1.636  1.00 13.87 ? 7    THR A N   1 
ATOM   57   C CA  . THR A 1 7   ? 9.611   6.156   -0.401  1.00 15.52 ? 7    THR A CA  1 
ATOM   58   C C   . THR A 1 7   ? 10.566  6.068   0.783   1.00 15.88 ? 7    THR A C   1 
ATOM   59   O O   . THR A 1 7   ? 11.771  5.883   0.607   1.00 17.24 ? 7    THR A O   1 
ATOM   60   C CB  . THR A 1 7   ? 8.870   4.811   -0.520  1.00 14.49 ? 7    THR A CB  1 
ATOM   61   O OG1 . THR A 1 7   ? 8.209   4.511   0.716   1.00 15.36 ? 7    THR A OG1 1 
ATOM   62   C CG2 . THR A 1 7   ? 9.855   3.694   -0.841  1.00 15.80 ? 7    THR A CG2 1 
ATOM   63   N N   . SER A 1 8   ? 10.012  6.203   1.985   1.00 17.95 ? 8    SER A N   1 
ATOM   64   C CA  . SER A 1 8   ? 10.789  6.118   3.215   1.00 19.32 ? 8    SER A CA  1 
ATOM   65   C C   . SER A 1 8   ? 10.316  4.909   4.021   1.00 19.10 ? 8    SER A C   1 
ATOM   66   O O   . SER A 1 8   ? 10.692  4.737   5.179   1.00 19.13 ? 8    SER A O   1 
ATOM   67   C CB  . SER A 1 8   ? 10.605  7.391   4.048   1.00 21.36 ? 8    SER A CB  1 
ATOM   68   O OG  . SER A 1 8   ? 9.245   7.570   4.407   1.00 24.72 ? 8    SER A OG  1 
ATOM   69   N N   . ASN A 1 9   ? 9.495   4.070   3.400   1.00 17.93 ? 9    ASN A N   1 
ATOM   70   C CA  . ASN A 1 9   ? 8.957   2.883   4.057   1.00 18.23 ? 9    ASN A CA  1 
ATOM   71   C C   . ASN A 1 9   ? 9.669   1.617   3.572   1.00 17.83 ? 9    ASN A C   1 
ATOM   72   O O   . ASN A 1 9   ? 9.378   1.102   2.496   1.00 16.70 ? 9    ASN A O   1 
ATOM   73   C CB  . ASN A 1 9   ? 7.448   2.797   3.784   1.00 18.08 ? 9    ASN A CB  1 
ATOM   74   C CG  . ASN A 1 9   ? 6.748   1.753   4.638   1.00 18.99 ? 9    ASN A CG  1 
ATOM   75   O OD1 . ASN A 1 9   ? 7.311   0.692   4.923   1.00 21.31 ? 9    ASN A OD1 1 
ATOM   76   N ND2 . ASN A 1 9   ? 5.528   2.050   5.063   1.00 20.44 ? 9    ASN A ND2 1 
ATOM   77   N N   . PRO A 1 10  ? 10.615  1.096   4.376   1.00 18.60 ? 10   PRO A N   1 
ATOM   78   C CA  . PRO A 1 10  ? 11.376  -0.110  4.034   1.00 18.79 ? 10   PRO A CA  1 
ATOM   79   C C   . PRO A 1 10  ? 10.498  -1.336  3.792   1.00 16.84 ? 10   PRO A C   1 
ATOM   80   O O   . PRO A 1 10  ? 10.796  -2.160  2.925   1.00 16.96 ? 10   PRO A O   1 
ATOM   81   C CB  . PRO A 1 10  ? 12.305  -0.281  5.236   1.00 20.16 ? 10   PRO A CB  1 
ATOM   82   C CG  . PRO A 1 10  ? 11.494  0.282   6.363   1.00 22.18 ? 10   PRO A CG  1 
ATOM   83   C CD  . PRO A 1 10  ? 10.924  1.536   5.748   1.00 21.15 ? 10   PRO A CD  1 
ATOM   84   N N   . GLY A 1 11  ? 9.418   -1.450  4.557   1.00 16.06 ? 11   GLY A N   1 
ATOM   85   C CA  . GLY A 1 11  ? 8.517   -2.576  4.393   1.00 15.96 ? 11   GLY A CA  1 
ATOM   86   C C   . GLY A 1 11  ? 7.862   -2.579  3.025   1.00 14.49 ? 11   GLY A C   1 
ATOM   87   O O   . GLY A 1 11  ? 7.714   -3.628  2.400   1.00 15.12 ? 11   GLY A O   1 
ATOM   88   N N   . LYS A 1 12  ? 7.459   -1.401  2.558   1.00 15.03 ? 12   LYS A N   1 
ATOM   89   C CA  . LYS A 1 12  ? 6.826   -1.303  1.249   1.00 14.16 ? 12   LYS A CA  1 
ATOM   90   C C   . LYS A 1 12  ? 7.822   -1.629  0.149   1.00 13.66 ? 12   LYS A C   1 
ATOM   91   O O   . LYS A 1 12  ? 7.480   -2.293  -0.824  1.00 13.35 ? 12   LYS A O   1 
ATOM   92   C CB  . LYS A 1 12  ? 6.243   0.096   1.032   1.00 16.79 ? 12   LYS A CB  1 
ATOM   93   C CG  . LYS A 1 12  ? 5.033   0.373   1.905   1.00 19.50 ? 12   LYS A CG  1 
ATOM   94   C CD  . LYS A 1 12  ? 4.281   1.623   1.477   1.00 20.73 ? 12   LYS A CD  1 
ATOM   95   C CE  . LYS A 1 12  ? 3.009   1.770   2.301   1.00 21.26 ? 12   LYS A CE  1 
ATOM   96   N NZ  . LYS A 1 12  ? 2.154   2.909   1.860   1.00 22.33 ? 12   LYS A NZ  1 
ATOM   97   N N   . VAL A 1 13  ? 9.059   -1.171  0.308   1.00 13.50 ? 13   VAL A N   1 
ATOM   98   C CA  . VAL A 1 13  ? 10.082  -1.452  -0.692  1.00 14.34 ? 13   VAL A CA  1 
ATOM   99   C C   . VAL A 1 13  ? 10.259  -2.962  -0.824  1.00 13.34 ? 13   VAL A C   1 
ATOM   100  O O   . VAL A 1 13  ? 10.302  -3.491  -1.931  1.00 14.74 ? 13   VAL A O   1 
ATOM   101  C CB  . VAL A 1 13  ? 11.440  -0.824  -0.316  1.00 14.66 ? 13   VAL A CB  1 
ATOM   102  C CG1 . VAL A 1 13  ? 12.487  -1.209  -1.351  1.00 16.28 ? 13   VAL A CG1 1 
ATOM   103  C CG2 . VAL A 1 13  ? 11.312  0.689   -0.241  1.00 15.90 ? 13   VAL A CG2 1 
ATOM   104  N N   . ARG A 1 14  ? 10.343  -3.657  0.309   1.00 13.77 ? 14   ARG A N   1 
ATOM   105  C CA  . ARG A 1 14  ? 10.511  -5.105  0.284   1.00 14.02 ? 14   ARG A CA  1 
ATOM   106  C C   . ARG A 1 14  ? 9.365   -5.831  -0.409  1.00 13.38 ? 14   ARG A C   1 
ATOM   107  O O   . ARG A 1 14  ? 9.588   -6.792  -1.137  1.00 14.65 ? 14   ARG A O   1 
ATOM   108  C CB  . ARG A 1 14  ? 10.686  -5.647  1.704   1.00 15.55 ? 14   ARG A CB  1 
ATOM   109  C CG  . ARG A 1 14  ? 12.042  -5.322  2.310   1.00 16.69 ? 14   ARG A CG  1 
ATOM   110  C CD  . ARG A 1 14  ? 12.332  -6.201  3.512   1.00 18.88 ? 14   ARG A CD  1 
ATOM   111  N NE  . ARG A 1 14  ? 11.577  -5.804  4.692   1.00 19.42 ? 14   ARG A NE  1 
ATOM   112  C CZ  . ARG A 1 14  ? 11.954  -4.846  5.532   1.00 20.30 ? 14   ARG A CZ  1 
ATOM   113  N NH1 . ARG A 1 14  ? 13.084  -4.183  5.325   1.00 20.03 ? 14   ARG A NH1 1 
ATOM   114  N NH2 . ARG A 1 14  ? 11.198  -4.546  6.578   1.00 23.26 ? 14   ARG A NH2 1 
ATOM   115  N N   . GLU A 1 15  ? 8.134   -5.376  -0.188  1.00 13.25 ? 15   GLU A N   1 
ATOM   116  C CA  . GLU A 1 15  ? 6.989   -6.013  -0.824  1.00 12.72 ? 15   GLU A CA  1 
ATOM   117  C C   . GLU A 1 15  ? 6.990   -5.772  -2.330  1.00 12.44 ? 15   GLU A C   1 
ATOM   118  O O   . GLU A 1 15  ? 6.733   -6.684  -3.118  1.00 12.64 ? 15   GLU A O   1 
ATOM   119  C CB  . GLU A 1 15  ? 5.686   -5.512  -0.188  1.00 13.54 ? 15   GLU A CB  1 
ATOM   120  C CG  . GLU A 1 15  ? 5.433   -6.137  1.183   1.00 13.78 ? 15   GLU A CG  1 
ATOM   121  C CD  . GLU A 1 15  ? 4.215   -5.584  1.896   1.00 13.82 ? 15   GLU A CD  1 
ATOM   122  O OE1 . GLU A 1 15  ? 3.293   -5.078  1.222   1.00 15.22 ? 15   GLU A OE1 1 
ATOM   123  O OE2 . GLU A 1 15  ? 4.181   -5.679  3.138   1.00 15.28 ? 15   GLU A OE2 1 
ATOM   124  N N   . VAL A 1 16  ? 7.290   -4.541  -2.730  1.00 12.52 ? 16   VAL A N   1 
ATOM   125  C CA  . VAL A 1 16  ? 7.338   -4.202  -4.144  1.00 12.44 ? 16   VAL A CA  1 
ATOM   126  C C   . VAL A 1 16  ? 8.502   -4.916  -4.839  1.00 13.13 ? 16   VAL A C   1 
ATOM   127  O O   . VAL A 1 16  ? 8.334   -5.468  -5.927  1.00 14.24 ? 16   VAL A O   1 
ATOM   128  C CB  . VAL A 1 16  ? 7.453   -2.672  -4.324  1.00 12.01 ? 16   VAL A CB  1 
ATOM   129  C CG1 . VAL A 1 16  ? 7.646   -2.314  -5.794  1.00 13.20 ? 16   VAL A CG1 1 
ATOM   130  C CG2 . VAL A 1 16  ? 6.192   -2.005  -3.782  1.00 13.62 ? 16   VAL A CG2 1 
ATOM   131  N N   . ALA A 1 17  ? 9.667   -4.930  -4.195  1.00 13.49 ? 17   ALA A N   1 
ATOM   132  C CA  . ALA A 1 17  ? 10.844  -5.582  -4.768  1.00 15.55 ? 17   ALA A CA  1 
ATOM   133  C C   . ALA A 1 17  ? 10.631  -7.088  -4.911  1.00 17.21 ? 17   ALA A C   1 
ATOM   134  O O   . ALA A 1 17  ? 11.056  -7.694  -5.894  1.00 19.10 ? 17   ALA A O   1 
ATOM   135  C CB  . ALA A 1 17  ? 12.066  -5.303  -3.906  1.00 17.53 ? 17   ALA A CB  1 
ATOM   136  N N   . ASN A 1 18  ? 9.969   -7.687  -3.927  1.00 18.29 ? 18   ASN A N   1 
ATOM   137  C CA  . ASN A 1 18  ? 9.695   -9.121  -3.943  1.00 19.86 ? 18   ASN A CA  1 
ATOM   138  C C   . ASN A 1 18  ? 8.815   -9.505  -5.127  1.00 20.71 ? 18   ASN A C   1 
ATOM   139  O O   . ASN A 1 18  ? 9.107   -10.453 -5.855  1.00 22.07 ? 18   ASN A O   1 
ATOM   140  C CB  . ASN A 1 18  ? 8.989   -9.532  -2.646  1.00 21.61 ? 18   ASN A CB  1 
ATOM   141  C CG  . ASN A 1 18  ? 8.607   -11.002 -2.626  1.00 24.11 ? 18   ASN A CG  1 
ATOM   142  O OD1 . ASN A 1 18  ? 7.443   -11.356 -2.823  1.00 27.04 ? 18   ASN A OD1 1 
ATOM   143  N ND2 . ASN A 1 18  ? 9.588   -11.866 -2.381  1.00 26.75 ? 18   ASN A ND2 1 
ATOM   144  N N   . PHE A 1 19  ? 7.733   -8.762  -5.316  1.00 18.64 ? 19   PHE A N   1 
ATOM   145  C CA  . PHE A 1 19  ? 6.797   -9.043  -6.392  1.00 19.17 ? 19   PHE A CA  1 
ATOM   146  C C   . PHE A 1 19  ? 7.378   -8.821  -7.783  1.00 18.86 ? 19   PHE A C   1 
ATOM   147  O O   . PHE A 1 19  ? 7.349   -9.717  -8.626  1.00 19.58 ? 19   PHE A O   1 
ATOM   148  C CB  . PHE A 1 19  ? 5.534   -8.193  -6.209  1.00 19.24 ? 19   PHE A CB  1 
ATOM   149  C CG  . PHE A 1 19  ? 4.456   -8.473  -7.218  1.00 21.10 ? 19   PHE A CG  1 
ATOM   150  C CD1 . PHE A 1 19  ? 4.548   -7.973  -8.513  1.00 21.18 ? 19   PHE A CD1 1 
ATOM   151  C CD2 . PHE A 1 19  ? 3.356   -9.253  -6.878  1.00 23.71 ? 19   PHE A CD2 1 
ATOM   152  C CE1 . PHE A 1 19  ? 3.562   -8.246  -9.457  1.00 22.89 ? 19   PHE A CE1 1 
ATOM   153  C CE2 . PHE A 1 19  ? 2.365   -9.532  -7.813  1.00 24.68 ? 19   PHE A CE2 1 
ATOM   154  C CZ  . PHE A 1 19  ? 2.470   -9.026  -9.107  1.00 23.55 ? 19   PHE A CZ  1 
ATOM   155  N N   . LEU A 1 20  ? 7.908   -7.629  -8.025  1.00 19.19 ? 20   LEU A N   1 
ATOM   156  C CA  . LEU A 1 20  ? 8.455   -7.301  -9.334  1.00 19.32 ? 20   LEU A CA  1 
ATOM   157  C C   . LEU A 1 20  ? 9.792   -7.959  -9.655  1.00 20.77 ? 20   LEU A C   1 
ATOM   158  O O   . LEU A 1 20  ? 10.100  -8.196  -10.823 1.00 20.25 ? 20   LEU A O   1 
ATOM   159  C CB  . LEU A 1 20  ? 8.570   -5.781  -9.474  1.00 18.27 ? 20   LEU A CB  1 
ATOM   160  C CG  . LEU A 1 20  ? 7.223   -5.057  -9.412  1.00 18.41 ? 20   LEU A CG  1 
ATOM   161  C CD1 . LEU A 1 20  ? 7.450   -3.558  -9.385  1.00 19.40 ? 20   LEU A CD1 1 
ATOM   162  C CD2 . LEU A 1 20  ? 6.370   -5.454  -10.609 1.00 19.80 ? 20   LEU A CD2 1 
ATOM   163  N N   . GLY A 1 21  ? 10.580  -8.253  -8.627  1.00 21.18 ? 21   GLY A N   1 
ATOM   164  C CA  . GLY A 1 21  ? 11.871  -8.881  -8.844  1.00 23.51 ? 21   GLY A CA  1 
ATOM   165  C C   . GLY A 1 21  ? 11.757  -10.212 -9.560  1.00 25.75 ? 21   GLY A C   1 
ATOM   166  O O   . GLY A 1 21  ? 12.664  -10.617 -10.286 1.00 26.47 ? 21   GLY A O   1 
ATOM   167  N N   . THR A 1 22  ? 10.636  -10.896 -9.361  1.00 26.80 ? 22   THR A N   1 
ATOM   168  C CA  . THR A 1 22  ? 10.412  -12.189 -9.994  1.00 29.60 ? 22   THR A CA  1 
ATOM   169  C C   . THR A 1 22  ? 10.220  -12.050 -11.500 1.00 29.86 ? 22   THR A C   1 
ATOM   170  O O   . THR A 1 22  ? 10.239  -13.043 -12.229 1.00 30.69 ? 22   THR A O   1 
ATOM   171  C CB  . THR A 1 22  ? 9.169   -12.890 -9.413  1.00 30.44 ? 22   THR A CB  1 
ATOM   172  O OG1 . THR A 1 22  ? 7.999   -12.129 -9.730  1.00 33.42 ? 22   THR A OG1 1 
ATOM   173  C CG2 . THR A 1 22  ? 9.287   -13.017 -7.902  1.00 31.46 ? 22   THR A CG2 1 
ATOM   174  N N   . PHE A 1 23  ? 10.039  -10.818 -11.969 1.00 29.76 ? 23   PHE A N   1 
ATOM   175  C CA  . PHE A 1 23  ? 9.836   -10.583 -13.393 1.00 29.98 ? 23   PHE A CA  1 
ATOM   176  C C   . PHE A 1 23  ? 10.944  -9.756  -14.042 1.00 29.70 ? 23   PHE A C   1 
ATOM   177  O O   . PHE A 1 23  ? 10.715  -9.069  -15.037 1.00 30.36 ? 23   PHE A O   1 
ATOM   178  C CB  . PHE A 1 23  ? 8.483   -9.908  -13.628 1.00 30.20 ? 23   PHE A CB  1 
ATOM   179  C CG  . PHE A 1 23  ? 7.328   -10.641 -13.008 1.00 30.91 ? 23   PHE A CG  1 
ATOM   180  C CD1 . PHE A 1 23  ? 6.795   -10.226 -11.791 1.00 31.17 ? 23   PHE A CD1 1 
ATOM   181  C CD2 . PHE A 1 23  ? 6.775   -11.754 -13.635 1.00 31.57 ? 23   PHE A CD2 1 
ATOM   182  C CE1 . PHE A 1 23  ? 5.729   -10.909 -11.207 1.00 31.60 ? 23   PHE A CE1 1 
ATOM   183  C CE2 . PHE A 1 23  ? 5.711   -12.444 -13.060 1.00 32.45 ? 23   PHE A CE2 1 
ATOM   184  C CZ  . PHE A 1 23  ? 5.186   -12.019 -11.843 1.00 32.12 ? 23   PHE A CZ  1 
ATOM   185  N N   . GLY A 1 24  ? 12.142  -9.822  -13.471 1.00 29.23 ? 24   GLY A N   1 
ATOM   186  C CA  . GLY A 1 24  ? 13.268  -9.094  -14.029 1.00 29.09 ? 24   GLY A CA  1 
ATOM   187  C C   . GLY A 1 24  ? 13.235  -7.587  -13.858 1.00 28.59 ? 24   GLY A C   1 
ATOM   188  O O   . GLY A 1 24  ? 13.827  -6.854  -14.652 1.00 29.96 ? 24   GLY A O   1 
ATOM   189  N N   . ILE A 1 25  ? 12.542  -7.115  -12.829 1.00 26.83 ? 25   ILE A N   1 
ATOM   190  C CA  . ILE A 1 25  ? 12.465  -5.685  -12.568 1.00 25.60 ? 25   ILE A CA  1 
ATOM   191  C C   . ILE A 1 25  ? 13.261  -5.363  -11.311 1.00 24.34 ? 25   ILE A C   1 
ATOM   192  O O   . ILE A 1 25  ? 13.068  -5.985  -10.266 1.00 24.37 ? 25   ILE A O   1 
ATOM   193  C CB  . ILE A 1 25  ? 11.006  -5.225  -12.375 1.00 25.02 ? 25   ILE A CB  1 
ATOM   194  C CG1 . ILE A 1 25  ? 10.222  -5.448  -13.670 1.00 25.74 ? 25   ILE A CG1 1 
ATOM   195  C CG2 . ILE A 1 25  ? 10.970  -3.758  -11.968 1.00 24.12 ? 25   ILE A CG2 1 
ATOM   196  C CD1 . ILE A 1 25  ? 8.754   -5.104  -13.567 1.00 26.44 ? 25   ILE A CD1 1 
ATOM   197  N N   . GLU A 1 26  ? 14.163  -4.397  -11.419 1.00 23.39 ? 26   GLU A N   1 
ATOM   198  C CA  . GLU A 1 26  ? 14.982  -4.005  -10.285 1.00 23.24 ? 26   GLU A CA  1 
ATOM   199  C C   . GLU A 1 26  ? 14.441  -2.737  -9.640  1.00 22.64 ? 26   GLU A C   1 
ATOM   200  O O   . GLU A 1 26  ? 14.374  -1.688  -10.276 1.00 22.83 ? 26   GLU A O   1 
ATOM   201  C CB  . GLU A 1 26  ? 16.428  -3.779  -10.727 1.00 26.03 ? 26   GLU A CB  1 
ATOM   202  C CG  . GLU A 1 26  ? 17.374  -3.479  -9.578  1.00 29.43 ? 26   GLU A CG  1 
ATOM   203  C CD  . GLU A 1 26  ? 18.810  -3.303  -10.030 1.00 32.05 ? 26   GLU A CD  1 
ATOM   204  O OE1 . GLU A 1 26  ? 19.678  -3.096  -9.159  1.00 35.19 ? 26   GLU A OE1 1 
ATOM   205  O OE2 . GLU A 1 26  ? 19.070  -3.371  -11.251 1.00 33.35 ? 26   GLU A OE2 1 
ATOM   206  N N   . ILE A 1 27  ? 14.050  -2.846  -8.376  1.00 21.74 ? 27   ILE A N   1 
ATOM   207  C CA  . ILE A 1 27  ? 13.520  -1.708  -7.636  1.00 21.41 ? 27   ILE A CA  1 
ATOM   208  C C   . ILE A 1 27  ? 14.640  -1.025  -6.862  1.00 21.79 ? 27   ILE A C   1 
ATOM   209  O O   . ILE A 1 27  ? 15.367  -1.666  -6.108  1.00 22.97 ? 27   ILE A O   1 
ATOM   210  C CB  . ILE A 1 27  ? 12.422  -2.152  -6.644  1.00 21.54 ? 27   ILE A CB  1 
ATOM   211  C CG1 . ILE A 1 27  ? 11.225  -2.715  -7.412  1.00 20.93 ? 27   ILE A CG1 1 
ATOM   212  C CG2 . ILE A 1 27  ? 11.997  -0.981  -5.769  1.00 21.65 ? 27   ILE A CG2 1 
ATOM   213  C CD1 . ILE A 1 27  ? 10.517  -1.706  -8.299  1.00 23.64 ? 27   ILE A CD1 1 
ATOM   214  N N   . VAL A 1 28  ? 14.776  0.280   -7.060  1.00 20.54 ? 28   VAL A N   1 
ATOM   215  C CA  . VAL A 1 28  ? 15.800  1.055   -6.376  1.00 20.08 ? 28   VAL A CA  1 
ATOM   216  C C   . VAL A 1 28  ? 15.125  2.095   -5.497  1.00 18.95 ? 28   VAL A C   1 
ATOM   217  O O   . VAL A 1 28  ? 14.474  3.010   -6.000  1.00 17.67 ? 28   VAL A O   1 
ATOM   218  C CB  . VAL A 1 28  ? 16.719  1.785   -7.382  1.00 20.45 ? 28   VAL A CB  1 
ATOM   219  C CG1 . VAL A 1 28  ? 17.781  2.579   -6.636  1.00 22.29 ? 28   VAL A CG1 1 
ATOM   220  C CG2 . VAL A 1 28  ? 17.372  0.780   -8.314  1.00 21.97 ? 28   VAL A CG2 1 
ATOM   221  N N   . GLN A 1 29  ? 15.264  1.952   -4.183  1.00 17.41 ? 29   GLN A N   1 
ATOM   222  C CA  . GLN A 1 29  ? 14.661  2.910   -3.273  1.00 18.73 ? 29   GLN A CA  1 
ATOM   223  C C   . GLN A 1 29  ? 15.405  4.237   -3.324  1.00 18.23 ? 29   GLN A C   1 
ATOM   224  O O   . GLN A 1 29  ? 16.639  4.275   -3.310  1.00 19.57 ? 29   GLN A O   1 
ATOM   225  C CB  . GLN A 1 29  ? 14.669  2.384   -1.836  1.00 17.52 ? 29   GLN A CB  1 
ATOM   226  C CG  . GLN A 1 29  ? 14.268  3.441   -0.816  1.00 18.57 ? 29   GLN A CG  1 
ATOM   227  C CD  . GLN A 1 29  ? 14.209  2.917   0.602   1.00 19.87 ? 29   GLN A CD  1 
ATOM   228  O OE1 . GLN A 1 29  ? 14.924  1.983   0.963   1.00 21.56 ? 29   GLN A OE1 1 
ATOM   229  N NE2 . GLN A 1 29  ? 13.367  3.532   1.423   1.00 19.86 ? 29   GLN A NE2 1 
ATOM   230  N N   . LEU A 1 30  ? 14.647  5.323   -3.390  1.00 19.30 ? 30   LEU A N   1 
ATOM   231  C CA  . LEU A 1 30  ? 15.215  6.662   -3.419  1.00 21.11 ? 30   LEU A CA  1 
ATOM   232  C C   . LEU A 1 30  ? 14.494  7.434   -2.322  1.00 22.27 ? 30   LEU A C   1 
ATOM   233  O O   . LEU A 1 30  ? 13.277  7.611   -2.375  1.00 22.68 ? 30   LEU A O   1 
ATOM   234  C CB  . LEU A 1 30  ? 14.970  7.311   -4.783  1.00 22.74 ? 30   LEU A CB  1 
ATOM   235  C CG  . LEU A 1 30  ? 15.827  8.513   -5.189  1.00 26.82 ? 30   LEU A CG  1 
ATOM   236  C CD1 . LEU A 1 30  ? 15.487  8.895   -6.618  1.00 28.03 ? 30   LEU A CD1 1 
ATOM   237  C CD2 . LEU A 1 30  ? 15.592  9.684   -4.249  1.00 27.70 ? 30   LEU A CD2 1 
ATOM   238  N N   . LYS A 1 31  ? 15.244  7.874   -1.318  1.00 22.95 ? 31   LYS A N   1 
ATOM   239  C CA  . LYS A 1 31  ? 14.667  8.608   -0.199  1.00 25.29 ? 31   LYS A CA  1 
ATOM   240  C C   . LYS A 1 31  ? 14.592  10.109  -0.444  1.00 25.71 ? 31   LYS A C   1 
ATOM   241  O O   . LYS A 1 31  ? 15.381  10.881  0.101   1.00 28.62 ? 31   LYS A O   1 
ATOM   242  C CB  . LYS A 1 31  ? 15.466  8.327   1.076   1.00 27.46 ? 31   LYS A CB  1 
ATOM   243  C CG  . LYS A 1 31  ? 15.364  6.885   1.555   1.00 29.40 ? 31   LYS A CG  1 
ATOM   244  C CD  . LYS A 1 31  ? 16.275  6.609   2.743   1.00 32.17 ? 31   LYS A CD  1 
ATOM   245  C CE  . LYS A 1 31  ? 17.747  6.592   2.345   1.00 33.69 ? 31   LYS A CE  1 
ATOM   246  N NZ  . LYS A 1 31  ? 18.236  7.906   1.839   1.00 35.61 ? 31   LYS A NZ  1 
ATOM   247  N N   . HIS A 1 32  ? 13.632  10.512  -1.271  1.00 24.61 ? 32   HIS A N   1 
ATOM   248  C CA  . HIS A 1 32  ? 13.423  11.917  -1.593  1.00 23.04 ? 32   HIS A CA  1 
ATOM   249  C C   . HIS A 1 32  ? 12.058  12.288  -1.028  1.00 23.18 ? 32   HIS A C   1 
ATOM   250  O O   . HIS A 1 32  ? 11.034  11.754  -1.453  1.00 22.93 ? 32   HIS A O   1 
ATOM   251  C CB  . HIS A 1 32  ? 13.443  12.118  -3.112  1.00 22.40 ? 32   HIS A CB  1 
ATOM   252  C CG  . HIS A 1 32  ? 13.499  13.553  -3.539  1.00 22.20 ? 32   HIS A CG  1 
ATOM   253  N ND1 . HIS A 1 32  ? 12.504  14.460  -3.246  1.00 23.74 ? 32   HIS A ND1 1 
ATOM   254  C CD2 . HIS A 1 32  ? 14.434  14.234  -4.245  1.00 22.58 ? 32   HIS A CD2 1 
ATOM   255  C CE1 . HIS A 1 32  ? 12.821  15.637  -3.754  1.00 23.20 ? 32   HIS A CE1 1 
ATOM   256  N NE2 . HIS A 1 32  ? 13.988  15.528  -4.365  1.00 24.41 ? 32   HIS A NE2 1 
ATOM   257  N N   . GLU A 1 33  ? 12.038  13.193  -0.061  1.00 22.15 ? 33   GLU A N   1 
ATOM   258  C CA  . GLU A 1 33  ? 10.780  13.592  0.545   1.00 22.84 ? 33   GLU A CA  1 
ATOM   259  C C   . GLU A 1 33  ? 9.900   14.372  -0.422  1.00 21.15 ? 33   GLU A C   1 
ATOM   260  O O   . GLU A 1 33  ? 10.387  15.095  -1.290  1.00 23.33 ? 33   GLU A O   1 
ATOM   261  C CB  . GLU A 1 33  ? 11.038  14.431  1.799   1.00 26.26 ? 33   GLU A CB  1 
ATOM   262  C CG  . GLU A 1 33  ? 11.876  13.731  2.860   1.00 31.87 ? 33   GLU A CG  1 
ATOM   263  C CD  . GLU A 1 33  ? 11.357  12.345  3.206   1.00 34.75 ? 33   GLU A CD  1 
ATOM   264  O OE1 . GLU A 1 33  ? 11.486  11.431  2.364   1.00 37.44 ? 33   GLU A OE1 1 
ATOM   265  O OE2 . GLU A 1 33  ? 10.818  12.170  4.320   1.00 36.23 ? 33   GLU A OE2 1 
ATOM   266  N N   . TYR A 1 34  ? 8.593   14.195  -0.280  1.00 17.03 ? 34   TYR A N   1 
ATOM   267  C CA  . TYR A 1 34  ? 7.634   14.907  -1.108  1.00 15.56 ? 34   TYR A CA  1 
ATOM   268  C C   . TYR A 1 34  ? 6.386   15.137  -0.270  1.00 14.79 ? 34   TYR A C   1 
ATOM   269  O O   . TYR A 1 34  ? 6.100   14.382  0.661   1.00 15.29 ? 34   TYR A O   1 
ATOM   270  C CB  . TYR A 1 34  ? 7.311   14.121  -2.391  1.00 14.79 ? 34   TYR A CB  1 
ATOM   271  C CG  . TYR A 1 34  ? 6.651   12.770  -2.203  1.00 13.87 ? 34   TYR A CG  1 
ATOM   272  C CD1 . TYR A 1 34  ? 5.267   12.657  -2.069  1.00 13.62 ? 34   TYR A CD1 1 
ATOM   273  C CD2 . TYR A 1 34  ? 7.409   11.598  -2.210  1.00 14.26 ? 34   TYR A CD2 1 
ATOM   274  C CE1 . TYR A 1 34  ? 4.651   11.414  -1.956  1.00 13.68 ? 34   TYR A CE1 1 
ATOM   275  C CE2 . TYR A 1 34  ? 6.803   10.348  -2.095  1.00 13.71 ? 34   TYR A CE2 1 
ATOM   276  C CZ  . TYR A 1 34  ? 5.426   10.263  -1.972  1.00 13.24 ? 34   TYR A CZ  1 
ATOM   277  O OH  . TYR A 1 34  ? 4.833   9.021   -1.886  1.00 13.85 ? 34   TYR A OH  1 
ATOM   278  N N   . PRO A 1 35  ? 5.638   16.203  -0.567  1.00 14.68 ? 35   PRO A N   1 
ATOM   279  C CA  . PRO A 1 35  ? 4.439   16.446  0.228   1.00 14.13 ? 35   PRO A CA  1 
ATOM   280  C C   . PRO A 1 35  ? 3.308   15.473  -0.056  1.00 13.49 ? 35   PRO A C   1 
ATOM   281  O O   . PRO A 1 35  ? 3.017   15.163  -1.211  1.00 14.03 ? 35   PRO A O   1 
ATOM   282  C CB  . PRO A 1 35  ? 4.075   17.884  -0.136  1.00 15.82 ? 35   PRO A CB  1 
ATOM   283  C CG  . PRO A 1 35  ? 4.935   18.449  -1.211  1.00 19.09 ? 35   PRO A CG  1 
ATOM   284  C CD  . PRO A 1 35  ? 5.860   17.293  -1.534  1.00 15.53 ? 35   PRO A CD  1 
ATOM   285  N N   . GLU A 1 36  ? 2.710   14.961  1.015   1.00 13.75 ? 36   GLU A N   1 
ATOM   286  C CA  . GLU A 1 36  ? 1.558   14.076  0.910   1.00 12.36 ? 36   GLU A CA  1 
ATOM   287  C C   . GLU A 1 36  ? 0.427   14.959  1.399   1.00 12.66 ? 36   GLU A C   1 
ATOM   288  O O   . GLU A 1 36  ? 0.314   15.254  2.595   1.00 13.42 ? 36   GLU A O   1 
ATOM   289  C CB  . GLU A 1 36  ? 1.708   12.848  1.810   1.00 13.76 ? 36   GLU A CB  1 
ATOM   290  C CG  . GLU A 1 36  ? 2.755   11.870  1.311   1.00 15.42 ? 36   GLU A CG  1 
ATOM   291  C CD  . GLU A 1 36  ? 2.791   10.589  2.119   1.00 18.27 ? 36   GLU A CD  1 
ATOM   292  O OE1 . GLU A 1 36  ? 2.430   9.527   1.571   1.00 19.67 ? 36   GLU A OE1 1 
ATOM   293  O OE2 . GLU A 1 36  ? 3.175   10.644  3.304   1.00 22.48 ? 36   GLU A OE2 1 
ATOM   294  N N   . ILE A 1 37  ? -0.399  15.413  0.469   1.00 12.14 ? 37   ILE A N   1 
ATOM   295  C CA  . ILE A 1 37  ? -1.490  16.298  0.838   1.00 12.09 ? 37   ILE A CA  1 
ATOM   296  C C   . ILE A 1 37  ? -2.617  15.590  1.563   1.00 12.49 ? 37   ILE A C   1 
ATOM   297  O O   . ILE A 1 37  ? -2.765  14.369  1.484   1.00 11.46 ? 37   ILE A O   1 
ATOM   298  C CB  . ILE A 1 37  ? -2.098  17.014  -0.400  1.00 13.23 ? 37   ILE A CB  1 
ATOM   299  C CG1 . ILE A 1 37  ? -2.684  15.991  -1.381  1.00 13.51 ? 37   ILE A CG1 1 
ATOM   300  C CG2 . ILE A 1 37  ? -1.031  17.868  -1.072  1.00 16.03 ? 37   ILE A CG2 1 
ATOM   301  C CD1 . ILE A 1 37  ? -3.522  16.624  -2.492  1.00 15.82 ? 37   ILE A CD1 1 
ATOM   302  N N   . GLN A 1 38  ? -3.388  16.372  2.308   1.00 12.31 ? 38   GLN A N   1 
ATOM   303  C CA  . GLN A 1 38  ? -4.550  15.839  2.989   1.00 13.32 ? 38   GLN A CA  1 
ATOM   304  C C   . GLN A 1 38  ? -5.578  15.779  1.865   1.00 14.21 ? 38   GLN A C   1 
ATOM   305  O O   . GLN A 1 38  ? -5.721  16.730  1.093   1.00 15.27 ? 38   GLN A O   1 
ATOM   306  C CB  . GLN A 1 38  ? -5.007  16.796  4.092   1.00 13.27 ? 38   GLN A CB  1 
ATOM   307  C CG  . GLN A 1 38  ? -4.077  16.818  5.297   1.00 13.77 ? 38   GLN A CG  1 
ATOM   308  C CD  . GLN A 1 38  ? -4.507  17.821  6.348   1.00 15.14 ? 38   GLN A CD  1 
ATOM   309  O OE1 . GLN A 1 38  ? -5.686  17.900  6.701   1.00 19.25 ? 38   GLN A OE1 1 
ATOM   310  N NE2 . GLN A 1 38  ? -3.550  18.585  6.863   1.00 13.26 ? 38   GLN A NE2 1 
ATOM   311  N N   . ALA A 1 39  ? -6.266  14.652  1.746   1.00 14.63 ? 39   ALA A N   1 
ATOM   312  C CA  . ALA A 1 39  ? -7.262  14.480  0.696   1.00 16.03 ? 39   ALA A CA  1 
ATOM   313  C C   . ALA A 1 39  ? -8.199  13.344  1.058   1.00 17.73 ? 39   ALA A C   1 
ATOM   314  O O   . ALA A 1 39  ? -7.899  12.549  1.945   1.00 18.43 ? 39   ALA A O   1 
ATOM   315  C CB  . ALA A 1 39  ? -6.573  14.179  -0.629  1.00 16.67 ? 39   ALA A CB  1 
ATOM   316  N N   . GLU A 1 40  ? -9.331  13.265  0.364   1.00 21.97 ? 40   GLU A N   1 
ATOM   317  C CA  . GLU A 1 40  ? -10.295 12.209  0.634   1.00 24.00 ? 40   GLU A CA  1 
ATOM   318  C C   . GLU A 1 40  ? -10.042 10.949  -0.187  1.00 21.81 ? 40   GLU A C   1 
ATOM   319  O O   . GLU A 1 40  ? -10.763 9.965   -0.049  1.00 24.05 ? 40   GLU A O   1 
ATOM   320  C CB  . GLU A 1 40  ? -11.724 12.705  0.393   1.00 27.32 ? 40   GLU A CB  1 
ATOM   321  C CG  . GLU A 1 40  ? -12.236 13.678  1.452   1.00 30.37 ? 40   GLU A CG  1 
ATOM   322  C CD  . GLU A 1 40  ? -12.132 13.119  2.864   1.00 32.50 ? 40   GLU A CD  1 
ATOM   323  O OE1 . GLU A 1 40  ? -12.588 11.977  3.094   1.00 34.73 ? 40   GLU A OE1 1 
ATOM   324  O OE2 . GLU A 1 40  ? -11.598 13.824  3.747   1.00 32.50 ? 40   GLU A OE2 1 
ATOM   325  N N   . LYS A 1 41  ? -9.023  10.979  -1.042  1.00 19.60 ? 41   LYS A N   1 
ATOM   326  C CA  . LYS A 1 41  ? -8.687  9.814   -1.856  1.00 17.38 ? 41   LYS A CA  1 
ATOM   327  C C   . LYS A 1 41  ? -7.182  9.610   -1.966  1.00 13.58 ? 41   LYS A C   1 
ATOM   328  O O   . LYS A 1 41  ? -6.432  10.566  -2.136  1.00 13.55 ? 41   LYS A O   1 
ATOM   329  C CB  . LYS A 1 41  ? -9.266  9.945   -3.268  1.00 19.27 ? 41   LYS A CB  1 
ATOM   330  C CG  . LYS A 1 41  ? -10.785 9.957   -3.337  1.00 23.13 ? 41   LYS A CG  1 
ATOM   331  C CD  . LYS A 1 41  ? -11.266 9.796   -4.774  1.00 26.77 ? 41   LYS A CD  1 
ATOM   332  C CE  . LYS A 1 41  ? -10.700 10.876  -5.690  1.00 28.56 ? 41   LYS A CE  1 
ATOM   333  N NZ  . LYS A 1 41  ? -11.110 10.672  -7.108  1.00 29.81 ? 41   LYS A NZ  1 
ATOM   334  N N   . LEU A 1 42  ? -6.749  8.359   -1.865  1.00 11.11 ? 42   LEU A N   1 
ATOM   335  C CA  . LEU A 1 42  ? -5.335  8.036   -1.989  1.00 11.62 ? 42   LEU A CA  1 
ATOM   336  C C   . LEU A 1 42  ? -4.825  8.508   -3.346  1.00 11.68 ? 42   LEU A C   1 
ATOM   337  O O   . LEU A 1 42  ? -3.689  8.956   -3.466  1.00 11.71 ? 42   LEU A O   1 
ATOM   338  C CB  . LEU A 1 42  ? -5.137  6.529   -1.870  1.00 11.04 ? 42   LEU A CB  1 
ATOM   339  C CG  . LEU A 1 42  ? -5.422  5.940   -0.489  1.00 10.14 ? 42   LEU A CG  1 
ATOM   340  C CD1 . LEU A 1 42  ? -5.545  4.438   -0.604  1.00 11.93 ? 42   LEU A CD1 1 
ATOM   341  C CD2 . LEU A 1 42  ? -4.318  6.332   0.484   1.00 12.29 ? 42   LEU A CD2 1 
ATOM   342  N N   . GLU A 1 43  ? -5.672  8.411   -4.367  1.00 12.41 ? 43   GLU A N   1 
ATOM   343  C CA  . GLU A 1 43  ? -5.293  8.832   -5.710  1.00 13.73 ? 43   GLU A CA  1 
ATOM   344  C C   . GLU A 1 43  ? -4.889  10.309  -5.780  1.00 12.02 ? 43   GLU A C   1 
ATOM   345  O O   . GLU A 1 43  ? -3.999  10.679  -6.555  1.00 12.88 ? 43   GLU A O   1 
ATOM   346  C CB  . GLU A 1 43  ? -6.439  8.558   -6.693  1.00 16.32 ? 43   GLU A CB  1 
ATOM   347  C CG  . GLU A 1 43  ? -6.694  7.076   -6.954  1.00 18.85 ? 43   GLU A CG  1 
ATOM   348  C CD  . GLU A 1 43  ? -7.734  6.454   -6.026  1.00 20.13 ? 43   GLU A CD  1 
ATOM   349  O OE1 . GLU A 1 43  ? -7.894  6.909   -4.872  1.00 19.87 ? 43   GLU A OE1 1 
ATOM   350  O OE2 . GLU A 1 43  ? -8.390  5.482   -6.453  1.00 22.90 ? 43   GLU A OE2 1 
ATOM   351  N N   . ASP A 1 44  ? -5.534  11.151  -4.977  1.00 12.83 ? 44   ASP A N   1 
ATOM   352  C CA  . ASP A 1 44  ? -5.216  12.576  -4.975  1.00 13.21 ? 44   ASP A CA  1 
ATOM   353  C C   . ASP A 1 44  ? -3.837  12.819  -4.367  1.00 12.07 ? 44   ASP A C   1 
ATOM   354  O O   . ASP A 1 44  ? -3.104  13.710  -4.793  1.00 13.09 ? 44   ASP A O   1 
ATOM   355  C CB  . ASP A 1 44  ? -6.274  13.370  -4.198  1.00 16.01 ? 44   ASP A CB  1 
ATOM   356  C CG  . ASP A 1 44  ? -7.648  13.297  -4.836  1.00 19.92 ? 44   ASP A CG  1 
ATOM   357  O OD1 . ASP A 1 44  ? -7.729  13.339  -6.081  1.00 21.92 ? 44   ASP A OD1 1 
ATOM   358  O OD2 . ASP A 1 44  ? -8.646  13.213  -4.090  1.00 23.98 ? 44   ASP A OD2 1 
ATOM   359  N N   . VAL A 1 45  ? -3.488  12.024  -3.361  1.00 11.98 ? 45   VAL A N   1 
ATOM   360  C CA  . VAL A 1 45  ? -2.185  12.154  -2.722  1.00 11.79 ? 45   VAL A CA  1 
ATOM   361  C C   . VAL A 1 45  ? -1.110  11.772  -3.735  1.00 10.67 ? 45   VAL A C   1 
ATOM   362  O O   . VAL A 1 45  ? -0.094  12.457  -3.882  1.00 11.37 ? 45   VAL A O   1 
ATOM   363  C CB  . VAL A 1 45  ? -2.075  11.227  -1.495  1.00 11.27 ? 45   VAL A CB  1 
ATOM   364  C CG1 . VAL A 1 45  ? -0.698  11.367  -0.853  1.00 12.24 ? 45   VAL A CG1 1 
ATOM   365  C CG2 . VAL A 1 45  ? -3.180  11.564  -0.496  1.00 12.40 ? 45   VAL A CG2 1 
ATOM   366  N N   . VAL A 1 46  ? -1.350  10.678  -4.445  1.00 11.32 ? 46   VAL A N   1 
ATOM   367  C CA  . VAL A 1 46  ? -0.406  10.203  -5.447  1.00 11.35 ? 46   VAL A CA  1 
ATOM   368  C C   . VAL A 1 46  ? -0.248  11.198  -6.609  1.00 11.54 ? 46   VAL A C   1 
ATOM   369  O O   . VAL A 1 46  ? 0.871   11.453  -7.062  1.00 11.53 ? 46   VAL A O   1 
ATOM   370  C CB  . VAL A 1 46  ? -0.832  8.809   -5.974  1.00 9.93  ? 46   VAL A CB  1 
ATOM   371  C CG1 . VAL A 1 46  ? 0.033   8.398   -7.160  1.00 12.36 ? 46   VAL A CG1 1 
ATOM   372  C CG2 . VAL A 1 46  ? -0.712  7.783   -4.847  1.00 12.82 ? 46   VAL A CG2 1 
ATOM   373  N N   . ASP A 1 47  ? -1.355  11.768  -7.081  1.00 12.19 ? 47   ASP A N   1 
ATOM   374  C CA  . ASP A 1 47  ? -1.292  12.737  -8.177  1.00 12.91 ? 47   ASP A CA  1 
ATOM   375  C C   . ASP A 1 47  ? -0.415  13.928  -7.803  1.00 12.80 ? 47   ASP A C   1 
ATOM   376  O O   . ASP A 1 47  ? 0.455   14.339  -8.575  1.00 14.43 ? 47   ASP A O   1 
ATOM   377  C CB  . ASP A 1 47  ? -2.685  13.270  -8.533  1.00 13.87 ? 47   ASP A CB  1 
ATOM   378  C CG  . ASP A 1 47  ? -3.522  12.278  -9.319  1.00 16.05 ? 47   ASP A CG  1 
ATOM   379  O OD1 . ASP A 1 47  ? -2.951  11.366  -9.948  1.00 17.28 ? 47   ASP A OD1 1 
ATOM   380  O OD2 . ASP A 1 47  ? -4.759  12.428  -9.322  1.00 19.33 ? 47   ASP A OD2 1 
ATOM   381  N N   . PHE A 1 48  ? -0.650  14.491  -6.622  1.00 11.65 ? 48   PHE A N   1 
ATOM   382  C CA  . PHE A 1 48  ? 0.118   15.645  -6.171  1.00 13.00 ? 48   PHE A CA  1 
ATOM   383  C C   . PHE A 1 48  ? 1.589   15.272  -5.998  1.00 12.68 ? 48   PHE A C   1 
ATOM   384  O O   . PHE A 1 48  ? 2.482   16.040  -6.352  1.00 13.93 ? 48   PHE A O   1 
ATOM   385  C CB  . PHE A 1 48  ? -0.445  16.166  -4.845  1.00 13.93 ? 48   PHE A CB  1 
ATOM   386  C CG  . PHE A 1 48  ? 0.044   17.540  -4.473  1.00 13.67 ? 48   PHE A CG  1 
ATOM   387  C CD1 . PHE A 1 48  ? -0.683  18.670  -4.836  1.00 15.97 ? 48   PHE A CD1 1 
ATOM   388  C CD2 . PHE A 1 48  ? 1.226   17.706  -3.759  1.00 15.50 ? 48   PHE A CD2 1 
ATOM   389  C CE1 . PHE A 1 48  ? -0.241  19.945  -4.492  1.00 16.92 ? 48   PHE A CE1 1 
ATOM   390  C CE2 . PHE A 1 48  ? 1.676   18.982  -3.410  1.00 15.23 ? 48   PHE A CE2 1 
ATOM   391  C CZ  . PHE A 1 48  ? 0.939   20.100  -3.778  1.00 16.33 ? 48   PHE A CZ  1 
ATOM   392  N N   . GLY A 1 49  ? 1.840   14.089  -5.445  1.00 11.98 ? 49   GLY A N   1 
ATOM   393  C CA  . GLY A 1 49  ? 3.205   13.638  -5.241  1.00 13.35 ? 49   GLY A CA  1 
ATOM   394  C C   . GLY A 1 49  ? 3.988   13.537  -6.535  1.00 13.11 ? 49   GLY A C   1 
ATOM   395  O O   . GLY A 1 49  ? 5.120   14.016  -6.619  1.00 13.91 ? 49   GLY A O   1 
ATOM   396  N N   . ILE A 1 50  ? 3.395   12.915  -7.548  1.00 12.95 ? 50   ILE A N   1 
ATOM   397  C CA  . ILE A 1 50  ? 4.066   12.774  -8.837  1.00 13.42 ? 50   ILE A CA  1 
ATOM   398  C C   . ILE A 1 50  ? 4.352   14.148  -9.440  1.00 13.96 ? 50   ILE A C   1 
ATOM   399  O O   . ILE A 1 50  ? 5.450   14.404  -9.928  1.00 14.53 ? 50   ILE A O   1 
ATOM   400  C CB  . ILE A 1 50  ? 3.208   11.958  -9.834  1.00 12.70 ? 50   ILE A CB  1 
ATOM   401  C CG1 . ILE A 1 50  ? 3.080   10.514  -9.347  1.00 14.36 ? 50   ILE A CG1 1 
ATOM   402  C CG2 . ILE A 1 50  ? 3.831   11.995  -11.225 1.00 15.54 ? 50   ILE A CG2 1 
ATOM   403  C CD1 . ILE A 1 50  ? 2.184   9.653   -10.213 1.00 18.31 ? 50   ILE A CD1 1 
ATOM   404  N N   . SER A 1 51  ? 3.363   15.031  -9.394  1.00 14.68 ? 51   SER A N   1 
ATOM   405  C CA  . SER A 1 51  ? 3.523   16.369  -9.951  1.00 16.79 ? 51   SER A CA  1 
ATOM   406  C C   . SER A 1 51  ? 4.642   17.139  -9.261  1.00 17.07 ? 51   SER A C   1 
ATOM   407  O O   . SER A 1 51  ? 5.343   17.934  -9.890  1.00 18.97 ? 51   SER A O   1 
ATOM   408  C CB  . SER A 1 51  ? 2.210   17.146  -9.831  1.00 17.91 ? 51   SER A CB  1 
ATOM   409  O OG  . SER A 1 51  ? 1.186   16.519  -10.580 1.00 24.25 ? 51   SER A OG  1 
ATOM   410  N N   . TRP A 1 52  ? 4.820   16.894  -7.970  1.00 17.07 ? 52   TRP A N   1 
ATOM   411  C CA  . TRP A 1 52  ? 5.847   17.585  -7.204  1.00 18.02 ? 52   TRP A CA  1 
ATOM   412  C C   . TRP A 1 52  ? 7.241   17.022  -7.480  1.00 17.89 ? 52   TRP A C   1 
ATOM   413  O O   . TRP A 1 52  ? 8.227   17.761  -7.524  1.00 18.32 ? 52   TRP A O   1 
ATOM   414  C CB  . TRP A 1 52  ? 5.539   17.461  -5.714  1.00 19.52 ? 52   TRP A CB  1 
ATOM   415  C CG  . TRP A 1 52  ? 6.283   18.433  -4.866  1.00 21.93 ? 52   TRP A CG  1 
ATOM   416  C CD1 . TRP A 1 52  ? 5.927   19.723  -4.590  1.00 24.07 ? 52   TRP A CD1 1 
ATOM   417  C CD2 . TRP A 1 52  ? 7.510   18.197  -4.175  1.00 24.41 ? 52   TRP A CD2 1 
ATOM   418  N NE1 . TRP A 1 52  ? 6.858   20.303  -3.764  1.00 25.87 ? 52   TRP A NE1 1 
ATOM   419  C CE2 . TRP A 1 52  ? 7.841   19.389  -3.493  1.00 23.67 ? 52   TRP A CE2 1 
ATOM   420  C CE3 . TRP A 1 52  ? 8.364   17.093  -4.062  1.00 23.47 ? 52   TRP A CE3 1 
ATOM   421  C CZ2 . TRP A 1 52  ? 8.991   19.508  -2.708  1.00 25.97 ? 52   TRP A CZ2 1 
ATOM   422  C CZ3 . TRP A 1 52  ? 9.508   17.211  -3.282  1.00 25.76 ? 52   TRP A CZ3 1 
ATOM   423  C CH2 . TRP A 1 52  ? 9.809   18.410  -2.614  1.00 25.48 ? 52   TRP A CH2 1 
ATOM   424  N N   . LEU A 1 53  ? 7.313   15.710  -7.675  1.00 15.83 ? 53   LEU A N   1 
ATOM   425  C CA  . LEU A 1 53  ? 8.580   15.027  -7.904  1.00 15.63 ? 53   LEU A CA  1 
ATOM   426  C C   . LEU A 1 53  ? 9.165   15.060  -9.296  1.00 17.07 ? 53   LEU A C   1 
ATOM   427  O O   . LEU A 1 53  ? 10.389  15.080  -9.451  1.00 17.65 ? 53   LEU A O   1 
ATOM   428  C CB  . LEU A 1 53  ? 8.462   13.559  -7.498  1.00 15.51 ? 53   LEU A CB  1 
ATOM   429  C CG  . LEU A 1 53  ? 8.330   13.205  -6.020  1.00 14.98 ? 53   LEU A CG  1 
ATOM   430  C CD1 . LEU A 1 53  ? 7.916   11.745  -5.899  1.00 16.52 ? 53   LEU A CD1 1 
ATOM   431  C CD2 . LEU A 1 53  ? 9.649   13.459  -5.300  1.00 15.72 ? 53   LEU A CD2 1 
ATOM   432  N N   . LYS A 1 54  ? 8.320   15.037  -10.318 1.00 17.11 ? 54   LYS A N   1 
ATOM   433  C CA  . LYS A 1 54  ? 8.845   15.017  -11.679 1.00 18.48 ? 54   LYS A CA  1 
ATOM   434  C C   . LYS A 1 54  ? 9.891   16.089  -11.964 1.00 19.18 ? 54   LYS A C   1 
ATOM   435  O O   . LYS A 1 54  ? 9.721   17.271  -11.641 1.00 20.05 ? 54   LYS A O   1 
ATOM   436  C CB  . LYS A 1 54  ? 7.720   15.096  -12.708 1.00 20.49 ? 54   LYS A CB  1 
ATOM   437  C CG  . LYS A 1 54  ? 6.872   16.316  -12.626 1.00 23.15 ? 54   LYS A CG  1 
ATOM   438  C CD  . LYS A 1 54  ? 5.883   16.315  -13.758 1.00 25.39 ? 54   LYS A CD  1 
ATOM   439  C CE  . LYS A 1 54  ? 4.745   17.258  -13.457 1.00 27.50 ? 54   LYS A CE  1 
ATOM   440  N NZ  . LYS A 1 54  ? 3.530   16.845  -14.218 1.00 29.95 ? 54   LYS A NZ  1 
ATOM   441  N N   . GLY A 1 55  ? 10.985  15.648  -12.573 1.00 19.86 ? 55   GLY A N   1 
ATOM   442  C CA  . GLY A 1 55  ? 12.071  16.539  -12.911 1.00 21.89 ? 55   GLY A CA  1 
ATOM   443  C C   . GLY A 1 55  ? 13.107  16.609  -11.809 1.00 22.87 ? 55   GLY A C   1 
ATOM   444  O O   . GLY A 1 55  ? 14.199  17.136  -12.011 1.00 25.22 ? 55   GLY A O   1 
ATOM   445  N N   . LYS A 1 56  ? 12.777  16.060  -10.643 1.00 23.49 ? 56   LYS A N   1 
ATOM   446  C CA  . LYS A 1 56  ? 13.686  16.090  -9.499  1.00 23.65 ? 56   LYS A CA  1 
ATOM   447  C C   . LYS A 1 56  ? 14.378  14.764  -9.202  1.00 23.98 ? 56   LYS A C   1 
ATOM   448  O O   . LYS A 1 56  ? 15.416  14.729  -8.538  1.00 25.67 ? 56   LYS A O   1 
ATOM   449  C CB  . LYS A 1 56  ? 12.930  16.543  -8.247  1.00 24.67 ? 56   LYS A CB  1 
ATOM   450  C CG  . LYS A 1 56  ? 12.248  17.890  -8.390  1.00 25.46 ? 56   LYS A CG  1 
ATOM   451  C CD  . LYS A 1 56  ? 11.457  18.244  -7.146  1.00 26.99 ? 56   LYS A CD  1 
ATOM   452  C CE  . LYS A 1 56  ? 10.717  19.559  -7.322  1.00 27.30 ? 56   LYS A CE  1 
ATOM   453  N NZ  . LYS A 1 56  ? 9.856   19.873  -6.150  1.00 28.53 ? 56   LYS A NZ  1 
ATOM   454  N N   . VAL A 1 57  ? 13.804  13.672  -9.692  1.00 22.37 ? 57   VAL A N   1 
ATOM   455  C CA  . VAL A 1 57  ? 14.367  12.352  -9.456  1.00 20.88 ? 57   VAL A CA  1 
ATOM   456  C C   . VAL A 1 57  ? 14.549  11.580  -10.760 1.00 20.46 ? 57   VAL A C   1 
ATOM   457  O O   . VAL A 1 57  ? 13.912  11.886  -11.762 1.00 20.73 ? 57   VAL A O   1 
ATOM   458  C CB  . VAL A 1 57  ? 13.460  11.529  -8.511  1.00 20.48 ? 57   VAL A CB  1 
ATOM   459  C CG1 . VAL A 1 57  ? 13.386  12.207  -7.154  1.00 20.51 ? 57   VAL A CG1 1 
ATOM   460  C CG2 . VAL A 1 57  ? 12.063  11.391  -9.105  1.00 20.84 ? 57   VAL A CG2 1 
ATOM   461  N N   . PRO A 1 58  ? 15.430  10.571  -10.767 1.00 20.65 ? 58   PRO A N   1 
ATOM   462  C CA  . PRO A 1 58  ? 15.641  9.789   -11.996 1.00 21.01 ? 58   PRO A CA  1 
ATOM   463  C C   . PRO A 1 58  ? 14.373  9.050   -12.407 1.00 20.52 ? 58   PRO A C   1 
ATOM   464  O O   . PRO A 1 58  ? 13.473  8.835   -11.590 1.00 20.45 ? 58   PRO A O   1 
ATOM   465  C CB  . PRO A 1 58  ? 16.773  8.822   -11.656 1.00 21.55 ? 58   PRO A CB  1 
ATOM   466  C CG  . PRO A 1 58  ? 17.117  9.078   -10.241 1.00 22.33 ? 58   PRO A CG  1 
ATOM   467  C CD  . PRO A 1 58  ? 16.226  10.086  -9.630  1.00 20.76 ? 58   PRO A CD  1 
ATOM   468  N N   . GLU A 1 59  ? 14.303  8.668   -13.676 1.00 19.97 ? 59   GLU A N   1 
ATOM   469  C CA  . GLU A 1 59  ? 13.132  7.986   -14.204 1.00 19.67 ? 59   GLU A CA  1 
ATOM   470  C C   . GLU A 1 59  ? 13.485  6.633   -14.814 1.00 19.47 ? 59   GLU A C   1 
ATOM   471  O O   . GLU A 1 59  ? 14.639  6.382   -15.168 1.00 20.28 ? 59   GLU A O   1 
ATOM   472  C CB  . GLU A 1 59  ? 12.464  8.881   -15.252 1.00 21.73 ? 59   GLU A CB  1 
ATOM   473  C CG  . GLU A 1 59  ? 12.335  10.324  -14.788 1.00 23.86 ? 59   GLU A CG  1 
ATOM   474  C CD  . GLU A 1 59  ? 11.814  11.252  -15.866 1.00 25.93 ? 59   GLU A CD  1 
ATOM   475  O OE1 . GLU A 1 59  ? 12.089  10.998  -17.056 1.00 27.40 ? 59   GLU A OE1 1 
ATOM   476  O OE2 . GLU A 1 59  ? 11.144  12.248  -15.520 1.00 28.17 ? 59   GLU A OE2 1 
ATOM   477  N N   . PRO A 1 60  ? 12.496  5.731   -14.920 1.00 17.36 ? 60   PRO A N   1 
ATOM   478  C CA  . PRO A 1 60  ? 11.116  5.971   -14.485 1.00 16.15 ? 60   PRO A CA  1 
ATOM   479  C C   . PRO A 1 60  ? 11.005  5.795   -12.977 1.00 14.74 ? 60   PRO A C   1 
ATOM   480  O O   . PRO A 1 60  ? 11.775  5.045   -12.372 1.00 14.96 ? 60   PRO A O   1 
ATOM   481  C CB  . PRO A 1 60  ? 10.335  4.911   -15.244 1.00 17.21 ? 60   PRO A CB  1 
ATOM   482  C CG  . PRO A 1 60  ? 11.280  3.749   -15.216 1.00 17.27 ? 60   PRO A CG  1 
ATOM   483  C CD  . PRO A 1 60  ? 12.618  4.402   -15.549 1.00 17.87 ? 60   PRO A CD  1 
ATOM   484  N N   . PHE A 1 61  ? 10.058  6.487   -12.358 1.00 13.03 ? 61   PHE A N   1 
ATOM   485  C CA  . PHE A 1 61  ? 9.898   6.359   -10.922 1.00 11.98 ? 61   PHE A CA  1 
ATOM   486  C C   . PHE A 1 61  ? 8.467   6.062   -10.517 1.00 11.32 ? 61   PHE A C   1 
ATOM   487  O O   . PHE A 1 61  ? 7.520   6.277   -11.285 1.00 12.27 ? 61   PHE A O   1 
ATOM   488  C CB  . PHE A 1 61  ? 10.427  7.615   -10.205 1.00 12.62 ? 61   PHE A CB  1 
ATOM   489  C CG  . PHE A 1 61  ? 9.565   8.841   -10.368 1.00 14.24 ? 61   PHE A CG  1 
ATOM   490  C CD1 . PHE A 1 61  ? 8.444   9.034   -9.568  1.00 14.32 ? 61   PHE A CD1 1 
ATOM   491  C CD2 . PHE A 1 61  ? 9.898   9.826   -11.297 1.00 14.08 ? 61   PHE A CD2 1 
ATOM   492  C CE1 . PHE A 1 61  ? 7.667   10.191  -9.684  1.00 14.50 ? 61   PHE A CE1 1 
ATOM   493  C CE2 . PHE A 1 61  ? 9.129   10.986  -11.423 1.00 15.11 ? 61   PHE A CE2 1 
ATOM   494  C CZ  . PHE A 1 61  ? 8.013   11.169  -10.613 1.00 14.82 ? 61   PHE A CZ  1 
ATOM   495  N N   . MET A 1 62  ? 8.324   5.549   -9.303  1.00 11.04 ? 62   MET A N   1 
ATOM   496  C CA  . MET A 1 62  ? 7.019   5.210   -8.764  1.00 10.98 ? 62   MET A CA  1 
ATOM   497  C C   . MET A 1 62  ? 6.926   5.652   -7.314  1.00 10.74 ? 62   MET A C   1 
ATOM   498  O O   . MET A 1 62  ? 7.938   5.815   -6.630  1.00 11.15 ? 62   MET A O   1 
ATOM   499  C CB  . MET A 1 62  ? 6.792   3.693   -8.822  1.00 11.55 ? 62   MET A CB  1 
ATOM   500  C CG  . MET A 1 62  ? 7.715   2.890   -7.895  1.00 11.16 ? 62   MET A CG  1 
ATOM   501  S SD  . MET A 1 62  ? 7.418   1.104   -7.886  1.00 14.69 ? 62   MET A SD  1 
ATOM   502  C CE  . MET A 1 62  ? 5.986   1.009   -6.832  1.00 15.13 ? 62   MET A CE  1 
ATOM   503  N N   . ILE A 1 63  ? 5.697   5.874   -6.867  1.00 11.25 ? 63   ILE A N   1 
ATOM   504  C CA  . ILE A 1 63  ? 5.420   6.205   -5.477  1.00 10.72 ? 63   ILE A CA  1 
ATOM   505  C C   . ILE A 1 63  ? 4.167   5.405   -5.153  1.00 11.07 ? 63   ILE A C   1 
ATOM   506  O O   . ILE A 1 63  ? 3.532   4.847   -6.053  1.00 10.55 ? 63   ILE A O   1 
ATOM   507  C CB  . ILE A 1 63  ? 5.155   7.717   -5.221  1.00 11.74 ? 63   ILE A CB  1 
ATOM   508  C CG1 . ILE A 1 63  ? 3.955   8.212   -6.026  1.00 11.69 ? 63   ILE A CG1 1 
ATOM   509  C CG2 . ILE A 1 63  ? 6.406   8.513   -5.533  1.00 12.78 ? 63   ILE A CG2 1 
ATOM   510  C CD1 . ILE A 1 63  ? 3.532   9.630   -5.662  1.00 13.44 ? 63   ILE A CD1 1 
ATOM   511  N N   . GLU A 1 64  ? 3.815   5.332   -3.878  1.00 9.89  ? 64   GLU A N   1 
ATOM   512  C CA  . GLU A 1 64  ? 2.635   4.577   -3.499  1.00 9.77  ? 64   GLU A CA  1 
ATOM   513  C C   . GLU A 1 64  ? 2.026   5.144   -2.239  1.00 9.94  ? 64   GLU A C   1 
ATOM   514  O O   . GLU A 1 64  ? 2.722   5.706   -1.394  1.00 11.20 ? 64   GLU A O   1 
ATOM   515  C CB  . GLU A 1 64  ? 3.014   3.106   -3.254  1.00 11.83 ? 64   GLU A CB  1 
ATOM   516  C CG  . GLU A 1 64  ? 1.827   2.147   -3.083  1.00 12.85 ? 64   GLU A CG  1 
ATOM   517  C CD  . GLU A 1 64  ? 1.470   1.837   -1.632  1.00 12.85 ? 64   GLU A CD  1 
ATOM   518  O OE1 . GLU A 1 64  ? 1.772   2.655   -0.737  1.00 12.88 ? 64   GLU A OE1 1 
ATOM   519  O OE2 . GLU A 1 64  ? 0.860   0.768   -1.390  1.00 12.43 ? 64   GLU A OE2 1 
ATOM   520  N N   . ASP A 1 65  ? 0.708   5.047   -2.143  1.00 9.30  ? 65   ASP A N   1 
ATOM   521  C CA  . ASP A 1 65  ? 0.037   5.444   -0.918  1.00 9.63  ? 65   ASP A CA  1 
ATOM   522  C C   . ASP A 1 65  ? -0.997  4.362   -0.658  1.00 10.64 ? 65   ASP A C   1 
ATOM   523  O O   . ASP A 1 65  ? -1.536  3.761   -1.587  1.00 10.57 ? 65   ASP A O   1 
ATOM   524  C CB  . ASP A 1 65  ? -0.614  6.827   -1.005  1.00 10.28 ? 65   ASP A CB  1 
ATOM   525  C CG  . ASP A 1 65  ? -0.911  7.404   0.376   1.00 10.90 ? 65   ASP A CG  1 
ATOM   526  O OD1 . ASP A 1 65  ? -0.411  6.845   1.376   1.00 12.85 ? 65   ASP A OD1 1 
ATOM   527  O OD2 . ASP A 1 65  ? -1.627  8.417   0.470   1.00 12.88 ? 65   ASP A OD2 1 
ATOM   528  N N   . SER A 1 66  ? -1.246  4.089   0.612   1.00 9.59  ? 66   SER A N   1 
ATOM   529  C CA  . SER A 1 66  ? -2.188  3.047   0.973   1.00 9.82  ? 66   SER A CA  1 
ATOM   530  C C   . SER A 1 66  ? -2.830  3.359   2.307   1.00 10.57 ? 66   SER A C   1 
ATOM   531  O O   . SER A 1 66  ? -2.366  4.224   3.057   1.00 11.07 ? 66   SER A O   1 
ATOM   532  C CB  . SER A 1 66  ? -1.456  1.709   1.071   1.00 11.31 ? 66   SER A CB  1 
ATOM   533  O OG  . SER A 1 66  ? -0.400  1.802   2.016   1.00 17.82 ? 66   SER A OG  1 
ATOM   534  N N   . GLY A 1 67  ? -3.910  2.651   2.602   1.00 9.61  ? 67   GLY A N   1 
ATOM   535  C CA  . GLY A 1 67  ? -4.577  2.856   3.865   1.00 9.58  ? 67   GLY A CA  1 
ATOM   536  C C   . GLY A 1 67  ? -5.586  1.769   4.149   1.00 9.49  ? 67   GLY A C   1 
ATOM   537  O O   . GLY A 1 67  ? -5.956  0.990   3.261   1.00 10.12 ? 67   GLY A O   1 
ATOM   538  N N   . LEU A 1 68  ? -6.003  1.720   5.412   1.00 9.38  ? 68   LEU A N   1 
ATOM   539  C CA  . LEU A 1 68  ? -7.006  0.781   5.908   1.00 9.09  ? 68   LEU A CA  1 
ATOM   540  C C   . LEU A 1 68  ? -8.289  1.588   6.090   1.00 10.38 ? 68   LEU A C   1 
ATOM   541  O O   . LEU A 1 68  ? -8.279  2.631   6.748   1.00 9.91  ? 68   LEU A O   1 
ATOM   542  C CB  . LEU A 1 68  ? -6.563  0.204   7.255   1.00 10.30 ? 68   LEU A CB  1 
ATOM   543  C CG  . LEU A 1 68  ? -7.564  -0.686  7.993   1.00 9.81  ? 68   LEU A CG  1 
ATOM   544  C CD1 . LEU A 1 68  ? -7.864  -1.938  7.179   1.00 12.80 ? 68   LEU A CD1 1 
ATOM   545  C CD2 . LEU A 1 68  ? -6.986  -1.062  9.355   1.00 12.01 ? 68   LEU A CD2 1 
ATOM   546  N N   . PHE A 1 69  ? -9.382  1.102   5.504   1.00 9.17  ? 69   PHE A N   1 
ATOM   547  C CA  . PHE A 1 69  ? -10.676 1.780   5.575   1.00 10.10 ? 69   PHE A CA  1 
ATOM   548  C C   . PHE A 1 69  ? -11.684 0.883   6.297   1.00 10.07 ? 69   PHE A C   1 
ATOM   549  O O   . PHE A 1 69  ? -12.116 -0.140  5.765   1.00 10.63 ? 69   PHE A O   1 
ATOM   550  C CB  . PHE A 1 69  ? -11.159 2.103   4.153   1.00 10.93 ? 69   PHE A CB  1 
ATOM   551  C CG  . PHE A 1 69  ? -10.227 3.013   3.383   1.00 9.98  ? 69   PHE A CG  1 
ATOM   552  C CD1 . PHE A 1 69  ? -10.559 4.347   3.164   1.00 10.90 ? 69   PHE A CD1 1 
ATOM   553  C CD2 . PHE A 1 69  ? -9.017  2.533   2.885   1.00 11.04 ? 69   PHE A CD2 1 
ATOM   554  C CE1 . PHE A 1 69  ? -9.700  5.191   2.460   1.00 11.21 ? 69   PHE A CE1 1 
ATOM   555  C CE2 . PHE A 1 69  ? -8.153  3.371   2.180   1.00 11.16 ? 69   PHE A CE2 1 
ATOM   556  C CZ  . PHE A 1 69  ? -8.498  4.699   1.969   1.00 10.98 ? 69   PHE A CZ  1 
ATOM   557  N N   . ILE A 1 70  ? -12.049 1.276   7.515   1.00 10.17 ? 70   ILE A N   1 
ATOM   558  C CA  . ILE A 1 70  ? -12.977 0.493   8.334   1.00 10.94 ? 70   ILE A CA  1 
ATOM   559  C C   . ILE A 1 70  ? -14.428 0.943   8.167   1.00 11.56 ? 70   ILE A C   1 
ATOM   560  O O   . ILE A 1 70  ? -14.775 2.093   8.433   1.00 11.36 ? 70   ILE A O   1 
ATOM   561  C CB  . ILE A 1 70  ? -12.541 0.552   9.825   1.00 10.00 ? 70   ILE A CB  1 
ATOM   562  C CG1 . ILE A 1 70  ? -11.099 0.039   9.942   1.00 11.57 ? 70   ILE A CG1 1 
ATOM   563  C CG2 . ILE A 1 70  ? -13.481 -0.285  10.694  1.00 12.29 ? 70   ILE A CG2 1 
ATOM   564  C CD1 . ILE A 1 70  ? -10.476 0.228   11.307  1.00 12.39 ? 70   ILE A CD1 1 
ATOM   565  N N   . GLU A 1 71  ? -15.268 0.017   7.716   1.00 13.24 ? 71   GLU A N   1 
ATOM   566  C CA  . GLU A 1 71  ? -16.683 0.296   7.466   1.00 15.08 ? 71   GLU A CA  1 
ATOM   567  C C   . GLU A 1 71  ? -17.451 0.963   8.602   1.00 15.40 ? 71   GLU A C   1 
ATOM   568  O O   . GLU A 1 71  ? -18.076 2.005   8.408   1.00 17.25 ? 71   GLU A O   1 
ATOM   569  C CB  . GLU A 1 71  ? -17.397 -0.993  7.070   1.00 17.91 ? 71   GLU A CB  1 
ATOM   570  C CG  . GLU A 1 71  ? -17.095 -1.445  5.661   1.00 22.82 ? 71   GLU A CG  1 
ATOM   571  C CD  . GLU A 1 71  ? -17.547 -0.428  4.628   1.00 25.58 ? 71   GLU A CD  1 
ATOM   572  O OE1 . GLU A 1 71  ? -18.757 -0.120  4.583   1.00 27.50 ? 71   GLU A OE1 1 
ATOM   573  O OE2 . GLU A 1 71  ? -16.693 0.061   3.863   1.00 28.35 ? 71   GLU A OE2 1 
ATOM   574  N N   . SER A 1 72  ? -17.403 0.364   9.784   1.00 15.34 ? 72   SER A N   1 
ATOM   575  C CA  . SER A 1 72  ? -18.118 0.900   10.937  1.00 16.72 ? 72   SER A CA  1 
ATOM   576  C C   . SER A 1 72  ? -17.592 2.256   11.389  1.00 16.80 ? 72   SER A C   1 
ATOM   577  O O   . SER A 1 72  ? -18.228 2.934   12.197  1.00 18.63 ? 72   SER A O   1 
ATOM   578  C CB  . SER A 1 72  ? -18.047 -0.092  12.097  1.00 19.76 ? 72   SER A CB  1 
ATOM   579  O OG  . SER A 1 72  ? -16.706 -0.317  12.487  1.00 23.05 ? 72   SER A OG  1 
ATOM   580  N N   . LEU A 1 73  ? -16.433 2.652   10.867  1.00 15.59 ? 73   LEU A N   1 
ATOM   581  C CA  . LEU A 1 73  ? -15.832 3.929   11.235  1.00 15.13 ? 73   LEU A CA  1 
ATOM   582  C C   . LEU A 1 73  ? -15.816 4.920   10.075  1.00 14.56 ? 73   LEU A C   1 
ATOM   583  O O   . LEU A 1 73  ? -14.978 5.820   10.028  1.00 13.23 ? 73   LEU A O   1 
ATOM   584  C CB  . LEU A 1 73  ? -14.408 3.705   11.758  1.00 15.10 ? 73   LEU A CB  1 
ATOM   585  C CG  . LEU A 1 73  ? -14.303 2.765   12.967  1.00 16.18 ? 73   LEU A CG  1 
ATOM   586  C CD1 . LEU A 1 73  ? -12.848 2.589   13.361  1.00 16.08 ? 73   LEU A CD1 1 
ATOM   587  C CD2 . LEU A 1 73  ? -15.107 3.326   14.134  1.00 18.41 ? 73   LEU A CD2 1 
ATOM   588  N N   . LYS A 1 74  ? -16.747 4.746   9.142   1.00 14.94 ? 74   LYS A N   1 
ATOM   589  C CA  . LYS A 1 74  ? -16.880 5.623   7.979   1.00 15.28 ? 74   LYS A CA  1 
ATOM   590  C C   . LYS A 1 74  ? -15.616 5.758   7.131   1.00 13.60 ? 74   LYS A C   1 
ATOM   591  O O   . LYS A 1 74  ? -15.350 6.817   6.563   1.00 14.38 ? 74   LYS A O   1 
ATOM   592  C CB  . LYS A 1 74  ? -17.346 7.017   8.414   1.00 17.47 ? 74   LYS A CB  1 
ATOM   593  C CG  . LYS A 1 74  ? -18.736 7.057   9.031   1.00 20.82 ? 74   LYS A CG  1 
ATOM   594  C CD  . LYS A 1 74  ? -19.157 8.495   9.323   1.00 23.62 ? 74   LYS A CD  1 
ATOM   595  C CE  . LYS A 1 74  ? -20.542 8.558   9.951   1.00 26.17 ? 74   LYS A CE  1 
ATOM   596  N NZ  . LYS A 1 74  ? -20.598 7.842   11.257  1.00 29.13 ? 74   LYS A NZ  1 
ATOM   597  N N   . GLY A 1 75  ? -14.837 4.685   7.051   1.00 13.93 ? 75   GLY A N   1 
ATOM   598  C CA  . GLY A 1 75  ? -13.632 4.720   6.241   1.00 12.45 ? 75   GLY A CA  1 
ATOM   599  C C   . GLY A 1 75  ? -12.344 5.046   6.968   1.00 11.08 ? 75   GLY A C   1 
ATOM   600  O O   . GLY A 1 75  ? -11.265 4.936   6.392   1.00 11.83 ? 75   GLY A O   1 
ATOM   601  N N   . PHE A 1 76  ? -12.460 5.465   8.222   1.00 12.07 ? 76   PHE A N   1 
ATOM   602  C CA  . PHE A 1 76  ? -11.306 5.793   9.057   1.00 11.16 ? 76   PHE A CA  1 
ATOM   603  C C   . PHE A 1 76  ? -10.490 4.513   9.268   1.00 10.46 ? 76   PHE A C   1 
ATOM   604  O O   . PHE A 1 76  ? -11.046 3.421   9.367   1.00 11.68 ? 76   PHE A O   1 
ATOM   605  C CB  . PHE A 1 76  ? -11.837 6.366   10.382  1.00 11.23 ? 76   PHE A CB  1 
ATOM   606  C CG  . PHE A 1 76  ? -10.812 6.509   11.475  1.00 10.18 ? 76   PHE A CG  1 
ATOM   607  C CD1 . PHE A 1 76  ? -10.435 5.414   12.238  1.00 9.99  ? 76   PHE A CD1 1 
ATOM   608  C CD2 . PHE A 1 76  ? -10.288 7.756   11.794  1.00 10.88 ? 76   PHE A CD2 1 
ATOM   609  C CE1 . PHE A 1 76  ? -9.562  5.556   13.310  1.00 9.98  ? 76   PHE A CE1 1 
ATOM   610  C CE2 . PHE A 1 76  ? -9.411  7.910   12.864  1.00 10.27 ? 76   PHE A CE2 1 
ATOM   611  C CZ  . PHE A 1 76  ? -9.051  6.806   13.624  1.00 9.46  ? 76   PHE A CZ  1 
ATOM   612  N N   . PRO A 1 77  ? -9.153  4.628   9.336   1.00 9.56  ? 77   PRO A N   1 
ATOM   613  C CA  . PRO A 1 77  ? -8.332  5.843   9.243   1.00 9.17  ? 77   PRO A CA  1 
ATOM   614  C C   . PRO A 1 77  ? -7.985  6.279   7.816   1.00 9.66  ? 77   PRO A C   1 
ATOM   615  O O   . PRO A 1 77  ? -7.462  7.375   7.607   1.00 10.37 ? 77   PRO A O   1 
ATOM   616  C CB  . PRO A 1 77  ? -7.103  5.481   10.068  1.00 10.93 ? 77   PRO A CB  1 
ATOM   617  C CG  . PRO A 1 77  ? -6.932  4.025   9.771   1.00 9.00  ? 77   PRO A CG  1 
ATOM   618  C CD  . PRO A 1 77  ? -8.350  3.485   9.812   1.00 9.53  ? 77   PRO A CD  1 
ATOM   619  N N   . GLY A 1 78  ? -8.265  5.401   6.857   1.00 10.28 ? 78   GLY A N   1 
ATOM   620  C CA  . GLY A 1 78  ? -8.046  5.695   5.451   1.00 10.47 ? 78   GLY A CA  1 
ATOM   621  C C   . GLY A 1 78  ? -6.736  6.331   5.043   1.00 9.46  ? 78   GLY A C   1 
ATOM   622  O O   . GLY A 1 78  ? -5.662  5.798   5.307   1.00 10.70 ? 78   GLY A O   1 
ATOM   623  N N   . VAL A 1 79  ? -6.837  7.475   4.377   1.00 10.15 ? 79   VAL A N   1 
ATOM   624  C CA  . VAL A 1 79  ? -5.673  8.198   3.905   1.00 10.79 ? 79   VAL A CA  1 
ATOM   625  C C   . VAL A 1 79  ? -4.679  8.520   5.019   1.00 11.19 ? 79   VAL A C   1 
ATOM   626  O O   . VAL A 1 79  ? -3.483  8.658   4.765   1.00 12.31 ? 79   VAL A O   1 
ATOM   627  C CB  . VAL A 1 79  ? -6.116  9.509   3.196   1.00 11.82 ? 79   VAL A CB  1 
ATOM   628  C CG1 . VAL A 1 79  ? -4.915  10.386  2.878   1.00 14.69 ? 79   VAL A CG1 1 
ATOM   629  C CG2 . VAL A 1 79  ? -6.859  9.161   1.911   1.00 14.16 ? 79   VAL A CG2 1 
ATOM   630  N N   . TYR A 1 80  ? -5.157  8.595   6.258   1.00 10.23 ? 80   TYR A N   1 
ATOM   631  C CA  . TYR A 1 80  ? -4.292  8.949   7.382   1.00 10.65 ? 80   TYR A CA  1 
ATOM   632  C C   . TYR A 1 80  ? -3.930  7.759   8.248   1.00 9.89  ? 80   TYR A C   1 
ATOM   633  O O   . TYR A 1 80  ? -3.637  7.903   9.434   1.00 10.36 ? 80   TYR A O   1 
ATOM   634  C CB  . TYR A 1 80  ? -4.979  10.041  8.200   1.00 12.34 ? 80   TYR A CB  1 
ATOM   635  C CG  . TYR A 1 80  ? -5.425  11.179  7.312   1.00 13.45 ? 80   TYR A CG  1 
ATOM   636  C CD1 . TYR A 1 80  ? -4.498  12.079  6.775   1.00 15.53 ? 80   TYR A CD1 1 
ATOM   637  C CD2 . TYR A 1 80  ? -6.758  11.311  6.936   1.00 13.38 ? 80   TYR A CD2 1 
ATOM   638  C CE1 . TYR A 1 80  ? -4.896  13.074  5.889   1.00 17.09 ? 80   TYR A CE1 1 
ATOM   639  C CE2 . TYR A 1 80  ? -7.160  12.302  6.055   1.00 14.38 ? 80   TYR A CE2 1 
ATOM   640  C CZ  . TYR A 1 80  ? -6.226  13.173  5.536   1.00 14.47 ? 80   TYR A CZ  1 
ATOM   641  O OH  . TYR A 1 80  ? -6.611  14.150  4.652   1.00 17.18 ? 80   TYR A OH  1 
ATOM   642  N N   . SER A 1 81  ? -3.922  6.582   7.633   1.00 10.70 ? 81   SER A N   1 
ATOM   643  C CA  . SER A 1 81  ? -3.590  5.353   8.327   1.00 10.12 ? 81   SER A CA  1 
ATOM   644  C C   . SER A 1 81  ? -2.246  5.386   9.045   1.00 11.34 ? 81   SER A C   1 
ATOM   645  O O   . SER A 1 81  ? -2.134  4.888   10.164  1.00 11.52 ? 81   SER A O   1 
ATOM   646  C CB  . SER A 1 81  ? -3.607  4.180   7.346   1.00 10.68 ? 81   SER A CB  1 
ATOM   647  O OG  . SER A 1 81  ? -4.934  3.831   6.986   1.00 9.89  ? 81   SER A OG  1 
ATOM   648  N N   . SER A 1 82  ? -1.229  5.963   8.409   1.00 11.40 ? 82   SER A N   1 
ATOM   649  C CA  . SER A 1 82  ? 0.098   6.013   9.023   1.00 12.87 ? 82   SER A CA  1 
ATOM   650  C C   . SER A 1 82  ? 0.124   6.825   10.316  1.00 11.43 ? 82   SER A C   1 
ATOM   651  O O   . SER A 1 82  ? 0.671   6.384   11.330  1.00 13.14 ? 82   SER A O   1 
ATOM   652  C CB  . SER A 1 82  ? 1.126   6.583   8.042   1.00 14.67 ? 82   SER A CB  1 
ATOM   653  O OG  . SER A 1 82  ? 1.262   5.750   6.902   1.00 20.39 ? 82   SER A OG  1 
ATOM   654  N N   . TYR A 1 83  ? -0.472  8.012   10.278  1.00 11.28 ? 83   TYR A N   1 
ATOM   655  C CA  . TYR A 1 83  ? -0.519  8.872   11.450  1.00 11.99 ? 83   TYR A CA  1 
ATOM   656  C C   . TYR A 1 83  ? -1.302  8.220   12.585  1.00 11.11 ? 83   TYR A C   1 
ATOM   657  O O   . TYR A 1 83  ? -0.889  8.252   13.746  1.00 11.36 ? 83   TYR A O   1 
ATOM   658  C CB  . TYR A 1 83  ? -1.178  10.207  11.106  1.00 12.11 ? 83   TYR A CB  1 
ATOM   659  C CG  . TYR A 1 83  ? -1.490  11.028  12.331  1.00 12.17 ? 83   TYR A CG  1 
ATOM   660  C CD1 . TYR A 1 83  ? -0.492  11.747  12.983  1.00 13.04 ? 83   TYR A CD1 1 
ATOM   661  C CD2 . TYR A 1 83  ? -2.777  11.044  12.872  1.00 11.92 ? 83   TYR A CD2 1 
ATOM   662  C CE1 . TYR A 1 83  ? -0.764  12.462  14.146  1.00 13.41 ? 83   TYR A CE1 1 
ATOM   663  C CE2 . TYR A 1 83  ? -3.057  11.753  14.035  1.00 13.97 ? 83   TYR A CE2 1 
ATOM   664  C CZ  . TYR A 1 83  ? -2.049  12.457  14.663  1.00 15.22 ? 83   TYR A CZ  1 
ATOM   665  O OH  . TYR A 1 83  ? -2.325  13.156  15.815  1.00 17.14 ? 83   TYR A OH  1 
ATOM   666  N N   . VAL A 1 84  ? -2.452  7.646   12.250  1.00 10.70 ? 84   VAL A N   1 
ATOM   667  C CA  . VAL A 1 84  ? -3.293  7.012   13.256  1.00 11.25 ? 84   VAL A CA  1 
ATOM   668  C C   . VAL A 1 84  ? -2.561  5.828   13.884  1.00 10.04 ? 84   VAL A C   1 
ATOM   669  O O   . VAL A 1 84  ? -2.624  5.628   15.097  1.00 10.55 ? 84   VAL A O   1 
ATOM   670  C CB  . VAL A 1 84  ? -4.650  6.585   12.631  1.00 10.07 ? 84   VAL A CB  1 
ATOM   671  C CG1 . VAL A 1 84  ? -5.485  5.794   13.637  1.00 11.32 ? 84   VAL A CG1 1 
ATOM   672  C CG2 . VAL A 1 84  ? -5.412  7.833   12.190  1.00 12.32 ? 84   VAL A CG2 1 
ATOM   673  N N   . TYR A 1 85  ? -1.844  5.063   13.066  1.00 10.92 ? 85   TYR A N   1 
ATOM   674  C CA  . TYR A 1 85  ? -1.083  3.925   13.577  1.00 10.68 ? 85   TYR A CA  1 
ATOM   675  C C   . TYR A 1 85  ? -0.005  4.383   14.566  1.00 11.28 ? 85   TYR A C   1 
ATOM   676  O O   . TYR A 1 85  ? 0.198   3.760   15.607  1.00 12.77 ? 85   TYR A O   1 
ATOM   677  C CB  . TYR A 1 85  ? -0.404  3.164   12.436  1.00 12.61 ? 85   TYR A CB  1 
ATOM   678  C CG  . TYR A 1 85  ? 0.487   2.041   12.929  1.00 12.93 ? 85   TYR A CG  1 
ATOM   679  C CD1 . TYR A 1 85  ? -0.058  0.866   13.445  1.00 13.99 ? 85   TYR A CD1 1 
ATOM   680  C CD2 . TYR A 1 85  ? 1.877   2.176   12.920  1.00 15.02 ? 85   TYR A CD2 1 
ATOM   681  C CE1 . TYR A 1 85  ? 0.756   -0.148  13.943  1.00 14.70 ? 85   TYR A CE1 1 
ATOM   682  C CE2 . TYR A 1 85  ? 2.702   1.168   13.416  1.00 16.66 ? 85   TYR A CE2 1 
ATOM   683  C CZ  . TYR A 1 85  ? 2.134   0.011   13.925  1.00 15.58 ? 85   TYR A CZ  1 
ATOM   684  O OH  . TYR A 1 85  ? 2.939   -0.994  14.416  1.00 19.89 ? 85   TYR A OH  1 
ATOM   685  N N   . ARG A 1 86  ? 0.691   5.469   14.231  1.00 13.05 ? 86   ARG A N   1 
ATOM   686  C CA  . ARG A 1 86  ? 1.751   5.986   15.093  1.00 15.04 ? 86   ARG A CA  1 
ATOM   687  C C   . ARG A 1 86  ? 1.250   6.559   16.412  1.00 15.90 ? 86   ARG A C   1 
ATOM   688  O O   . ARG A 1 86  ? 1.977   6.569   17.407  1.00 18.63 ? 86   ARG A O   1 
ATOM   689  C CB  . ARG A 1 86  ? 2.556   7.068   14.368  1.00 16.07 ? 86   ARG A CB  1 
ATOM   690  C CG  . ARG A 1 86  ? 3.377   6.574   13.193  1.00 17.90 ? 86   ARG A CG  1 
ATOM   691  C CD  . ARG A 1 86  ? 4.387   7.634   12.767  1.00 19.67 ? 86   ARG A CD  1 
ATOM   692  N NE  . ARG A 1 86  ? 3.760   8.879   12.328  1.00 22.01 ? 86   ARG A NE  1 
ATOM   693  C CZ  . ARG A 1 86  ? 3.271   9.084   11.109  1.00 22.67 ? 86   ARG A CZ  1 
ATOM   694  N NH1 . ARG A 1 86  ? 3.336   8.126   10.195  1.00 24.92 ? 86   ARG A NH1 1 
ATOM   695  N NH2 . ARG A 1 86  ? 2.721   10.252  10.802  1.00 23.10 ? 86   ARG A NH2 1 
ATOM   696  N N   . THR A 1 87  ? 0.010   7.038   16.427  1.00 13.48 ? 87   THR A N   1 
ATOM   697  C CA  . THR A 1 87  ? -0.546  7.628   17.634  1.00 14.24 ? 87   THR A CA  1 
ATOM   698  C C   . THR A 1 87  ? -1.377  6.674   18.480  1.00 15.52 ? 87   THR A C   1 
ATOM   699  O O   . THR A 1 87  ? -0.945  6.286   19.562  1.00 18.91 ? 87   THR A O   1 
ATOM   700  C CB  . THR A 1 87  ? -1.368  8.891   17.305  1.00 13.76 ? 87   THR A CB  1 
ATOM   701  O OG1 . THR A 1 87  ? -2.339  8.591   16.292  1.00 14.13 ? 87   THR A OG1 1 
ATOM   702  C CG2 . THR A 1 87  ? -0.440  9.996   16.807  1.00 15.32 ? 87   THR A CG2 1 
ATOM   703  N N   . ILE A 1 88  ? -2.564  6.290   18.014  1.00 14.36 ? 88   ILE A N   1 
ATOM   704  C CA  . ILE A 1 88  ? -3.386  5.383   18.804  1.00 13.74 ? 88   ILE A CA  1 
ATOM   705  C C   . ILE A 1 88  ? -3.034  3.909   18.577  1.00 13.47 ? 88   ILE A C   1 
ATOM   706  O O   . ILE A 1 88  ? -3.367  3.055   19.399  1.00 13.03 ? 88   ILE A O   1 
ATOM   707  C CB  . ILE A 1 88  ? -4.907  5.636   18.576  1.00 13.38 ? 88   ILE A CB  1 
ATOM   708  C CG1 . ILE A 1 88  ? -5.332  5.244   17.163  1.00 13.25 ? 88   ILE A CG1 1 
ATOM   709  C CG2 . ILE A 1 88  ? -5.221  7.110   18.837  1.00 15.78 ? 88   ILE A CG2 1 
ATOM   710  C CD1 . ILE A 1 88  ? -6.836  5.405   16.925  1.00 13.96 ? 88   ILE A CD1 1 
ATOM   711  N N   . GLY A 1 89  ? -2.354  3.624   17.468  1.00 12.73 ? 89   GLY A N   1 
ATOM   712  C CA  . GLY A 1 89  ? -1.913  2.273   17.161  1.00 13.56 ? 89   GLY A CA  1 
ATOM   713  C C   . GLY A 1 89  ? -2.955  1.179   17.065  1.00 12.57 ? 89   GLY A C   1 
ATOM   714  O O   . GLY A 1 89  ? -4.148  1.436   16.910  1.00 13.27 ? 89   GLY A O   1 
ATOM   715  N N   . LEU A 1 90  ? -2.488  -0.063  17.155  1.00 12.12 ? 90   LEU A N   1 
ATOM   716  C CA  . LEU A 1 90  ? -3.373  -1.217  17.089  1.00 11.80 ? 90   LEU A CA  1 
ATOM   717  C C   . LEU A 1 90  ? -4.379  -1.175  18.233  1.00 12.69 ? 90   LEU A C   1 
ATOM   718  O O   . LEU A 1 90  ? -5.563  -1.466  18.048  1.00 12.27 ? 90   LEU A O   1 
ATOM   719  C CB  . LEU A 1 90  ? -2.560  -2.512  17.175  1.00 12.18 ? 90   LEU A CB  1 
ATOM   720  C CG  . LEU A 1 90  ? -1.435  -2.716  16.155  1.00 13.48 ? 90   LEU A CG  1 
ATOM   721  C CD1 . LEU A 1 90  ? -0.751  -4.051  16.416  1.00 16.43 ? 90   LEU A CD1 1 
ATOM   722  C CD2 . LEU A 1 90  ? -1.999  -2.671  14.745  1.00 16.30 ? 90   LEU A CD2 1 
ATOM   723  N N   . GLU A 1 91  ? -3.902  -0.812  19.420  1.00 12.97 ? 91   GLU A N   1 
ATOM   724  C CA  . GLU A 1 91  ? -4.760  -0.737  20.596  1.00 14.49 ? 91   GLU A CA  1 
ATOM   725  C C   . GLU A 1 91  ? -5.931  0.214   20.373  1.00 13.03 ? 91   GLU A C   1 
ATOM   726  O O   . GLU A 1 91  ? -7.061  -0.076  20.764  1.00 12.78 ? 91   GLU A O   1 
ATOM   727  C CB  . GLU A 1 91  ? -3.945  -0.270  21.808  1.00 17.66 ? 91   GLU A CB  1 
ATOM   728  C CG  . GLU A 1 91  ? -4.753  -0.148  23.092  1.00 25.17 ? 91   GLU A CG  1 
ATOM   729  C CD  . GLU A 1 91  ? -3.950  0.438   24.239  1.00 29.63 ? 91   GLU A CD  1 
ATOM   730  O OE1 . GLU A 1 91  ? -2.875  -0.111  24.559  1.00 32.44 ? 91   GLU A OE1 1 
ATOM   731  O OE2 . GLU A 1 91  ? -4.396  1.450   24.824  1.00 32.22 ? 91   GLU A OE2 1 
ATOM   732  N N   . GLY A 1 92  ? -5.654  1.349   19.741  1.00 12.58 ? 92   GLY A N   1 
ATOM   733  C CA  . GLY A 1 92  ? -6.690  2.333   19.485  1.00 12.52 ? 92   GLY A CA  1 
ATOM   734  C C   . GLY A 1 92  ? -7.775  1.841   18.549  1.00 11.29 ? 92   GLY A C   1 
ATOM   735  O O   . GLY A 1 92  ? -8.963  2.091   18.777  1.00 11.72 ? 92   GLY A O   1 
ATOM   736  N N   . ILE A 1 93  ? -7.386  1.151   17.481  1.00 10.74 ? 93   ILE A N   1 
ATOM   737  C CA  . ILE A 1 93  ? -8.378  0.633   16.552  1.00 10.89 ? 93   ILE A CA  1 
ATOM   738  C C   . ILE A 1 93  ? -9.230  -0.427  17.250  1.00 10.88 ? 93   ILE A C   1 
ATOM   739  O O   . ILE A 1 93  ? -10.452 -0.426  17.131  1.00 11.44 ? 93   ILE A O   1 
ATOM   740  C CB  . ILE A 1 93  ? -7.714  0.021   15.288  1.00 9.72  ? 93   ILE A CB  1 
ATOM   741  C CG1 . ILE A 1 93  ? -6.956  1.107   14.513  1.00 12.65 ? 93   ILE A CG1 1 
ATOM   742  C CG2 . ILE A 1 93  ? -8.781  -0.635  14.398  1.00 11.31 ? 93   ILE A CG2 1 
ATOM   743  C CD1 . ILE A 1 93  ? -7.829  2.239   14.005  1.00 14.32 ? 93   ILE A CD1 1 
ATOM   744  N N   . LEU A 1 94  ? -8.596  -1.321  18.000  1.00 10.86 ? 94   LEU A N   1 
ATOM   745  C CA  . LEU A 1 94  ? -9.351  -2.358  18.693  1.00 11.07 ? 94   LEU A CA  1 
ATOM   746  C C   . LEU A 1 94  ? -10.310 -1.742  19.722  1.00 11.47 ? 94   LEU A C   1 
ATOM   747  O O   . LEU A 1 94  ? -11.431 -2.221  19.901  1.00 13.13 ? 94   LEU A O   1 
ATOM   748  C CB  . LEU A 1 94  ? -8.397  -3.359  19.357  1.00 11.78 ? 94   LEU A CB  1 
ATOM   749  C CG  . LEU A 1 94  ? -7.547  -4.191  18.386  1.00 12.31 ? 94   LEU A CG  1 
ATOM   750  C CD1 . LEU A 1 94  ? -6.604  -5.086  19.180  1.00 15.41 ? 94   LEU A CD1 1 
ATOM   751  C CD2 . LEU A 1 94  ? -8.450  -5.029  17.488  1.00 14.44 ? 94   LEU A CD2 1 
ATOM   752  N N   . LYS A 1 95  ? -9.876  -0.671  20.377  1.00 12.33 ? 95   LYS A N   1 
ATOM   753  C CA  . LYS A 1 95  ? -10.718 0.006   21.361  1.00 12.66 ? 95   LYS A CA  1 
ATOM   754  C C   . LYS A 1 95  ? -11.957 0.579   20.669  1.00 13.37 ? 95   LYS A C   1 
ATOM   755  O O   . LYS A 1 95  ? -13.082 0.410   21.143  1.00 13.94 ? 95   LYS A O   1 
ATOM   756  C CB  . LYS A 1 95  ? -9.924  1.131   22.035  1.00 14.15 ? 95   LYS A CB  1 
ATOM   757  C CG  . LYS A 1 95  ? -10.709 1.954   23.043  1.00 17.60 ? 95   LYS A CG  1 
ATOM   758  C CD  . LYS A 1 95  ? -11.155 1.113   24.219  1.00 20.94 ? 95   LYS A CD  1 
ATOM   759  C CE  . LYS A 1 95  ? -11.782 1.984   25.293  1.00 23.40 ? 95   LYS A CE  1 
ATOM   760  N NZ  . LYS A 1 95  ? -10.810 3.001   25.772  1.00 23.79 ? 95   LYS A NZ  1 
ATOM   761  N N   . LEU A 1 96  ? -11.746 1.262   19.548  1.00 12.11 ? 96   LEU A N   1 
ATOM   762  C CA  . LEU A 1 96  ? -12.843 1.850   18.784  1.00 13.07 ? 96   LEU A CA  1 
ATOM   763  C C   . LEU A 1 96  ? -13.820 0.799   18.288  1.00 13.72 ? 96   LEU A C   1 
ATOM   764  O O   . LEU A 1 96  ? -15.014 1.068   18.148  1.00 16.10 ? 96   LEU A O   1 
ATOM   765  C CB  . LEU A 1 96  ? -12.300 2.617   17.575  1.00 12.80 ? 96   LEU A CB  1 
ATOM   766  C CG  . LEU A 1 96  ? -11.808 4.042   17.803  1.00 12.52 ? 96   LEU A CG  1 
ATOM   767  C CD1 . LEU A 1 96  ? -10.998 4.492   16.599  1.00 14.49 ? 96   LEU A CD1 1 
ATOM   768  C CD2 . LEU A 1 96  ? -12.999 4.972   18.035  1.00 14.99 ? 96   LEU A CD2 1 
ATOM   769  N N   . MET A 1 97  ? -13.311 -0.399  18.022  1.00 12.83 ? 97   MET A N   1 
ATOM   770  C CA  . MET A 1 97  ? -14.133 -1.484  17.502  1.00 13.52 ? 97   MET A CA  1 
ATOM   771  C C   . MET A 1 97  ? -14.786 -2.387  18.544  1.00 12.44 ? 97   MET A C   1 
ATOM   772  O O   . MET A 1 97  ? -15.472 -3.339  18.183  1.00 13.53 ? 97   MET A O   1 
ATOM   773  C CB  . MET A 1 97  ? -13.303 -2.340  16.548  1.00 13.74 ? 97   MET A CB  1 
ATOM   774  C CG  . MET A 1 97  ? -12.811 -1.587  15.314  1.00 16.48 ? 97   MET A CG  1 
ATOM   775  S SD  . MET A 1 97  ? -14.146 -1.036  14.241  1.00 18.06 ? 97   MET A SD  1 
ATOM   776  C CE  . MET A 1 97  ? -14.560 -2.575  13.430  1.00 18.61 ? 97   MET A CE  1 
ATOM   777  N N   . GLU A 1 98  ? -14.583 -2.104  19.826  1.00 12.98 ? 98   GLU A N   1 
ATOM   778  C CA  . GLU A 1 98  ? -15.195 -2.937  20.858  1.00 14.00 ? 98   GLU A CA  1 
ATOM   779  C C   . GLU A 1 98  ? -16.712 -2.894  20.724  1.00 15.13 ? 98   GLU A C   1 
ATOM   780  O O   . GLU A 1 98  ? -17.303 -1.820  20.650  1.00 15.62 ? 98   GLU A O   1 
ATOM   781  C CB  . GLU A 1 98  ? -14.779 -2.456  22.252  1.00 13.78 ? 98   GLU A CB  1 
ATOM   782  C CG  . GLU A 1 98  ? -13.329 -2.767  22.593  1.00 14.92 ? 98   GLU A CG  1 
ATOM   783  C CD  . GLU A 1 98  ? -12.899 -2.209  23.937  1.00 15.78 ? 98   GLU A CD  1 
ATOM   784  O OE1 . GLU A 1 98  ? -13.770 -1.741  24.703  1.00 18.57 ? 98   GLU A OE1 1 
ATOM   785  O OE2 . GLU A 1 98  ? -11.684 -2.245  24.227  1.00 18.03 ? 98   GLU A OE2 1 
ATOM   786  N N   . GLY A 1 99  ? -17.334 -4.067  20.667  1.00 15.23 ? 99   GLY A N   1 
ATOM   787  C CA  . GLY A 1 99  ? -18.780 -4.137  20.549  1.00 17.40 ? 99   GLY A CA  1 
ATOM   788  C C   . GLY A 1 99  ? -19.318 -3.932  19.144  1.00 17.87 ? 99   GLY A C   1 
ATOM   789  O O   . GLY A 1 99  ? -20.531 -3.948  18.935  1.00 20.04 ? 99   GLY A O   1 
ATOM   790  N N   . ALA A 1 100 ? -18.421 -3.737  18.181  1.00 19.14 ? 100  ALA A N   1 
ATOM   791  C CA  . ALA A 1 100 ? -18.814 -3.507  16.801  1.00 21.12 ? 100  ALA A CA  1 
ATOM   792  C C   . ALA A 1 100 ? -19.500 -4.725  16.189  1.00 23.81 ? 100  ALA A C   1 
ATOM   793  O O   . ALA A 1 100 ? -18.990 -5.849  16.248  1.00 26.02 ? 100  ALA A O   1 
ATOM   794  C CB  . ALA A 1 100 ? -17.603 -3.127  15.966  1.00 19.65 ? 100  ALA A CB  1 
ATOM   795  N N   . GLU A 1 101 ? -20.666 -4.475  15.595  1.00 25.37 ? 101  GLU A N   1 
ATOM   796  C CA  . GLU A 1 101 ? -21.461 -5.528  14.945  1.00 27.11 ? 101  GLU A CA  1 
ATOM   797  C C   . GLU A 1 101 ? -20.794 -5.942  13.661  1.00 26.41 ? 101  GLU A C   1 
ATOM   798  O O   . GLU A 1 101 ? -20.775 -7.118  13.293  1.00 28.30 ? 101  GLU A O   1 
ATOM   799  C CB  . GLU A 1 101 ? -22.873 -5.029  14.581  1.00 30.14 ? 101  GLU A CB  1 
ATOM   800  C CG  . GLU A 1 101 ? -23.013 -4.760  13.070  1.00 33.92 ? 101  GLU A CG  1 
ATOM   801  C CD  . GLU A 1 101 ? -24.451 -4.602  12.665  1.00 36.47 ? 101  GLU A CD  1 
ATOM   802  O OE1 . GLU A 1 101 ? -25.220 -5.546  12.947  1.00 37.88 ? 101  GLU A OE1 1 
ATOM   803  O OE2 . GLU A 1 101 ? -24.811 -3.548  12.092  1.00 37.84 ? 101  GLU A OE2 1 
ATOM   804  N N   . ASP A 1 102 ? -20.255 -4.942  12.981  1.00 23.52 ? 102  ASP A N   1 
ATOM   805  C CA  . ASP A 1 102 ? -19.617 -5.110  11.701  1.00 20.47 ? 102  ASP A CA  1 
ATOM   806  C C   . ASP A 1 102 ? -18.146 -4.739  11.801  1.00 17.30 ? 102  ASP A C   1 
ATOM   807  O O   . ASP A 1 102 ? -17.790 -3.575  12.044  1.00 19.01 ? 102  ASP A O   1 
ATOM   808  C CB  . ASP A 1 102 ? -20.328 -4.204  10.711  1.00 22.85 ? 102  ASP A CB  1 
ATOM   809  C CG  . ASP A 1 102 ? -19.651 -4.155  9.378   1.00 23.40 ? 102  ASP A CG  1 
ATOM   810  O OD1 . ASP A 1 102 ? -19.010 -5.153  9.009   1.00 22.90 ? 102  ASP A OD1 1 
ATOM   811  O OD2 . ASP A 1 102 ? -19.786 -3.121  8.686   1.00 29.01 ? 102  ASP A OD2 1 
ATOM   812  N N   . ARG A 1 103 ? -17.293 -5.739  11.616  1.00 15.21 ? 103  ARG A N   1 
ATOM   813  C CA  . ARG A 1 103 ? -15.858 -5.526  11.696  1.00 13.77 ? 103  ARG A CA  1 
ATOM   814  C C   . ARG A 1 103 ? -15.183 -5.530  10.330  1.00 13.73 ? 103  ARG A C   1 
ATOM   815  O O   . ARG A 1 103 ? -13.961 -5.661  10.239  1.00 14.14 ? 103  ARG A O   1 
ATOM   816  C CB  . ARG A 1 103 ? -15.225 -6.597  12.586  1.00 13.80 ? 103  ARG A CB  1 
ATOM   817  C CG  . ARG A 1 103 ? -15.798 -6.646  13.998  1.00 14.05 ? 103  ARG A CG  1 
ATOM   818  C CD  . ARG A 1 103 ? -15.036 -7.631  14.872  1.00 13.75 ? 103  ARG A CD  1 
ATOM   819  N NE  . ARG A 1 103 ? -13.707 -7.148  15.248  1.00 13.49 ? 103  ARG A NE  1 
ATOM   820  C CZ  . ARG A 1 103 ? -13.474 -6.255  16.207  1.00 13.08 ? 103  ARG A CZ  1 
ATOM   821  N NH1 . ARG A 1 103 ? -14.481 -5.734  16.899  1.00 13.99 ? 103  ARG A NH1 1 
ATOM   822  N NH2 . ARG A 1 103 ? -12.231 -5.885  16.482  1.00 12.83 ? 103  ARG A NH2 1 
ATOM   823  N N   . ARG A 1 104 ? -15.964 -5.373  9.269   1.00 12.66 ? 104  ARG A N   1 
ATOM   824  C CA  . ARG A 1 104 ? -15.401 -5.372  7.926   1.00 12.86 ? 104  ARG A CA  1 
ATOM   825  C C   . ARG A 1 104 ? -14.594 -4.117  7.616   1.00 11.98 ? 104  ARG A C   1 
ATOM   826  O O   . ARG A 1 104 ? -14.872 -3.026  8.115   1.00 13.18 ? 104  ARG A O   1 
ATOM   827  C CB  . ARG A 1 104 ? -16.506 -5.536  6.888   1.00 13.37 ? 104  ARG A CB  1 
ATOM   828  C CG  . ARG A 1 104 ? -17.236 -6.864  6.973   1.00 15.54 ? 104  ARG A CG  1 
ATOM   829  C CD  . ARG A 1 104 ? -18.380 -6.880  5.988   1.00 17.07 ? 104  ARG A CD  1 
ATOM   830  N NE  . ARG A 1 104 ? -19.264 -5.746  6.225   1.00 20.65 ? 104  ARG A NE  1 
ATOM   831  C CZ  . ARG A 1 104 ? -19.767 -4.981  5.264   1.00 20.38 ? 104  ARG A CZ  1 
ATOM   832  N NH1 . ARG A 1 104 ? -19.479 -5.234  3.995   1.00 22.96 ? 104  ARG A NH1 1 
ATOM   833  N NH2 . ARG A 1 104 ? -20.534 -3.946  5.576   1.00 23.29 ? 104  ARG A NH2 1 
ATOM   834  N N   . ALA A 1 105 ? -13.589 -4.293  6.769   1.00 11.65 ? 105  ALA A N   1 
ATOM   835  C CA  . ALA A 1 105 ? -12.718 -3.197  6.380   1.00 11.70 ? 105  ALA A CA  1 
ATOM   836  C C   . ALA A 1 105 ? -11.992 -3.606  5.119   1.00 11.07 ? 105  ALA A C   1 
ATOM   837  O O   . ALA A 1 105 ? -12.000 -4.775  4.736   1.00 11.74 ? 105  ALA A O   1 
ATOM   838  C CB  . ALA A 1 105 ? -11.701 -2.923  7.491   1.00 12.48 ? 105  ALA A CB  1 
ATOM   839  N N   . TYR A 1 106 ? -11.365 -2.639  4.465   1.00 10.54 ? 106  TYR A N   1 
ATOM   840  C CA  . TYR A 1 106 ? -10.594 -2.968  3.285   1.00 10.48 ? 106  TYR A CA  1 
ATOM   841  C C   . TYR A 1 106 ? -9.326  -2.157  3.266   1.00 10.13 ? 106  TYR A C   1 
ATOM   842  O O   . TYR A 1 106 ? -9.243  -1.064  3.829   1.00 10.67 ? 106  TYR A O   1 
ATOM   843  C CB  . TYR A 1 106 ? -11.389 -2.737  1.988   1.00 11.16 ? 106  TYR A CB  1 
ATOM   844  C CG  . TYR A 1 106 ? -11.724 -1.297  1.670   1.00 10.65 ? 106  TYR A CG  1 
ATOM   845  C CD1 . TYR A 1 106 ? -10.815 -0.465  1.006   1.00 11.53 ? 106  TYR A CD1 1 
ATOM   846  C CD2 . TYR A 1 106 ? -12.960 -0.766  2.033   1.00 11.55 ? 106  TYR A CD2 1 
ATOM   847  C CE1 . TYR A 1 106 ? -11.139 0.859   0.709   1.00 11.62 ? 106  TYR A CE1 1 
ATOM   848  C CE2 . TYR A 1 106 ? -13.290 0.553   1.744   1.00 12.31 ? 106  TYR A CE2 1 
ATOM   849  C CZ  . TYR A 1 106 ? -12.378 1.361   1.079   1.00 12.43 ? 106  TYR A CZ  1 
ATOM   850  O OH  . TYR A 1 106 ? -12.723 2.657   0.778   1.00 14.94 ? 106  TYR A OH  1 
ATOM   851  N N   . PHE A 1 107 ? -8.327  -2.745  2.632   1.00 11.00 ? 107  PHE A N   1 
ATOM   852  C CA  . PHE A 1 107 ? -7.036  -2.120  2.456   1.00 10.27 ? 107  PHE A CA  1 
ATOM   853  C C   . PHE A 1 107 ? -7.021  -1.700  0.995   1.00 9.94  ? 107  PHE A C   1 
ATOM   854  O O   . PHE A 1 107 ? -7.517  -2.428  0.128   1.00 10.81 ? 107  PHE A O   1 
ATOM   855  C CB  . PHE A 1 107 ? -5.913  -3.135  2.682   1.00 12.53 ? 107  PHE A CB  1 
ATOM   856  C CG  . PHE A 1 107 ? -5.209  -2.973  3.987   1.00 10.94 ? 107  PHE A CG  1 
ATOM   857  C CD1 . PHE A 1 107 ? -4.454  -1.832  4.236   1.00 11.62 ? 107  PHE A CD1 1 
ATOM   858  C CD2 . PHE A 1 107 ? -5.287  -3.956  4.968   1.00 12.03 ? 107  PHE A CD2 1 
ATOM   859  C CE1 . PHE A 1 107 ? -3.799  -1.669  5.427   1.00 12.22 ? 107  PHE A CE1 1 
ATOM   860  C CE2 . PHE A 1 107 ? -4.628  -3.796  6.172   1.00 13.76 ? 107  PHE A CE2 1 
ATOM   861  C CZ  . PHE A 1 107 ? -3.878  -2.647  6.398   1.00 13.91 ? 107  PHE A CZ  1 
ATOM   862  N N   . LYS A 1 108 ? -6.460  -0.528  0.723   1.00 10.14 ? 108  LYS A N   1 
ATOM   863  C CA  . LYS A 1 108 ? -6.345  -0.069  -0.652  1.00 9.95  ? 108  LYS A CA  1 
ATOM   864  C C   . LYS A 1 108 ? -4.947  0.466   -0.890  1.00 10.07 ? 108  LYS A C   1 
ATOM   865  O O   . LYS A 1 108 ? -4.365  1.101   -0.020  1.00 9.73  ? 108  LYS A O   1 
ATOM   866  C CB  . LYS A 1 108 ? -7.377  1.018   -0.974  1.00 11.97 ? 108  LYS A CB  1 
ATOM   867  C CG  . LYS A 1 108 ? -7.308  1.489   -2.427  1.00 12.39 ? 108  LYS A CG  1 
ATOM   868  C CD  . LYS A 1 108 ? -8.500  2.347   -2.815  1.00 14.46 ? 108  LYS A CD  1 
ATOM   869  C CE  . LYS A 1 108 ? -8.503  2.616   -4.317  1.00 17.73 ? 108  LYS A CE  1 
ATOM   870  N NZ  . LYS A 1 108 ? -9.709  3.362   -4.780  1.00 20.13 ? 108  LYS A NZ  1 
ATOM   871  N N   . SER A 1 109 ? -4.416  0.178   -2.070  1.00 9.54  ? 109  SER A N   1 
ATOM   872  C CA  . SER A 1 109 ? -3.098  0.643   -2.468  1.00 9.36  ? 109  SER A CA  1 
ATOM   873  C C   . SER A 1 109 ? -3.207  1.332   -3.817  1.00 10.63 ? 109  SER A C   1 
ATOM   874  O O   . SER A 1 109 ? -3.892  0.837   -4.713  1.00 10.61 ? 109  SER A O   1 
ATOM   875  C CB  . SER A 1 109 ? -2.125  -0.536  -2.596  1.00 9.71  ? 109  SER A CB  1 
ATOM   876  O OG  . SER A 1 109 ? -0.919  -0.146  -3.245  1.00 12.27 ? 109  SER A OG  1 
ATOM   877  N N   . VAL A 1 110 ? -2.559  2.485   -3.949  1.00 9.89  ? 110  VAL A N   1 
ATOM   878  C CA  . VAL A 1 110 ? -2.528  3.189   -5.224  1.00 10.34 ? 110  VAL A CA  1 
ATOM   879  C C   . VAL A 1 110 ? -1.071  3.458   -5.563  1.00 10.12 ? 110  VAL A C   1 
ATOM   880  O O   . VAL A 1 110 ? -0.344  4.075   -4.783  1.00 10.93 ? 110  VAL A O   1 
ATOM   881  C CB  . VAL A 1 110 ? -3.269  4.541   -5.194  1.00 8.87  ? 110  VAL A CB  1 
ATOM   882  C CG1 . VAL A 1 110 ? -3.136  5.231   -6.556  1.00 11.95 ? 110  VAL A CG1 1 
ATOM   883  C CG2 . VAL A 1 110 ? -4.737  4.328   -4.866  1.00 10.68 ? 110  VAL A CG2 1 
ATOM   884  N N   . ILE A 1 111 ? -0.651  2.970   -6.722  1.00 11.17 ? 111  ILE A N   1 
ATOM   885  C CA  . ILE A 1 111 ? 0.707   3.164   -7.200  1.00 11.89 ? 111  ILE A CA  1 
ATOM   886  C C   . ILE A 1 111 ? 0.703   4.225   -8.293  1.00 11.63 ? 111  ILE A C   1 
ATOM   887  O O   . ILE A 1 111 ? -0.146  4.202   -9.189  1.00 12.23 ? 111  ILE A O   1 
ATOM   888  C CB  . ILE A 1 111 ? 1.286   1.854   -7.795  1.00 11.07 ? 111  ILE A CB  1 
ATOM   889  C CG1 . ILE A 1 111 ? 1.553   0.846   -6.678  1.00 11.79 ? 111  ILE A CG1 1 
ATOM   890  C CG2 . ILE A 1 111 ? 2.575   2.143   -8.567  1.00 11.90 ? 111  ILE A CG2 1 
ATOM   891  C CD1 . ILE A 1 111 ? 1.992   -0.518  -7.186  1.00 14.57 ? 111  ILE A CD1 1 
ATOM   892  N N   . GLY A 1 112 ? 1.634   5.167   -8.193  1.00 11.18 ? 112  GLY A N   1 
ATOM   893  C CA  . GLY A 1 112 ? 1.775   6.204   -9.200  1.00 12.18 ? 112  GLY A CA  1 
ATOM   894  C C   . GLY A 1 112 ? 3.076   5.921   -9.927  1.00 12.28 ? 112  GLY A C   1 
ATOM   895  O O   . GLY A 1 112 ? 4.078   5.602   -9.295  1.00 11.85 ? 112  GLY A O   1 
ATOM   896  N N   . PHE A 1 113 ? 3.065   6.034   -11.250 1.00 12.22 ? 113  PHE A N   1 
ATOM   897  C CA  . PHE A 1 113 ? 4.244   5.752   -12.067 1.00 12.78 ? 113  PHE A CA  1 
ATOM   898  C C   . PHE A 1 113 ? 4.453   6.882   -13.063 1.00 12.39 ? 113  PHE A C   1 
ATOM   899  O O   . PHE A 1 113 ? 3.499   7.359   -13.670 1.00 14.22 ? 113  PHE A O   1 
ATOM   900  C CB  . PHE A 1 113 ? 4.033   4.424   -12.799 1.00 13.09 ? 113  PHE A CB  1 
ATOM   901  C CG  . PHE A 1 113 ? 5.203   3.983   -13.634 1.00 13.76 ? 113  PHE A CG  1 
ATOM   902  C CD1 . PHE A 1 113 ? 6.429   3.689   -13.043 1.00 14.84 ? 113  PHE A CD1 1 
ATOM   903  C CD2 . PHE A 1 113 ? 5.063   3.811   -15.010 1.00 14.18 ? 113  PHE A CD2 1 
ATOM   904  C CE1 . PHE A 1 113 ? 7.498   3.227   -13.808 1.00 15.39 ? 113  PHE A CE1 1 
ATOM   905  C CE2 . PHE A 1 113 ? 6.126   3.350   -15.783 1.00 14.77 ? 113  PHE A CE2 1 
ATOM   906  C CZ  . PHE A 1 113 ? 7.343   3.057   -15.182 1.00 15.06 ? 113  PHE A CZ  1 
ATOM   907  N N   . TYR A 1 114 ? 5.698   7.312   -13.229 1.00 11.52 ? 114  TYR A N   1 
ATOM   908  C CA  . TYR A 1 114 ? 6.009   8.402   -14.147 1.00 11.78 ? 114  TYR A CA  1 
ATOM   909  C C   . TYR A 1 114 ? 7.124   8.004   -15.105 1.00 12.08 ? 114  TYR A C   1 
ATOM   910  O O   . TYR A 1 114 ? 8.207   7.598   -14.678 1.00 12.57 ? 114  TYR A O   1 
ATOM   911  C CB  . TYR A 1 114 ? 6.439   9.637   -13.355 1.00 13.50 ? 114  TYR A CB  1 
ATOM   912  C CG  . TYR A 1 114 ? 6.567   10.900  -14.180 1.00 14.81 ? 114  TYR A CG  1 
ATOM   913  C CD1 . TYR A 1 114 ? 5.438   11.623  -14.564 1.00 14.96 ? 114  TYR A CD1 1 
ATOM   914  C CD2 . TYR A 1 114 ? 7.819   11.379  -14.566 1.00 14.95 ? 114  TYR A CD2 1 
ATOM   915  C CE1 . TYR A 1 114 ? 5.552   12.798  -15.310 1.00 16.83 ? 114  TYR A CE1 1 
ATOM   916  C CE2 . TYR A 1 114 ? 7.943   12.552  -15.313 1.00 16.23 ? 114  TYR A CE2 1 
ATOM   917  C CZ  . TYR A 1 114 ? 6.808   13.253  -15.678 1.00 17.19 ? 114  TYR A CZ  1 
ATOM   918  O OH  . TYR A 1 114 ? 6.927   14.420  -16.401 1.00 20.00 ? 114  TYR A OH  1 
ATOM   919  N N   . ILE A 1 115 ? 6.852   8.129   -16.398 1.00 12.75 ? 115  ILE A N   1 
ATOM   920  C CA  . ILE A 1 115 ? 7.832   7.796   -17.423 1.00 12.75 ? 115  ILE A CA  1 
ATOM   921  C C   . ILE A 1 115 ? 7.540   8.598   -18.692 1.00 13.11 ? 115  ILE A C   1 
ATOM   922  O O   . ILE A 1 115 ? 6.382   8.821   -19.045 1.00 13.82 ? 115  ILE A O   1 
ATOM   923  C CB  . ILE A 1 115 ? 7.808   6.276   -17.729 1.00 13.58 ? 115  ILE A CB  1 
ATOM   924  C CG1 . ILE A 1 115 ? 8.967   5.912   -18.659 1.00 13.79 ? 115  ILE A CG1 1 
ATOM   925  C CG2 . ILE A 1 115 ? 6.464   5.880   -18.325 1.00 15.13 ? 115  ILE A CG2 1 
ATOM   926  C CD1 . ILE A 1 115 ? 9.181   4.420   -18.820 1.00 16.29 ? 115  ILE A CD1 1 
ATOM   927  N N   . ASP A 1 116 ? 8.603   9.042   -19.358 1.00 12.95 ? 116  ASP A N   1 
ATOM   928  C CA  . ASP A 1 116 ? 8.494   9.821   -20.589 1.00 13.79 ? 116  ASP A CA  1 
ATOM   929  C C   . ASP A 1 116 ? 7.544   11.009  -20.481 1.00 13.40 ? 116  ASP A C   1 
ATOM   930  O O   . ASP A 1 116 ? 6.791   11.302  -21.412 1.00 15.57 ? 116  ASP A O   1 
ATOM   931  C CB  . ASP A 1 116 ? 8.067   8.923   -21.757 1.00 14.99 ? 116  ASP A CB  1 
ATOM   932  C CG  . ASP A 1 116 ? 9.076   7.827   -22.046 1.00 14.82 ? 116  ASP A CG  1 
ATOM   933  O OD1 . ASP A 1 116 ? 10.289  8.083   -21.909 1.00 17.12 ? 116  ASP A OD1 1 
ATOM   934  O OD2 . ASP A 1 116 ? 8.657   6.713   -22.423 1.00 15.29 ? 116  ASP A OD2 1 
ATOM   935  N N   . GLY A 1 117 ? 7.587   11.689  -19.339 1.00 14.31 ? 117  GLY A N   1 
ATOM   936  C CA  . GLY A 1 117 ? 6.752   12.859  -19.131 1.00 15.40 ? 117  GLY A CA  1 
ATOM   937  C C   . GLY A 1 117 ? 5.270   12.638  -18.888 1.00 14.92 ? 117  GLY A C   1 
ATOM   938  O O   . GLY A 1 117 ? 4.489   13.586  -18.977 1.00 16.82 ? 117  GLY A O   1 
ATOM   939  N N   . LYS A 1 118 ? 4.874   11.406  -18.577 1.00 14.48 ? 118  LYS A N   1 
ATOM   940  C CA  . LYS A 1 118 ? 3.468   11.102  -18.322 1.00 14.71 ? 118  LYS A CA  1 
ATOM   941  C C   . LYS A 1 118 ? 3.282   10.274  -17.054 1.00 14.36 ? 118  LYS A C   1 
ATOM   942  O O   . LYS A 1 118 ? 4.102   9.411   -16.731 1.00 13.86 ? 118  LYS A O   1 
ATOM   943  C CB  . LYS A 1 118 ? 2.863   10.349  -19.510 1.00 15.68 ? 118  LYS A CB  1 
ATOM   944  C CG  . LYS A 1 118 ? 2.728   11.179  -20.779 1.00 20.84 ? 118  LYS A CG  1 
ATOM   945  C CD  . LYS A 1 118 ? 1.742   12.324  -20.586 1.00 23.77 ? 118  LYS A CD  1 
ATOM   946  C CE  . LYS A 1 118 ? 1.537   13.098  -21.877 1.00 25.74 ? 118  LYS A CE  1 
ATOM   947  N NZ  . LYS A 1 118 ? 0.584   14.229  -21.692 1.00 27.48 ? 118  LYS A NZ  1 
ATOM   948  N N   . ALA A 1 119 ? 2.188   10.536  -16.349 1.00 13.96 ? 119  ALA A N   1 
ATOM   949  C CA  . ALA A 1 119 ? 1.876   9.826   -15.114 1.00 14.28 ? 119  ALA A CA  1 
ATOM   950  C C   . ALA A 1 119 ? 0.791   8.777   -15.329 1.00 14.51 ? 119  ALA A C   1 
ATOM   951  O O   . ALA A 1 119 ? -0.122  8.962   -16.136 1.00 16.58 ? 119  ALA A O   1 
ATOM   952  C CB  . ALA A 1 119 ? 1.433   10.819  -14.048 1.00 16.15 ? 119  ALA A CB  1 
ATOM   953  N N   . TYR A 1 120 ? 0.896   7.681   -14.588 1.00 14.37 ? 120  TYR A N   1 
ATOM   954  C CA  . TYR A 1 120 ? -0.058  6.579   -14.662 1.00 14.41 ? 120  TYR A CA  1 
ATOM   955  C C   . TYR A 1 120 ? -0.336  6.103   -13.241 1.00 14.87 ? 120  TYR A C   1 
ATOM   956  O O   . TYR A 1 120 ? 0.517   6.227   -12.365 1.00 16.99 ? 120  TYR A O   1 
ATOM   957  C CB  . TYR A 1 120 ? 0.538   5.422   -15.470 1.00 15.37 ? 120  TYR A CB  1 
ATOM   958  C CG  . TYR A 1 120 ? 0.951   5.810   -16.869 1.00 14.90 ? 120  TYR A CG  1 
ATOM   959  C CD1 . TYR A 1 120 ? 0.054   5.728   -17.932 1.00 17.23 ? 120  TYR A CD1 1 
ATOM   960  C CD2 . TYR A 1 120 ? 2.232   6.300   -17.123 1.00 15.86 ? 120  TYR A CD2 1 
ATOM   961  C CE1 . TYR A 1 120 ? 0.422   6.125   -19.216 1.00 15.80 ? 120  TYR A CE1 1 
ATOM   962  C CE2 . TYR A 1 120 ? 2.610   6.701   -18.400 1.00 16.11 ? 120  TYR A CE2 1 
ATOM   963  C CZ  . TYR A 1 120 ? 1.701   6.612   -19.439 1.00 16.51 ? 120  TYR A CZ  1 
ATOM   964  O OH  . TYR A 1 120 ? 2.066   7.018   -20.702 1.00 18.34 ? 120  TYR A OH  1 
ATOM   965  N N   . LYS A 1 121 ? -1.534  5.575   -13.006 1.00 13.83 ? 121  LYS A N   1 
ATOM   966  C CA  . LYS A 1 121 ? -1.879  5.065   -11.683 1.00 14.24 ? 121  LYS A CA  1 
ATOM   967  C C   . LYS A 1 121 ? -2.460  3.662   -11.771 1.00 13.65 ? 121  LYS A C   1 
ATOM   968  O O   . LYS A 1 121 ? -3.114  3.306   -12.753 1.00 15.83 ? 121  LYS A O   1 
ATOM   969  C CB  . LYS A 1 121 ? -2.873  5.992   -10.972 1.00 14.88 ? 121  LYS A CB  1 
ATOM   970  C CG  . LYS A 1 121 ? -2.296  7.356   -10.606 1.00 16.82 ? 121  LYS A CG  1 
ATOM   971  C CD  . LYS A 1 121 ? -3.151  8.069   -9.565  1.00 21.11 ? 121  LYS A CD  1 
ATOM   972  C CE  . LYS A 1 121 ? -4.546  8.377   -10.086 1.00 21.82 ? 121  LYS A CE  1 
ATOM   973  N NZ  . LYS A 1 121 ? -4.517  9.356   -11.209 1.00 23.26 ? 121  LYS A NZ  1 
ATOM   974  N N   . PHE A 1 122 ? -2.202  2.870   -10.736 1.00 12.98 ? 122  PHE A N   1 
ATOM   975  C CA  . PHE A 1 122 ? -2.678  1.495   -10.651 1.00 12.78 ? 122  PHE A CA  1 
ATOM   976  C C   . PHE A 1 122 ? -3.153  1.298   -9.221  1.00 13.58 ? 122  PHE A C   1 
ATOM   977  O O   . PHE A 1 122 ? -2.522  1.777   -8.286  1.00 14.54 ? 122  PHE A O   1 
ATOM   978  C CB  . PHE A 1 122 ? -1.531  0.539   -10.966 1.00 14.07 ? 122  PHE A CB  1 
ATOM   979  C CG  . PHE A 1 122 ? -0.857  0.835   -12.272 1.00 13.89 ? 122  PHE A CG  1 
ATOM   980  C CD1 . PHE A 1 122 ? -1.424  0.418   -13.471 1.00 15.00 ? 122  PHE A CD1 1 
ATOM   981  C CD2 . PHE A 1 122 ? 0.308   1.593   -12.311 1.00 14.27 ? 122  PHE A CD2 1 
ATOM   982  C CE1 . PHE A 1 122 ? -0.843  0.754   -14.691 1.00 13.96 ? 122  PHE A CE1 1 
ATOM   983  C CE2 . PHE A 1 122 ? 0.898   1.937   -13.529 1.00 14.36 ? 122  PHE A CE2 1 
ATOM   984  C CZ  . PHE A 1 122 ? 0.318   1.516   -14.719 1.00 15.27 ? 122  PHE A CZ  1 
ATOM   985  N N   . SER A 1 123 ? -4.264  0.597   -9.040  1.00 13.00 ? 123  SER A N   1 
ATOM   986  C CA  . SER A 1 123 ? -4.777  0.403   -7.692  1.00 12.94 ? 123  SER A CA  1 
ATOM   987  C C   . SER A 1 123 ? -5.180  -1.027  -7.403  1.00 12.95 ? 123  SER A C   1 
ATOM   988  O O   . SER A 1 123 ? -5.352  -1.843  -8.314  1.00 13.42 ? 123  SER A O   1 
ATOM   989  C CB  . SER A 1 123 ? -5.968  1.327   -7.443  1.00 14.66 ? 123  SER A CB  1 
ATOM   990  O OG  . SER A 1 123 ? -7.044  1.003   -8.302  1.00 16.45 ? 123  SER A OG  1 
ATOM   991  N N   . GLY A 1 124 ? -5.323  -1.315  -6.116  1.00 11.05 ? 124  GLY A N   1 
ATOM   992  C CA  . GLY A 1 124 ? -5.716  -2.637  -5.674  1.00 12.21 ? 124  GLY A CA  1 
ATOM   993  C C   . GLY A 1 124 ? -6.443  -2.523  -4.353  1.00 11.20 ? 124  GLY A C   1 
ATOM   994  O O   . GLY A 1 124 ? -6.104  -1.680  -3.514  1.00 11.44 ? 124  GLY A O   1 
ATOM   995  N N   . VAL A 1 125 ? -7.441  -3.375  -4.167  1.00 12.05 ? 125  VAL A N   1 
ATOM   996  C CA  . VAL A 1 125 ? -8.241  -3.383  -2.953  1.00 12.12 ? 125  VAL A CA  1 
ATOM   997  C C   . VAL A 1 125 ? -8.478  -4.797  -2.452  1.00 12.38 ? 125  VAL A C   1 
ATOM   998  O O   . VAL A 1 125 ? -8.778  -5.697  -3.232  1.00 13.56 ? 125  VAL A O   1 
ATOM   999  C CB  . VAL A 1 125 ? -9.628  -2.734  -3.201  1.00 12.86 ? 125  VAL A CB  1 
ATOM   1000 C CG1 . VAL A 1 125 ? -10.529 -2.914  -1.977  1.00 13.11 ? 125  VAL A CG1 1 
ATOM   1001 C CG2 . VAL A 1 125 ? -9.456  -1.261  -3.527  1.00 12.46 ? 125  VAL A CG2 1 
ATOM   1002 N N   . THR A 1 126 ? -8.323  -4.994  -1.148  1.00 11.75 ? 126  THR A N   1 
ATOM   1003 C CA  . THR A 1 126 ? -8.592  -6.295  -0.549  1.00 11.66 ? 126  THR A CA  1 
ATOM   1004 C C   . THR A 1 126 ? -9.457  -6.100  0.684   1.00 11.77 ? 126  THR A C   1 
ATOM   1005 O O   . THR A 1 126 ? -9.075  -5.398  1.626   1.00 11.70 ? 126  THR A O   1 
ATOM   1006 C CB  . THR A 1 126 ? -7.307  -7.039  -0.159  1.00 12.55 ? 126  THR A CB  1 
ATOM   1007 O OG1 . THR A 1 126 ? -6.623  -7.434  -1.354  1.00 12.92 ? 126  THR A OG1 1 
ATOM   1008 C CG2 . THR A 1 126 ? -7.631  -8.298  0.660   1.00 13.04 ? 126  THR A CG2 1 
ATOM   1009 N N   . TRP A 1 127 ? -10.643 -6.700  0.650   1.00 12.51 ? 127  TRP A N   1 
ATOM   1010 C CA  . TRP A 1 127 ? -11.573 -6.625  1.762   1.00 11.87 ? 127  TRP A CA  1 
ATOM   1011 C C   . TRP A 1 127 ? -11.237 -7.702  2.780   1.00 11.95 ? 127  TRP A C   1 
ATOM   1012 O O   . TRP A 1 127 ? -10.625 -8.722  2.459   1.00 13.62 ? 127  TRP A O   1 
ATOM   1013 C CB  . TRP A 1 127 ? -13.021 -6.810  1.288   1.00 13.06 ? 127  TRP A CB  1 
ATOM   1014 C CG  . TRP A 1 127 ? -13.667 -5.564  0.757   1.00 13.10 ? 127  TRP A CG  1 
ATOM   1015 C CD1 . TRP A 1 127 ? -13.566 -5.053  -0.509  1.00 15.22 ? 127  TRP A CD1 1 
ATOM   1016 C CD2 . TRP A 1 127 ? -14.514 -4.666  1.484   1.00 12.64 ? 127  TRP A CD2 1 
ATOM   1017 N NE1 . TRP A 1 127 ? -14.302 -3.896  -0.611  1.00 15.31 ? 127  TRP A NE1 1 
ATOM   1018 C CE2 . TRP A 1 127 ? -14.892 -3.633  0.595   1.00 13.74 ? 127  TRP A CE2 1 
ATOM   1019 C CE3 . TRP A 1 127 ? -14.989 -4.631  2.802   1.00 13.67 ? 127  TRP A CE3 1 
ATOM   1020 C CZ2 . TRP A 1 127 ? -15.729 -2.581  0.983   1.00 15.33 ? 127  TRP A CZ2 1 
ATOM   1021 C CZ3 . TRP A 1 127 ? -15.822 -3.581  3.186   1.00 15.41 ? 127  TRP A CZ3 1 
ATOM   1022 C CH2 . TRP A 1 127 ? -16.180 -2.571  2.277   1.00 15.74 ? 127  TRP A CH2 1 
ATOM   1023 N N   . GLY A 1 128 ? -11.641 -7.461  4.017   1.00 11.26 ? 128  GLY A N   1 
ATOM   1024 C CA  . GLY A 1 128 ? -11.379 -8.407  5.077   1.00 11.84 ? 128  GLY A CA  1 
ATOM   1025 C C   . GLY A 1 128 ? -12.074 -7.940  6.330   1.00 11.21 ? 128  GLY A C   1 
ATOM   1026 O O   . GLY A 1 128 ? -13.117 -7.285  6.267   1.00 13.13 ? 128  GLY A O   1 
ATOM   1027 N N   . ARG A 1 129 ? -11.502 -8.275  7.476   1.00 12.44 ? 129  ARG A N   1 
ATOM   1028 C CA  . ARG A 1 129 ? -12.094 -7.858  8.732   1.00 13.85 ? 129  ARG A CA  1 
ATOM   1029 C C   . ARG A 1 129 ? -11.030 -7.578  9.775   1.00 13.33 ? 129  ARG A C   1 
ATOM   1030 O O   . ARG A 1 129 ? -9.889  -8.040  9.670   1.00 13.32 ? 129  ARG A O   1 
ATOM   1031 C CB  . ARG A 1 129 ? -13.069 -8.921  9.250   1.00 18.34 ? 129  ARG A CB  1 
ATOM   1032 C CG  . ARG A 1 129 ? -12.427 -10.224 9.678   1.00 21.68 ? 129  ARG A CG  1 
ATOM   1033 C CD  . ARG A 1 129 ? -13.475 -11.161 10.271  1.00 25.98 ? 129  ARG A CD  1 
ATOM   1034 N NE  . ARG A 1 129 ? -12.890 -12.354 10.880  1.00 29.06 ? 129  ARG A NE  1 
ATOM   1035 C CZ  . ARG A 1 129 ? -12.313 -13.340 10.203  1.00 30.27 ? 129  ARG A CZ  1 
ATOM   1036 N NH1 . ARG A 1 129 ? -12.238 -13.287 8.881   1.00 30.11 ? 129  ARG A NH1 1 
ATOM   1037 N NH2 . ARG A 1 129 ? -11.808 -14.382 10.850  1.00 31.83 ? 129  ARG A NH2 1 
ATOM   1038 N N   . ILE A 1 130 ? -11.411 -6.789  10.769  1.00 11.75 ? 130  ILE A N   1 
ATOM   1039 C CA  . ILE A 1 130 ? -10.520 -6.452  11.862  1.00 10.93 ? 130  ILE A CA  1 
ATOM   1040 C C   . ILE A 1 130 ? -10.644 -7.551  12.915  1.00 12.14 ? 130  ILE A C   1 
ATOM   1041 O O   . ILE A 1 130 ? -11.743 -7.871  13.370  1.00 12.19 ? 130  ILE A O   1 
ATOM   1042 C CB  . ILE A 1 130 ? -10.902 -5.091  12.490  1.00 11.39 ? 130  ILE A CB  1 
ATOM   1043 C CG1 . ILE A 1 130 ? -10.941 -4.001  11.411  1.00 11.27 ? 130  ILE A CG1 1 
ATOM   1044 C CG2 . ILE A 1 130 ? -9.919  -4.733  13.588  1.00 11.19 ? 130  ILE A CG2 1 
ATOM   1045 C CD1 . ILE A 1 130 ? -9.633  -3.827  10.642  1.00 11.68 ? 130  ILE A CD1 1 
ATOM   1046 N N   . SER A 1 131 ? -9.518  -8.145  13.281  1.00 11.78 ? 131  SER A N   1 
ATOM   1047 C CA  . SER A 1 131 ? -9.502  -9.193  14.291  1.00 12.62 ? 131  SER A CA  1 
ATOM   1048 C C   . SER A 1 131 ? -9.755  -8.563  15.661  1.00 13.08 ? 131  SER A C   1 
ATOM   1049 O O   . SER A 1 131 ? -9.734  -7.338  15.801  1.00 13.44 ? 131  SER A O   1 
ATOM   1050 C CB  . SER A 1 131 ? -8.146  -9.891  14.285  1.00 14.71 ? 131  SER A CB  1 
ATOM   1051 O OG  . SER A 1 131 ? -7.110  -8.972  14.582  1.00 19.11 ? 131  SER A OG  1 
ATOM   1052 N N   . ASN A 1 132 ? -9.997  -9.396  16.669  1.00 13.51 ? 132  ASN A N   1 
ATOM   1053 C CA  . ASN A 1 132 ? -10.235 -8.903  18.019  1.00 14.44 ? 132  ASN A CA  1 
ATOM   1054 C C   . ASN A 1 132 ? -8.939  -8.875  18.813  1.00 15.31 ? 132  ASN A C   1 
ATOM   1055 O O   . ASN A 1 132 ? -8.907  -8.429  19.957  1.00 17.61 ? 132  ASN A O   1 
ATOM   1056 C CB  . ASN A 1 132 ? -11.267 -9.776  18.735  1.00 14.71 ? 132  ASN A CB  1 
ATOM   1057 C CG  . ASN A 1 132 ? -12.641 -9.673  18.109  1.00 14.59 ? 132  ASN A CG  1 
ATOM   1058 O OD1 . ASN A 1 132 ? -13.436 -8.791  18.449  1.00 16.36 ? 132  ASN A OD1 1 
ATOM   1059 N ND2 . ASN A 1 132 ? -12.938 -10.595 17.206  1.00 14.70 ? 132  ASN A ND2 1 
ATOM   1060 N N   . GLU A 1 133 ? -7.870  -9.356  18.194  1.00 15.39 ? 133  GLU A N   1 
ATOM   1061 C CA  . GLU A 1 133 ? -6.570  -9.384  18.842  1.00 16.31 ? 133  GLU A CA  1 
ATOM   1062 C C   . GLU A 1 133 ? -5.481  -9.350  17.783  1.00 15.81 ? 133  GLU A C   1 
ATOM   1063 O O   . GLU A 1 133 ? -5.670  -9.844  16.676  1.00 16.04 ? 133  GLU A O   1 
ATOM   1064 C CB  . GLU A 1 133 ? -6.413  -10.656 19.674  1.00 19.78 ? 133  GLU A CB  1 
ATOM   1065 C CG  . GLU A 1 133 ? -6.273  -11.915 18.841  1.00 25.83 ? 133  GLU A CG  1 
ATOM   1066 C CD  . GLU A 1 133 ? -5.651  -13.056 19.624  1.00 29.22 ? 133  GLU A CD  1 
ATOM   1067 O OE1 . GLU A 1 133 ? -5.198  -12.801 20.767  1.00 32.18 ? 133  GLU A OE1 1 
ATOM   1068 O OE2 . GLU A 1 133 ? -5.609  -14.192 19.089  1.00 31.87 ? 133  GLU A OE2 1 
ATOM   1069 N N   . LYS A 1 134 ? -4.341  -8.765  18.126  1.00 14.07 ? 134  LYS A N   1 
ATOM   1070 C CA  . LYS A 1 134 ? -3.228  -8.700  17.194  1.00 14.40 ? 134  LYS A CA  1 
ATOM   1071 C C   . LYS A 1 134 ? -2.460  -10.020 17.178  1.00 14.32 ? 134  LYS A C   1 
ATOM   1072 O O   . LYS A 1 134 ? -2.302  -10.674 18.215  1.00 14.92 ? 134  LYS A O   1 
ATOM   1073 C CB  . LYS A 1 134 ? -2.273  -7.564  17.576  1.00 15.60 ? 134  LYS A CB  1 
ATOM   1074 C CG  . LYS A 1 134 ? -1.551  -7.774  18.900  1.00 18.36 ? 134  LYS A CG  1 
ATOM   1075 C CD  . LYS A 1 134 ? -0.629  -6.603  19.221  1.00 21.89 ? 134  LYS A CD  1 
ATOM   1076 C CE  . LYS A 1 134 ? 0.037   -6.782  20.578  1.00 24.08 ? 134  LYS A CE  1 
ATOM   1077 N NZ  . LYS A 1 134 ? 0.833   -8.037  20.648  1.00 28.14 ? 134  LYS A NZ  1 
ATOM   1078 N N   . ARG A 1 135 ? -2.001  -10.411 15.995  1.00 13.98 ? 135  ARG A N   1 
ATOM   1079 C CA  . ARG A 1 135 ? -1.219  -11.633 15.820  1.00 13.70 ? 135  ARG A CA  1 
ATOM   1080 C C   . ARG A 1 135 ? -0.270  -11.466 14.643  1.00 14.34 ? 135  ARG A C   1 
ATOM   1081 O O   . ARG A 1 135 ? -0.605  -10.805 13.659  1.00 13.63 ? 135  ARG A O   1 
ATOM   1082 C CB  . ARG A 1 135 ? -2.110  -12.843 15.525  1.00 15.67 ? 135  ARG A CB  1 
ATOM   1083 C CG  . ARG A 1 135 ? -3.046  -13.283 16.631  1.00 18.73 ? 135  ARG A CG  1 
ATOM   1084 C CD  . ARG A 1 135 ? -3.300  -14.784 16.513  1.00 19.65 ? 135  ARG A CD  1 
ATOM   1085 N NE  . ARG A 1 135 ? -3.707  -15.176 15.164  1.00 19.84 ? 135  ARG A NE  1 
ATOM   1086 C CZ  . ARG A 1 135 ? -4.962  -15.170 14.725  1.00 18.77 ? 135  ARG A CZ  1 
ATOM   1087 N NH1 . ARG A 1 135 ? -5.948  -14.798 15.530  1.00 19.71 ? 135  ARG A NH1 1 
ATOM   1088 N NH2 . ARG A 1 135 ? -5.232  -15.529 13.476  1.00 18.01 ? 135  ARG A NH2 1 
ATOM   1089 N N   . GLY A 1 136 ? 0.915   -12.060 14.741  1.00 16.01 ? 136  GLY A N   1 
ATOM   1090 C CA  . GLY A 1 136 ? 1.857   -11.986 13.635  1.00 15.07 ? 136  GLY A CA  1 
ATOM   1091 C C   . GLY A 1 136 ? 3.112   -11.171 13.868  1.00 16.67 ? 136  GLY A C   1 
ATOM   1092 O O   . GLY A 1 136 ? 3.085   -10.149 14.549  1.00 16.64 ? 136  GLY A O   1 
ATOM   1093 N N   . THR A 1 137 ? 4.213   -11.624 13.272  1.00 17.18 ? 137  THR A N   1 
ATOM   1094 C CA  . THR A 1 137 ? 5.506   -10.962 13.407  1.00 18.92 ? 137  THR A CA  1 
ATOM   1095 C C   . THR A 1 137 ? 5.974   -10.322 12.104  1.00 17.89 ? 137  THR A C   1 
ATOM   1096 O O   . THR A 1 137 ? 7.004   -9.653  12.077  1.00 19.04 ? 137  THR A O   1 
ATOM   1097 C CB  . THR A 1 137 ? 6.599   -11.958 13.852  1.00 20.34 ? 137  THR A CB  1 
ATOM   1098 O OG1 . THR A 1 137 ? 6.749   -12.979 12.857  1.00 22.38 ? 137  THR A OG1 1 
ATOM   1099 C CG2 . THR A 1 137 ? 6.227   -12.607 15.176  1.00 22.72 ? 137  THR A CG2 1 
ATOM   1100 N N   . HIS A 1 138 ? 5.222   -10.533 11.029  1.00 16.05 ? 138  HIS A N   1 
ATOM   1101 C CA  . HIS A 1 138 ? 5.582   -9.986  9.725   1.00 15.77 ? 138  HIS A CA  1 
ATOM   1102 C C   . HIS A 1 138 ? 4.861   -8.684  9.409   1.00 16.13 ? 138  HIS A C   1 
ATOM   1103 O O   . HIS A 1 138 ? 4.004   -8.225  10.163  1.00 15.32 ? 138  HIS A O   1 
ATOM   1104 C CB  . HIS A 1 138 ? 5.256   -10.990 8.615   1.00 15.66 ? 138  HIS A CB  1 
ATOM   1105 C CG  . HIS A 1 138 ? 5.903   -12.327 8.789   1.00 15.53 ? 138  HIS A CG  1 
ATOM   1106 N ND1 . HIS A 1 138 ? 7.096   -12.666 8.188   1.00 16.71 ? 138  HIS A ND1 1 
ATOM   1107 C CD2 . HIS A 1 138 ? 5.522   -13.411 9.503   1.00 16.90 ? 138  HIS A CD2 1 
ATOM   1108 C CE1 . HIS A 1 138 ? 7.423   -13.900 8.529   1.00 16.87 ? 138  HIS A CE1 1 
ATOM   1109 N NE2 . HIS A 1 138 ? 6.483   -14.375 9.326   1.00 18.02 ? 138  HIS A NE2 1 
ATOM   1110 N N   . GLY A 1 139 ? 5.223   -8.094  8.278   1.00 15.06 ? 139  GLY A N   1 
ATOM   1111 C CA  . GLY A 1 139 ? 4.582   -6.871  7.842   1.00 14.98 ? 139  GLY A CA  1 
ATOM   1112 C C   . GLY A 1 139 ? 4.792   -5.634  8.691   1.00 15.13 ? 139  GLY A C   1 
ATOM   1113 O O   . GLY A 1 139 ? 5.756   -5.521  9.444   1.00 15.35 ? 139  GLY A O   1 
ATOM   1114 N N   . PHE A 1 140 ? 3.856   -4.701  8.574   1.00 14.57 ? 140  PHE A N   1 
ATOM   1115 C CA  . PHE A 1 140 ? 3.936   -3.444  9.296   1.00 13.84 ? 140  PHE A CA  1 
ATOM   1116 C C   . PHE A 1 140 ? 2.552   -2.826  9.414   1.00 13.20 ? 140  PHE A C   1 
ATOM   1117 O O   . PHE A 1 140 ? 1.583   -3.334  8.850   1.00 13.59 ? 140  PHE A O   1 
ATOM   1118 C CB  . PHE A 1 140 ? 4.872   -2.488  8.547   1.00 15.93 ? 140  PHE A CB  1 
ATOM   1119 C CG  . PHE A 1 140 ? 4.428   -2.179  7.143   1.00 18.89 ? 140  PHE A CG  1 
ATOM   1120 C CD1 . PHE A 1 140 ? 3.533   -1.143  6.893   1.00 19.72 ? 140  PHE A CD1 1 
ATOM   1121 C CD2 . PHE A 1 140 ? 4.890   -2.936  6.068   1.00 20.38 ? 140  PHE A CD2 1 
ATOM   1122 C CE1 . PHE A 1 140 ? 3.104   -0.862  5.594   1.00 20.86 ? 140  PHE A CE1 1 
ATOM   1123 C CE2 . PHE A 1 140 ? 4.463   -2.661  4.766   1.00 22.03 ? 140  PHE A CE2 1 
ATOM   1124 C CZ  . PHE A 1 140 ? 3.570   -1.622  4.532   1.00 21.54 ? 140  PHE A CZ  1 
ATOM   1125 N N   . GLY A 1 141 ? 2.466   -1.725  10.148  1.00 12.54 ? 141  GLY A N   1 
ATOM   1126 C CA  . GLY A 1 141 ? 1.195   -1.048  10.311  1.00 12.05 ? 141  GLY A CA  1 
ATOM   1127 C C   . GLY A 1 141 ? 0.111   -1.912  10.922  1.00 12.20 ? 141  GLY A C   1 
ATOM   1128 O O   . GLY A 1 141 ? 0.337   -2.605  11.914  1.00 11.69 ? 141  GLY A O   1 
ATOM   1129 N N   . TYR A 1 142 ? -1.073  -1.870  10.320  1.00 12.23 ? 142  TYR A N   1 
ATOM   1130 C CA  . TYR A 1 142 ? -2.223  -2.625  10.803  1.00 10.61 ? 142  TYR A CA  1 
ATOM   1131 C C   . TYR A 1 142 ? -2.247  -4.095  10.420  1.00 10.81 ? 142  TYR A C   1 
ATOM   1132 O O   . TYR A 1 142 ? -3.226  -4.789  10.700  1.00 11.58 ? 142  TYR A O   1 
ATOM   1133 C CB  . TYR A 1 142 ? -3.513  -1.975  10.312  1.00 13.47 ? 142  TYR A CB  1 
ATOM   1134 C CG  . TYR A 1 142 ? -3.657  -0.549  10.750  1.00 15.22 ? 142  TYR A CG  1 
ATOM   1135 C CD1 . TYR A 1 142 ? -3.832  -0.227  12.093  1.00 14.42 ? 142  TYR A CD1 1 
ATOM   1136 C CD2 . TYR A 1 142 ? -3.599  0.489   9.821   1.00 16.26 ? 142  TYR A CD2 1 
ATOM   1137 C CE1 . TYR A 1 142 ? -3.950  1.107   12.507  1.00 17.98 ? 142  TYR A CE1 1 
ATOM   1138 C CE2 . TYR A 1 142 ? -3.715  1.815   10.220  1.00 18.21 ? 142  TYR A CE2 1 
ATOM   1139 C CZ  . TYR A 1 142 ? -3.890  2.114   11.563  1.00 16.94 ? 142  TYR A CZ  1 
ATOM   1140 O OH  . TYR A 1 142 ? -4.012  3.427   11.949  1.00 18.91 ? 142  TYR A OH  1 
ATOM   1141 N N   . ASP A 1 143 ? -1.192  -4.583  9.775   1.00 11.18 ? 143  ASP A N   1 
ATOM   1142 C CA  . ASP A 1 143 ? -1.158  -5.989  9.387   1.00 10.98 ? 143  ASP A CA  1 
ATOM   1143 C C   . ASP A 1 143 ? -1.533  -6.969  10.503  1.00 11.63 ? 143  ASP A C   1 
ATOM   1144 O O   . ASP A 1 143 ? -2.216  -7.958  10.240  1.00 12.40 ? 143  ASP A O   1 
ATOM   1145 C CB  . ASP A 1 143 ? 0.218   -6.374  8.830   1.00 12.44 ? 143  ASP A CB  1 
ATOM   1146 C CG  . ASP A 1 143 ? 0.454   -5.849  7.429   1.00 13.80 ? 143  ASP A CG  1 
ATOM   1147 O OD1 . ASP A 1 143 ? -0.468  -5.255  6.834   1.00 14.53 ? 143  ASP A OD1 1 
ATOM   1148 O OD2 . ASP A 1 143 ? 1.577   -6.041  6.923   1.00 14.02 ? 143  ASP A OD2 1 
ATOM   1149 N N   . PRO A 1 144 ? -1.116  -6.707  11.757  1.00 10.98 ? 144  PRO A N   1 
ATOM   1150 C CA  . PRO A 1 144 ? -1.459  -7.637  12.843  1.00 10.59 ? 144  PRO A CA  1 
ATOM   1151 C C   . PRO A 1 144 ? -2.930  -7.771  13.210  1.00 9.97  ? 144  PRO A C   1 
ATOM   1152 O O   . PRO A 1 144 ? -3.297  -8.703  13.922  1.00 11.67 ? 144  PRO A O   1 
ATOM   1153 C CB  . PRO A 1 144 ? -0.641  -7.119  14.026  1.00 10.98 ? 144  PRO A CB  1 
ATOM   1154 C CG  . PRO A 1 144 ? 0.529   -6.458  13.375  1.00 10.86 ? 144  PRO A CG  1 
ATOM   1155 C CD  . PRO A 1 144 ? -0.109  -5.732  12.213  1.00 11.64 ? 144  PRO A CD  1 
ATOM   1156 N N   . ILE A 1 145 ? -3.777  -6.856  12.749  1.00 10.48 ? 145  ILE A N   1 
ATOM   1157 C CA  . ILE A 1 145 ? -5.196  -6.955  13.087  1.00 10.94 ? 145  ILE A CA  1 
ATOM   1158 C C   . ILE A 1 145 ? -6.118  -7.027  11.874  1.00 10.99 ? 145  ILE A C   1 
ATOM   1159 O O   . ILE A 1 145 ? -7.326  -6.834  11.993  1.00 11.62 ? 145  ILE A O   1 
ATOM   1160 C CB  . ILE A 1 145 ? -5.653  -5.790  14.009  1.00 10.53 ? 145  ILE A CB  1 
ATOM   1161 C CG1 . ILE A 1 145 ? -5.483  -4.439  13.306  1.00 11.88 ? 145  ILE A CG1 1 
ATOM   1162 C CG2 . ILE A 1 145 ? -4.871  -5.848  15.318  1.00 12.11 ? 145  ILE A CG2 1 
ATOM   1163 C CD1 . ILE A 1 145 ? -6.076  -3.269  14.084  1.00 13.21 ? 145  ILE A CD1 1 
ATOM   1164 N N   . PHE A 1 146 ? -5.552  -7.322  10.709  1.00 11.43 ? 146  PHE A N   1 
ATOM   1165 C CA  . PHE A 1 146 ? -6.357  -7.428  9.499   1.00 11.52 ? 146  PHE A CA  1 
ATOM   1166 C C   . PHE A 1 146 ? -6.304  -8.834  8.914   1.00 11.16 ? 146  PHE A C   1 
ATOM   1167 O O   . PHE A 1 146 ? -5.227  -9.343  8.597   1.00 11.68 ? 146  PHE A O   1 
ATOM   1168 C CB  . PHE A 1 146 ? -5.881  -6.440  8.434   1.00 11.83 ? 146  PHE A CB  1 
ATOM   1169 C CG  . PHE A 1 146 ? -6.723  -6.450  7.185   1.00 11.60 ? 146  PHE A CG  1 
ATOM   1170 C CD1 . PHE A 1 146 ? -7.907  -5.722  7.126   1.00 11.16 ? 146  PHE A CD1 1 
ATOM   1171 C CD2 . PHE A 1 146 ? -6.345  -7.204  6.079   1.00 11.46 ? 146  PHE A CD2 1 
ATOM   1172 C CE1 . PHE A 1 146 ? -8.701  -5.743  5.982   1.00 12.34 ? 146  PHE A CE1 1 
ATOM   1173 C CE2 . PHE A 1 146 ? -7.133  -7.231  4.929   1.00 12.40 ? 146  PHE A CE2 1 
ATOM   1174 C CZ  . PHE A 1 146 ? -8.313  -6.498  4.882   1.00 11.89 ? 146  PHE A CZ  1 
ATOM   1175 N N   . ILE A 1 147 ? -7.471  -9.453  8.780   1.00 11.28 ? 147  ILE A N   1 
ATOM   1176 C CA  . ILE A 1 147 ? -7.577  -10.791 8.213   1.00 12.48 ? 147  ILE A CA  1 
ATOM   1177 C C   . ILE A 1 147 ? -8.283  -10.635 6.868   1.00 12.70 ? 147  ILE A C   1 
ATOM   1178 O O   . ILE A 1 147 ? -9.454  -10.251 6.814   1.00 13.22 ? 147  ILE A O   1 
ATOM   1179 C CB  . ILE A 1 147 ? -8.416  -11.727 9.114   1.00 12.75 ? 147  ILE A CB  1 
ATOM   1180 C CG1 . ILE A 1 147 ? -7.768  -11.847 10.497  1.00 14.78 ? 147  ILE A CG1 1 
ATOM   1181 C CG2 . ILE A 1 147 ? -8.531  -13.103 8.465   1.00 14.67 ? 147  ILE A CG2 1 
ATOM   1182 C CD1 . ILE A 1 147 ? -8.589  -12.664 11.491  1.00 16.25 ? 147  ILE A CD1 1 
ATOM   1183 N N   . PRO A 1 148 ? -7.581  -10.913 5.760   1.00 12.31 ? 148  PRO A N   1 
ATOM   1184 C CA  . PRO A 1 148 ? -8.210  -10.776 4.441   1.00 13.79 ? 148  PRO A CA  1 
ATOM   1185 C C   . PRO A 1 148 ? -9.283  -11.834 4.226   1.00 15.51 ? 148  PRO A C   1 
ATOM   1186 O O   . PRO A 1 148 ? -9.202  -12.930 4.778   1.00 16.03 ? 148  PRO A O   1 
ATOM   1187 C CB  . PRO A 1 148 ? -7.033  -10.936 3.480   1.00 14.64 ? 148  PRO A CB  1 
ATOM   1188 C CG  . PRO A 1 148 ? -6.139  -11.896 4.205   1.00 14.14 ? 148  PRO A CG  1 
ATOM   1189 C CD  . PRO A 1 148 ? -6.188  -11.386 5.638   1.00 13.19 ? 148  PRO A CD  1 
ATOM   1190 N N   . GLU A 1 149 ? -10.289 -11.499 3.425   1.00 17.17 ? 149  GLU A N   1 
ATOM   1191 C CA  . GLU A 1 149 ? -11.369 -12.437 3.152   1.00 20.95 ? 149  GLU A CA  1 
ATOM   1192 C C   . GLU A 1 149 ? -10.822 -13.736 2.563   1.00 22.02 ? 149  GLU A C   1 
ATOM   1193 O O   . GLU A 1 149 ? -9.990  -13.715 1.656   1.00 22.84 ? 149  GLU A O   1 
ATOM   1194 C CB  . GLU A 1 149 ? -12.378 -11.801 2.194   1.00 24.83 ? 149  GLU A CB  1 
ATOM   1195 C CG  . GLU A 1 149 ? -13.549 -12.697 1.832   1.00 30.01 ? 149  GLU A CG  1 
ATOM   1196 C CD  . GLU A 1 149 ? -14.636 -11.949 1.087   1.00 33.23 ? 149  GLU A CD  1 
ATOM   1197 O OE1 . GLU A 1 149 ? -14.316 -11.275 0.084   1.00 35.45 ? 149  GLU A OE1 1 
ATOM   1198 O OE2 . GLU A 1 149 ? -15.812 -12.039 1.504   1.00 36.27 ? 149  GLU A OE2 1 
ATOM   1199 N N   . GLY A 1 150 ? -11.282 -14.863 3.098   1.00 22.65 ? 150  GLY A N   1 
ATOM   1200 C CA  . GLY A 1 150 ? -10.835 -16.154 2.607   1.00 23.38 ? 150  GLY A CA  1 
ATOM   1201 C C   . GLY A 1 150 ? -9.627  -16.706 3.340   1.00 23.34 ? 150  GLY A C   1 
ATOM   1202 O O   . GLY A 1 150 ? -9.113  -17.772 2.994   1.00 25.68 ? 150  GLY A O   1 
ATOM   1203 N N   . SER A 1 151 ? -9.173  -15.988 4.361   1.00 22.11 ? 151  SER A N   1 
ATOM   1204 C CA  . SER A 1 151 ? -8.012  -16.416 5.131   1.00 19.76 ? 151  SER A CA  1 
ATOM   1205 C C   . SER A 1 151 ? -8.319  -16.561 6.618   1.00 19.07 ? 151  SER A C   1 
ATOM   1206 O O   . SER A 1 151 ? -9.277  -15.980 7.128   1.00 19.71 ? 151  SER A O   1 
ATOM   1207 C CB  . SER A 1 151 ? -6.869  -15.412 4.945   1.00 20.62 ? 151  SER A CB  1 
ATOM   1208 O OG  . SER A 1 151 ? -5.741  -15.765 5.724   1.00 20.24 ? 151  SER A OG  1 
ATOM   1209 N N   . GLU A 1 152 ? -7.499  -17.348 7.307   1.00 19.16 ? 152  GLU A N   1 
ATOM   1210 C CA  . GLU A 1 152 ? -7.654  -17.552 8.742   1.00 20.17 ? 152  GLU A CA  1 
ATOM   1211 C C   . GLU A 1 152 ? -6.494  -16.856 9.450   1.00 18.98 ? 152  GLU A C   1 
ATOM   1212 O O   . GLU A 1 152 ? -6.392  -16.880 10.675  1.00 19.45 ? 152  GLU A O   1 
ATOM   1213 C CB  . GLU A 1 152 ? -7.627  -19.044 9.085   1.00 22.50 ? 152  GLU A CB  1 
ATOM   1214 C CG  . GLU A 1 152 ? -8.694  -19.878 8.392   1.00 25.07 ? 152  GLU A CG  1 
ATOM   1215 C CD  . GLU A 1 152 ? -10.102 -19.383 8.665   1.00 27.82 ? 152  GLU A CD  1 
ATOM   1216 O OE1 . GLU A 1 152 ? -10.465 -19.222 9.851   1.00 29.53 ? 152  GLU A OE1 1 
ATOM   1217 O OE2 . GLU A 1 152 ? -10.852 -19.159 7.690   1.00 29.78 ? 152  GLU A OE2 1 
ATOM   1218 N N   . LYS A 1 153 ? -5.619  -16.235 8.664   1.00 17.01 ? 153  LYS A N   1 
ATOM   1219 C CA  . LYS A 1 153 ? -4.451  -15.552 9.205   1.00 16.51 ? 153  LYS A CA  1 
ATOM   1220 C C   . LYS A 1 153 ? -4.482  -14.045 8.965   1.00 14.18 ? 153  LYS A C   1 
ATOM   1221 O O   . LYS A 1 153 ? -5.092  -13.564 8.007   1.00 14.98 ? 153  LYS A O   1 
ATOM   1222 C CB  . LYS A 1 153 ? -3.184  -16.129 8.567   1.00 18.28 ? 153  LYS A CB  1 
ATOM   1223 C CG  . LYS A 1 153 ? -3.038  -17.632 8.745   1.00 22.18 ? 153  LYS A CG  1 
ATOM   1224 C CD  . LYS A 1 153 ? -1.980  -18.219 7.823   1.00 25.76 ? 153  LYS A CD  1 
ATOM   1225 C CE  . LYS A 1 153 ? -0.591  -17.698 8.146   1.00 28.28 ? 153  LYS A CE  1 
ATOM   1226 N NZ  . LYS A 1 153 ? 0.439   -18.325 7.269   1.00 31.83 ? 153  LYS A NZ  1 
ATOM   1227 N N   . THR A 1 154 ? -3.828  -13.298 9.847   1.00 13.26 ? 154  THR A N   1 
ATOM   1228 C CA  . THR A 1 154 ? -3.746  -11.852 9.676   1.00 12.59 ? 154  THR A CA  1 
ATOM   1229 C C   . THR A 1 154 ? -2.610  -11.628 8.674   1.00 13.06 ? 154  THR A C   1 
ATOM   1230 O O   . THR A 1 154 ? -1.799  -12.529 8.437   1.00 13.24 ? 154  THR A O   1 
ATOM   1231 C CB  . THR A 1 154 ? -3.354  -11.140 10.981  1.00 12.86 ? 154  THR A CB  1 
ATOM   1232 O OG1 . THR A 1 154 ? -2.021  -11.522 11.337  1.00 13.25 ? 154  THR A OG1 1 
ATOM   1233 C CG2 . THR A 1 154 ? -4.299  -11.515 12.111  1.00 13.62 ? 154  THR A CG2 1 
ATOM   1234 N N   . PHE A 1 155 ? -2.549  -10.437 8.084   1.00 12.76 ? 155  PHE A N   1 
ATOM   1235 C CA  . PHE A 1 155 ? -1.473  -10.138 7.142   1.00 12.76 ? 155  PHE A CA  1 
ATOM   1236 C C   . PHE A 1 155 ? -0.122  -10.333 7.820   1.00 12.99 ? 155  PHE A C   1 
ATOM   1237 O O   . PHE A 1 155 ? 0.845   -10.738 7.177   1.00 13.21 ? 155  PHE A O   1 
ATOM   1238 C CB  . PHE A 1 155 ? -1.533  -8.685  6.660   1.00 13.14 ? 155  PHE A CB  1 
ATOM   1239 C CG  . PHE A 1 155 ? -2.416  -8.448  5.463   1.00 13.11 ? 155  PHE A CG  1 
ATOM   1240 C CD1 . PHE A 1 155 ? -2.774  -9.480  4.597   1.00 13.63 ? 155  PHE A CD1 1 
ATOM   1241 C CD2 . PHE A 1 155 ? -2.833  -7.154  5.163   1.00 14.54 ? 155  PHE A CD2 1 
ATOM   1242 C CE1 . PHE A 1 155 ? -3.535  -9.217  3.444   1.00 14.22 ? 155  PHE A CE1 1 
ATOM   1243 C CE2 . PHE A 1 155 ? -3.588  -6.884  4.020   1.00 14.64 ? 155  PHE A CE2 1 
ATOM   1244 C CZ  . PHE A 1 155 ? -3.938  -7.919  3.159   1.00 13.39 ? 155  PHE A CZ  1 
ATOM   1245 N N   . ALA A 1 156 ? -0.055  -10.028 9.115   1.00 12.11 ? 156  ALA A N   1 
ATOM   1246 C CA  . ALA A 1 156 ? 1.194   -10.144 9.869   1.00 13.10 ? 156  ALA A CA  1 
ATOM   1247 C C   . ALA A 1 156 ? 1.647   -11.580 10.114  1.00 13.78 ? 156  ALA A C   1 
ATOM   1248 O O   . ALA A 1 156 ? 2.769   -11.807 10.566  1.00 13.42 ? 156  ALA A O   1 
ATOM   1249 C CB  . ALA A 1 156 ? 1.072   -9.404  11.198  1.00 13.77 ? 156  ALA A CB  1 
ATOM   1250 N N   . GLU A 1 157 ? 0.783   -12.545 9.828   1.00 13.17 ? 157  GLU A N   1 
ATOM   1251 C CA  . GLU A 1 157 ? 1.142   -13.947 10.008  1.00 14.32 ? 157  GLU A CA  1 
ATOM   1252 C C   . GLU A 1 157 ? 1.630   -14.533 8.686   1.00 15.05 ? 157  GLU A C   1 
ATOM   1253 O O   . GLU A 1 157 ? 1.979   -15.711 8.606   1.00 16.56 ? 157  GLU A O   1 
ATOM   1254 C CB  . GLU A 1 157 ? -0.063  -14.746 10.517  1.00 14.51 ? 157  GLU A CB  1 
ATOM   1255 C CG  . GLU A 1 157 ? -0.438  -14.439 11.955  1.00 15.98 ? 157  GLU A CG  1 
ATOM   1256 C CD  . GLU A 1 157 ? -1.637  -15.236 12.432  1.00 16.32 ? 157  GLU A CD  1 
ATOM   1257 O OE1 . GLU A 1 157 ? -2.723  -15.100 11.834  1.00 15.81 ? 157  GLU A OE1 1 
ATOM   1258 O OE2 . GLU A 1 157 ? -1.495  -15.999 13.410  1.00 20.00 ? 157  GLU A OE2 1 
ATOM   1259 N N   . MET A 1 158 ? 1.671   -13.693 7.657   1.00 13.54 ? 158  MET A N   1 
ATOM   1260 C CA  . MET A 1 158 ? 2.083   -14.111 6.325   1.00 14.03 ? 158  MET A CA  1 
ATOM   1261 C C   . MET A 1 158 ? 3.456   -13.611 5.913   1.00 13.93 ? 158  MET A C   1 
ATOM   1262 O O   . MET A 1 158 ? 3.899   -12.546 6.338   1.00 14.15 ? 158  MET A O   1 
ATOM   1263 C CB  . MET A 1 158 ? 1.076   -13.605 5.294   1.00 13.37 ? 158  MET A CB  1 
ATOM   1264 C CG  . MET A 1 158 ? -0.351  -14.018 5.550   1.00 14.54 ? 158  MET A CG  1 
ATOM   1265 S SD  . MET A 1 158 ? -1.447  -13.233 4.367   1.00 14.73 ? 158  MET A SD  1 
ATOM   1266 C CE  . MET A 1 158 ? -3.029  -13.750 5.008   1.00 15.69 ? 158  MET A CE  1 
ATOM   1267 N N   . THR A 1 159 ? 4.123   -14.386 5.066   1.00 14.43 ? 159  THR A N   1 
ATOM   1268 C CA  . THR A 1 159 ? 5.421   -13.993 4.544   1.00 14.57 ? 159  THR A CA  1 
ATOM   1269 C C   . THR A 1 159 ? 5.115   -12.937 3.480   1.00 13.72 ? 159  THR A C   1 
ATOM   1270 O O   . THR A 1 159 ? 3.958   -12.752 3.095   1.00 13.49 ? 159  THR A O   1 
ATOM   1271 C CB  . THR A 1 159 ? 6.128   -15.172 3.857   1.00 14.73 ? 159  THR A CB  1 
ATOM   1272 O OG1 . THR A 1 159 ? 5.322   -15.634 2.769   1.00 15.81 ? 159  THR A OG1 1 
ATOM   1273 C CG2 . THR A 1 159 ? 6.350   -16.314 4.839   1.00 17.02 ? 159  THR A CG2 1 
ATOM   1274 N N   . ILE A 1 160 ? 6.145   -12.248 3.003   1.00 13.69 ? 160  ILE A N   1 
ATOM   1275 C CA  . ILE A 1 160 ? 5.945   -11.230 1.979   1.00 13.71 ? 160  ILE A CA  1 
ATOM   1276 C C   . ILE A 1 160 ? 5.289   -11.831 0.735   1.00 14.21 ? 160  ILE A C   1 
ATOM   1277 O O   . ILE A 1 160 ? 4.364   -11.250 0.168   1.00 13.91 ? 160  ILE A O   1 
ATOM   1278 C CB  . ILE A 1 160 ? 7.285   -10.567 1.592   1.00 13.69 ? 160  ILE A CB  1 
ATOM   1279 C CG1 . ILE A 1 160 ? 7.811   -9.745  2.772   1.00 15.55 ? 160  ILE A CG1 1 
ATOM   1280 C CG2 . ILE A 1 160 ? 7.100   -9.683  0.364   1.00 14.95 ? 160  ILE A CG2 1 
ATOM   1281 C CD1 . ILE A 1 160 ? 9.176   -9.125  2.535   1.00 17.38 ? 160  ILE A CD1 1 
ATOM   1282 N N   . GLU A 1 161 ? 5.753   -13.004 0.319   1.00 14.04 ? 161  GLU A N   1 
ATOM   1283 C CA  . GLU A 1 161 ? 5.191   -13.656 -0.855  1.00 16.63 ? 161  GLU A CA  1 
ATOM   1284 C C   . GLU A 1 161 ? 3.722   -14.001 -0.638  1.00 15.00 ? 161  GLU A C   1 
ATOM   1285 O O   . GLU A 1 161 ? 2.888   -13.792 -1.522  1.00 15.89 ? 161  GLU A O   1 
ATOM   1286 C CB  . GLU A 1 161 ? 5.974   -14.931 -1.175  1.00 20.16 ? 161  GLU A CB  1 
ATOM   1287 C CG  . GLU A 1 161 ? 5.532   -15.625 -2.447  1.00 24.54 ? 161  GLU A CG  1 
ATOM   1288 C CD  . GLU A 1 161 ? 6.278   -16.920 -2.684  1.00 27.52 ? 161  GLU A CD  1 
ATOM   1289 O OE1 . GLU A 1 161 ? 7.526   -16.899 -2.644  1.00 30.89 ? 161  GLU A OE1 1 
ATOM   1290 O OE2 . GLU A 1 161 ? 5.618   -17.955 -2.915  1.00 30.81 ? 161  GLU A OE2 1 
ATOM   1291 N N   . GLU A 1 162 ? 3.406   -14.532 0.541   1.00 14.68 ? 162  GLU A N   1 
ATOM   1292 C CA  . GLU A 1 162 ? 2.033   -14.902 0.861   1.00 14.05 ? 162  GLU A CA  1 
ATOM   1293 C C   . GLU A 1 162 ? 1.136   -13.670 0.921   1.00 13.67 ? 162  GLU A C   1 
ATOM   1294 O O   . GLU A 1 162 ? 0.016   -13.687 0.413   1.00 15.09 ? 162  GLU A O   1 
ATOM   1295 C CB  . GLU A 1 162 ? 1.980   -15.653 2.195   1.00 15.02 ? 162  GLU A CB  1 
ATOM   1296 C CG  . GLU A 1 162 ? 2.752   -16.965 2.196   1.00 18.68 ? 162  GLU A CG  1 
ATOM   1297 C CD  . GLU A 1 162 ? 2.653   -17.694 3.520   1.00 20.02 ? 162  GLU A CD  1 
ATOM   1298 O OE1 . GLU A 1 162 ? 2.731   -17.029 4.575   1.00 18.28 ? 162  GLU A OE1 1 
ATOM   1299 O OE2 . GLU A 1 162 ? 2.507   -18.935 3.509   1.00 23.84 ? 162  GLU A OE2 1 
ATOM   1300 N N   . LYS A 1 163 ? 1.632   -12.599 1.534   1.00 12.96 ? 163  LYS A N   1 
ATOM   1301 C CA  . LYS A 1 163 ? 0.852   -11.371 1.634   1.00 12.72 ? 163  LYS A CA  1 
ATOM   1302 C C   . LYS A 1 163 ? 0.601   -10.782 0.248   1.00 13.02 ? 163  LYS A C   1 
ATOM   1303 O O   . LYS A 1 163 ? -0.525  -10.402 -0.074  1.00 13.06 ? 163  LYS A O   1 
ATOM   1304 C CB  . LYS A 1 163 ? 1.570   -10.342 2.511   1.00 12.59 ? 163  LYS A CB  1 
ATOM   1305 C CG  . LYS A 1 163 ? 0.786   -9.044  2.676   1.00 11.81 ? 163  LYS A CG  1 
ATOM   1306 C CD  . LYS A 1 163 ? 1.560   -8.010  3.481   1.00 12.71 ? 163  LYS A CD  1 
ATOM   1307 C CE  . LYS A 1 163 ? 0.818   -6.680  3.503   1.00 12.98 ? 163  LYS A CE  1 
ATOM   1308 N NZ  . LYS A 1 163 ? 1.587   -5.619  4.202   1.00 13.82 ? 163  LYS A NZ  1 
ATOM   1309 N N   . ASN A 1 164 ? 1.647   -10.719 -0.575  1.00 13.24 ? 164  ASN A N   1 
ATOM   1310 C CA  . ASN A 1 164 ? 1.516   -10.171 -1.923  1.00 14.49 ? 164  ASN A CA  1 
ATOM   1311 C C   . ASN A 1 164 ? 0.485   -10.914 -2.760  1.00 14.34 ? 164  ASN A C   1 
ATOM   1312 O O   . ASN A 1 164 ? -0.162  -10.325 -3.626  1.00 16.05 ? 164  ASN A O   1 
ATOM   1313 C CB  . ASN A 1 164 ? 2.859   -10.195 -2.662  1.00 14.52 ? 164  ASN A CB  1 
ATOM   1314 C CG  . ASN A 1 164 ? 3.732   -8.996  -2.340  1.00 15.14 ? 164  ASN A CG  1 
ATOM   1315 O OD1 . ASN A 1 164 ? 3.259   -7.991  -1.817  1.00 16.99 ? 164  ASN A OD1 1 
ATOM   1316 N ND2 . ASN A 1 164 ? 5.014   -9.090  -2.676  1.00 16.68 ? 164  ASN A ND2 1 
ATOM   1317 N N   . ALA A 1 165 ? 0.325   -12.208 -2.501  1.00 15.07 ? 165  ALA A N   1 
ATOM   1318 C CA  . ALA A 1 165 ? -0.627  -13.008 -3.261  1.00 15.89 ? 165  ALA A CA  1 
ATOM   1319 C C   . ALA A 1 165 ? -2.077  -12.683 -2.927  1.00 16.06 ? 165  ALA A C   1 
ATOM   1320 O O   . ALA A 1 165 ? -2.985  -13.028 -3.683  1.00 17.32 ? 165  ALA A O   1 
ATOM   1321 C CB  . ALA A 1 165 ? -0.360  -14.495 -3.024  1.00 17.06 ? 165  ALA A CB  1 
ATOM   1322 N N   . LEU A 1 166 ? -2.294  -11.997 -1.809  1.00 15.27 ? 166  LEU A N   1 
ATOM   1323 C CA  . LEU A 1 166 ? -3.649  -11.668 -1.374  1.00 15.32 ? 166  LEU A CA  1 
ATOM   1324 C C   . LEU A 1 166 ? -3.942  -10.192 -1.128  1.00 14.14 ? 166  LEU A C   1 
ATOM   1325 O O   . LEU A 1 166 ? -5.102  -9.784  -1.126  1.00 14.73 ? 166  LEU A O   1 
ATOM   1326 C CB  . LEU A 1 166 ? -3.960  -12.409 -0.071  1.00 18.39 ? 166  LEU A CB  1 
ATOM   1327 C CG  . LEU A 1 166 ? -3.914  -13.935 -0.009  1.00 19.77 ? 166  LEU A CG  1 
ATOM   1328 C CD1 . LEU A 1 166 ? -4.089  -14.383 1.438   1.00 17.85 ? 166  LEU A CD1 1 
ATOM   1329 C CD2 . LEU A 1 166 ? -5.002  -14.522 -0.893  1.00 21.89 ? 166  LEU A CD2 1 
ATOM   1330 N N   . SER A 1 167 ? -2.899  -9.394  -0.933  1.00 13.65 ? 167  SER A N   1 
ATOM   1331 C CA  . SER A 1 167 ? -3.077  -7.991  -0.582  1.00 12.54 ? 167  SER A CA  1 
ATOM   1332 C C   . SER A 1 167 ? -3.451  -6.971  -1.641  1.00 11.59 ? 167  SER A C   1 
ATOM   1333 O O   . SER A 1 167 ? -3.412  -7.224  -2.846  1.00 12.00 ? 167  SER A O   1 
ATOM   1334 C CB  . SER A 1 167 ? -1.826  -7.487  0.125   1.00 12.64 ? 167  SER A CB  1 
ATOM   1335 O OG  . SER A 1 167 ? -0.829  -7.184  -0.831  1.00 12.46 ? 167  SER A OG  1 
ATOM   1336 N N   . HIS A 1 168 ? -3.814  -5.799  -1.134  1.00 12.37 ? 168  HIS A N   1 
ATOM   1337 C CA  . HIS A 1 168 ? -4.176  -4.637  -1.934  1.00 11.44 ? 168  HIS A CA  1 
ATOM   1338 C C   . HIS A 1 168 ? -2.967  -4.227  -2.774  1.00 11.40 ? 168  HIS A C   1 
ATOM   1339 O O   . HIS A 1 168 ? -3.092  -3.928  -3.964  1.00 11.95 ? 168  HIS A O   1 
ATOM   1340 C CB  . HIS A 1 168 ? -4.565  -3.486  -0.997  1.00 11.45 ? 168  HIS A CB  1 
ATOM   1341 C CG  . HIS A 1 168 ? -3.631  -3.313  0.165   1.00 9.97  ? 168  HIS A CG  1 
ATOM   1342 N ND1 . HIS A 1 168 ? -3.275  -4.360  0.989   1.00 12.47 ? 168  HIS A ND1 1 
ATOM   1343 C CD2 . HIS A 1 168 ? -2.989  -2.221  0.644   1.00 11.33 ? 168  HIS A CD2 1 
ATOM   1344 C CE1 . HIS A 1 168 ? -2.456  -3.922  1.927   1.00 12.00 ? 168  HIS A CE1 1 
ATOM   1345 N NE2 . HIS A 1 168 ? -2.265  -2.628  1.742   1.00 11.18 ? 168  HIS A NE2 1 
ATOM   1346 N N   . ARG A 1 169 ? -1.798  -4.212  -2.138  1.00 12.04 ? 169  ARG A N   1 
ATOM   1347 C CA  . ARG A 1 169 ? -0.559  -3.826  -2.803  1.00 12.18 ? 169  ARG A CA  1 
ATOM   1348 C C   . ARG A 1 169 ? -0.215  -4.846  -3.883  1.00 11.99 ? 169  ARG A C   1 
ATOM   1349 O O   . ARG A 1 169 ? 0.230   -4.480  -4.965  1.00 12.33 ? 169  ARG A O   1 
ATOM   1350 C CB  . ARG A 1 169 ? 0.568   -3.708  -1.770  1.00 12.67 ? 169  ARG A CB  1 
ATOM   1351 C CG  . ARG A 1 169 ? 1.902   -3.232  -2.336  1.00 12.99 ? 169  ARG A CG  1 
ATOM   1352 C CD  . ARG A 1 169 ? 2.814   -2.713  -1.234  1.00 17.72 ? 169  ARG A CD  1 
ATOM   1353 N NE  . ARG A 1 169 ? 2.180   -1.604  -0.532  1.00 18.91 ? 169  ARG A NE  1 
ATOM   1354 C CZ  . ARG A 1 169 ? 1.684   -1.664  0.703   1.00 16.40 ? 169  ARG A CZ  1 
ATOM   1355 N NH1 . ARG A 1 169 ? 1.752   -2.780  1.413   1.00 18.18 ? 169  ARG A NH1 1 
ATOM   1356 N NH2 . ARG A 1 169 ? 1.077   -0.606  1.212   1.00 17.83 ? 169  ARG A NH2 1 
ATOM   1357 N N   . GLY A 1 170 ? -0.445  -6.123  -3.596  1.00 12.18 ? 170  GLY A N   1 
ATOM   1358 C CA  . GLY A 1 170 ? -0.170  -7.156  -4.579  1.00 13.07 ? 170  GLY A CA  1 
ATOM   1359 C C   . GLY A 1 170 ? -1.032  -6.974  -5.815  1.00 12.98 ? 170  GLY A C   1 
ATOM   1360 O O   . GLY A 1 170 ? -0.569  -7.178  -6.942  1.00 13.70 ? 170  GLY A O   1 
ATOM   1361 N N   . LYS A 1 171 ? -2.289  -6.585  -5.616  1.00 12.34 ? 171  LYS A N   1 
ATOM   1362 C CA  . LYS A 1 171 ? -3.196  -6.376  -6.738  1.00 12.82 ? 171  LYS A CA  1 
ATOM   1363 C C   . LYS A 1 171 ? -2.786  -5.150  -7.549  1.00 13.55 ? 171  LYS A C   1 
ATOM   1364 O O   . LYS A 1 171 ? -2.860  -5.157  -8.777  1.00 14.43 ? 171  LYS A O   1 
ATOM   1365 C CB  . LYS A 1 171 ? -4.636  -6.241  -6.235  1.00 13.47 ? 171  LYS A CB  1 
ATOM   1366 C CG  . LYS A 1 171 ? -5.196  -7.552  -5.693  1.00 14.67 ? 171  LYS A CG  1 
ATOM   1367 C CD  . LYS A 1 171 ? -6.537  -7.373  -5.010  1.00 16.10 ? 171  LYS A CD  1 
ATOM   1368 C CE  . LYS A 1 171 ? -7.011  -8.698  -4.436  1.00 17.15 ? 171  LYS A CE  1 
ATOM   1369 N NZ  . LYS A 1 171 ? -8.314  -8.566  -3.737  1.00 18.45 ? 171  LYS A NZ  1 
ATOM   1370 N N   . ALA A 1 172 ? -2.341  -4.102  -6.867  1.00 12.86 ? 172  ALA A N   1 
ATOM   1371 C CA  . ALA A 1 172 ? -1.904  -2.898  -7.561  1.00 12.30 ? 172  ALA A CA  1 
ATOM   1372 C C   . ALA A 1 172 ? -0.652  -3.238  -8.370  1.00 12.28 ? 172  ALA A C   1 
ATOM   1373 O O   . ALA A 1 172 ? -0.507  -2.820  -9.519  1.00 12.52 ? 172  ALA A O   1 
ATOM   1374 C CB  . ALA A 1 172 ? -1.601  -1.788  -6.559  1.00 12.76 ? 172  ALA A CB  1 
ATOM   1375 N N   . LEU A 1 173 ? 0.243   -4.016  -7.772  1.00 12.79 ? 173  LEU A N   1 
ATOM   1376 C CA  . LEU A 1 173 ? 1.476   -4.413  -8.448  1.00 13.57 ? 173  LEU A CA  1 
ATOM   1377 C C   . LEU A 1 173 ? 1.189   -5.285  -9.670  1.00 15.01 ? 173  LEU A C   1 
ATOM   1378 O O   . LEU A 1 173 ? 1.897   -5.201  -10.676 1.00 14.76 ? 173  LEU A O   1 
ATOM   1379 C CB  . LEU A 1 173 ? 2.397   -5.149  -7.469  1.00 13.45 ? 173  LEU A CB  1 
ATOM   1380 C CG  . LEU A 1 173 ? 3.055   -4.263  -6.403  1.00 13.16 ? 173  LEU A CG  1 
ATOM   1381 C CD1 . LEU A 1 173 ? 3.627   -5.132  -5.295  1.00 13.97 ? 173  LEU A CD1 1 
ATOM   1382 C CD2 . LEU A 1 173 ? 4.144   -3.398  -7.038  1.00 15.51 ? 173  LEU A CD2 1 
ATOM   1383 N N   . LYS A 1 174 ? 0.154   -6.118  -9.589  1.00 15.29 ? 174  LYS A N   1 
ATOM   1384 C CA  . LYS A 1 174 ? -0.217  -6.980  -10.708 1.00 16.46 ? 174  LYS A CA  1 
ATOM   1385 C C   . LYS A 1 174 ? -0.676  -6.138  -11.894 1.00 16.77 ? 174  LYS A C   1 
ATOM   1386 O O   . LYS A 1 174 ? -0.282  -6.389  -13.035 1.00 16.70 ? 174  LYS A O   1 
ATOM   1387 C CB  . LYS A 1 174 ? -1.329  -7.948  -10.294 1.00 19.40 ? 174  LYS A CB  1 
ATOM   1388 C CG  . LYS A 1 174 ? -0.861  -9.066  -9.377  1.00 23.97 ? 174  LYS A CG  1 
ATOM   1389 C CD  . LYS A 1 174 ? -2.006  -9.984  -8.987  1.00 26.68 ? 174  LYS A CD  1 
ATOM   1390 C CE  . LYS A 1 174 ? -1.510  -11.130 -8.122  1.00 29.08 ? 174  LYS A CE  1 
ATOM   1391 N NZ  . LYS A 1 174 ? -0.810  -10.639 -6.902  1.00 31.45 ? 174  LYS A NZ  1 
ATOM   1392 N N   . ALA A 1 175 ? -1.509  -5.137  -11.624 1.00 16.06 ? 175  ALA A N   1 
ATOM   1393 C CA  . ALA A 1 175 ? -2.004  -4.255  -12.676 1.00 16.03 ? 175  ALA A CA  1 
ATOM   1394 C C   . ALA A 1 175 ? -0.830  -3.472  -13.266 1.00 16.80 ? 175  ALA A C   1 
ATOM   1395 O O   . ALA A 1 175 ? -0.738  -3.277  -14.478 1.00 17.20 ? 175  ALA A O   1 
ATOM   1396 C CB  . ALA A 1 175 ? -3.046  -3.301  -12.104 1.00 17.03 ? 175  ALA A CB  1 
ATOM   1397 N N   . PHE A 1 176 ? 0.067   -3.035  -12.391 1.00 14.70 ? 176  PHE A N   1 
ATOM   1398 C CA  . PHE A 1 176 ? 1.256   -2.279  -12.769 1.00 14.77 ? 176  PHE A CA  1 
ATOM   1399 C C   . PHE A 1 176 ? 2.153   -3.120  -13.680 1.00 15.74 ? 176  PHE A C   1 
ATOM   1400 O O   . PHE A 1 176 ? 2.609   -2.653  -14.729 1.00 16.37 ? 176  PHE A O   1 
ATOM   1401 C CB  . PHE A 1 176 ? 1.992   -1.867  -11.485 1.00 14.71 ? 176  PHE A CB  1 
ATOM   1402 C CG  . PHE A 1 176 ? 3.259   -1.085  -11.707 1.00 13.93 ? 176  PHE A CG  1 
ATOM   1403 C CD1 . PHE A 1 176 ? 3.386   -0.201  -12.773 1.00 15.24 ? 176  PHE A CD1 1 
ATOM   1404 C CD2 . PHE A 1 176 ? 4.305   -1.190  -10.794 1.00 14.19 ? 176  PHE A CD2 1 
ATOM   1405 C CE1 . PHE A 1 176 ? 4.537   0.570   -12.918 1.00 15.38 ? 176  PHE A CE1 1 
ATOM   1406 C CE2 . PHE A 1 176 ? 5.456   -0.425  -10.932 1.00 14.92 ? 176  PHE A CE2 1 
ATOM   1407 C CZ  . PHE A 1 176 ? 5.572   0.457   -11.997 1.00 14.53 ? 176  PHE A CZ  1 
ATOM   1408 N N   . PHE A 1 177 ? 2.394   -4.363  -13.279 1.00 16.39 ? 177  PHE A N   1 
ATOM   1409 C CA  . PHE A 1 177 ? 3.227   -5.268  -14.059 1.00 18.39 ? 177  PHE A CA  1 
ATOM   1410 C C   . PHE A 1 177 ? 2.646   -5.521  -15.446 1.00 18.99 ? 177  PHE A C   1 
ATOM   1411 O O   . PHE A 1 177 ? 3.373   -5.535  -16.441 1.00 19.31 ? 177  PHE A O   1 
ATOM   1412 C CB  . PHE A 1 177 ? 3.388   -6.596  -13.325 1.00 18.36 ? 177  PHE A CB  1 
ATOM   1413 C CG  . PHE A 1 177 ? 4.055   -7.661  -14.143 1.00 20.73 ? 177  PHE A CG  1 
ATOM   1414 C CD1 . PHE A 1 177 ? 5.327   -7.456  -14.673 1.00 22.98 ? 177  PHE A CD1 1 
ATOM   1415 C CD2 . PHE A 1 177 ? 3.417   -8.874  -14.376 1.00 23.28 ? 177  PHE A CD2 1 
ATOM   1416 C CE1 . PHE A 1 177 ? 5.957   -8.449  -15.419 1.00 24.69 ? 177  PHE A CE1 1 
ATOM   1417 C CE2 . PHE A 1 177 ? 4.037   -9.873  -15.120 1.00 25.24 ? 177  PHE A CE2 1 
ATOM   1418 C CZ  . PHE A 1 177 ? 5.312   -9.658  -15.642 1.00 25.33 ? 177  PHE A CZ  1 
ATOM   1419 N N   . GLU A 1 178 ? 1.337   -5.734  -15.515 1.00 20.06 ? 178  GLU A N   1 
ATOM   1420 C CA  . GLU A 1 178 ? 0.692   -5.983  -16.799 1.00 21.30 ? 178  GLU A CA  1 
ATOM   1421 C C   . GLU A 1 178 ? 0.888   -4.798  -17.733 1.00 21.40 ? 178  GLU A C   1 
ATOM   1422 O O   . GLU A 1 178 ? 1.136   -4.972  -18.928 1.00 20.90 ? 178  GLU A O   1 
ATOM   1423 C CB  . GLU A 1 178 ? -0.799  -6.264  -16.599 1.00 23.36 ? 178  GLU A CB  1 
ATOM   1424 C CG  . GLU A 1 178 ? -1.065  -7.593  -15.911 1.00 28.21 ? 178  GLU A CG  1 
ATOM   1425 C CD  . GLU A 1 178 ? -0.563  -8.773  -16.722 1.00 30.51 ? 178  GLU A CD  1 
ATOM   1426 O OE1 . GLU A 1 178 ? -0.466  -9.886  -16.164 1.00 32.03 ? 178  GLU A OE1 1 
ATOM   1427 O OE2 . GLU A 1 178 ? -0.274  -8.581  -17.924 1.00 32.43 ? 178  GLU A OE2 1 
ATOM   1428 N N   . TRP A 1 179 ? 0.788   -3.592  -17.184 1.00 19.26 ? 179  TRP A N   1 
ATOM   1429 C CA  . TRP A 1 179 ? 0.968   -2.380  -17.973 1.00 18.27 ? 179  TRP A CA  1 
ATOM   1430 C C   . TRP A 1 179 ? 2.407   -2.299  -18.470 1.00 18.71 ? 179  TRP A C   1 
ATOM   1431 O O   . TRP A 1 179 ? 2.659   -1.986  -19.637 1.00 18.78 ? 179  TRP A O   1 
ATOM   1432 C CB  . TRP A 1 179 ? 0.656   -1.143  -17.127 1.00 17.08 ? 179  TRP A CB  1 
ATOM   1433 C CG  . TRP A 1 179 ? 0.699   0.153   -17.893 1.00 17.24 ? 179  TRP A CG  1 
ATOM   1434 C CD1 . TRP A 1 179 ? -0.358  0.811   -18.455 1.00 17.22 ? 179  TRP A CD1 1 
ATOM   1435 C CD2 . TRP A 1 179 ? 1.865   0.929   -18.203 1.00 17.52 ? 179  TRP A CD2 1 
ATOM   1436 N NE1 . TRP A 1 179 ? 0.075   1.949   -19.094 1.00 18.51 ? 179  TRP A NE1 1 
ATOM   1437 C CE2 . TRP A 1 179 ? 1.435   2.046   -18.956 1.00 17.45 ? 179  TRP A CE2 1 
ATOM   1438 C CE3 . TRP A 1 179 ? 3.231   0.790   -17.918 1.00 17.23 ? 179  TRP A CE3 1 
ATOM   1439 C CZ2 . TRP A 1 179 ? 2.324   3.018   -19.431 1.00 19.03 ? 179  TRP A CZ2 1 
ATOM   1440 C CZ3 . TRP A 1 179 ? 4.115   1.758   -18.390 1.00 19.11 ? 179  TRP A CZ3 1 
ATOM   1441 C CH2 . TRP A 1 179 ? 3.655   2.859   -19.138 1.00 19.74 ? 179  TRP A CH2 1 
ATOM   1442 N N   . LEU A 1 180 ? 3.354   -2.575  -17.580 1.00 18.43 ? 180  LEU A N   1 
ATOM   1443 C CA  . LEU A 1 180 ? 4.776   -2.538  -17.925 1.00 18.33 ? 180  LEU A CA  1 
ATOM   1444 C C   . LEU A 1 180 ? 5.089   -3.483  -19.083 1.00 19.65 ? 180  LEU A C   1 
ATOM   1445 O O   . LEU A 1 180 ? 5.814   -3.116  -20.007 1.00 20.08 ? 180  LEU A O   1 
ATOM   1446 C CB  . LEU A 1 180 ? 5.622   -2.925  -16.710 1.00 18.02 ? 180  LEU A CB  1 
ATOM   1447 C CG  . LEU A 1 180 ? 5.630   -1.913  -15.562 1.00 17.87 ? 180  LEU A CG  1 
ATOM   1448 C CD1 . LEU A 1 180 ? 6.314   -2.521  -14.354 1.00 17.05 ? 180  LEU A CD1 1 
ATOM   1449 C CD2 . LEU A 1 180 ? 6.326   -0.630  -15.999 1.00 18.08 ? 180  LEU A CD2 1 
ATOM   1450 N N   . LYS A 1 181 ? 4.556   -4.699  -19.021 1.00 20.85 ? 181  LYS A N   1 
ATOM   1451 C CA  . LYS A 1 181 ? 4.709   -5.741  -20.019 1.00 23.87 ? 181  LYS A CA  1 
ATOM   1452 C C   . LYS A 1 181 ? 4.259   -5.245  -21.388 1.00 24.07 ? 181  LYS A C   1 
ATOM   1453 O O   . LYS A 1 181 ? 4.975   -5.334  -22.376 1.00 24.58 ? 181  LYS A O   1 
ATOM   1454 C CB  . LYS A 1 181 ? 3.858   -6.939  -19.593 1.00 25.37 ? 181  LYS A CB  1 
ATOM   1455 C CG  . LYS A 1 181 ? 4.686   -8.023  -18.899 1.00 28.23 ? 181  LYS A CG  1 
ATOM   1456 C CD  . LYS A 1 181 ? 3.920   -9.340  -18.766 1.00 31.59 ? 181  LYS A CD  1 
ATOM   1457 C CE  . LYS A 1 181 ? 3.918   -10.151 -20.065 1.00 32.97 ? 181  LYS A CE  1 
ATOM   1458 N NZ  . LYS A 1 181 ? 3.095   -11.349 -19.896 1.00 35.14 ? 181  LYS A NZ  1 
ATOM   1459 N N   . VAL A 1 182 ? 3.030   -4.760  -21.381 1.00 23.69 ? 182  VAL A N   1 
ATOM   1460 C CA  . VAL A 1 182 ? 2.369   -4.319  -22.598 1.00 24.38 ? 182  VAL A CA  1 
ATOM   1461 C C   . VAL A 1 182 ? 2.886   -3.036  -23.228 1.00 23.89 ? 182  VAL A C   1 
ATOM   1462 O O   . VAL A 1 182 ? 3.080   -2.975  -24.448 1.00 25.25 ? 182  VAL A O   1 
ATOM   1463 C CB  . VAL A 1 182 ? 0.868   -4.224  -22.389 1.00 25.14 ? 182  VAL A CB  1 
ATOM   1464 C CG1 . VAL A 1 182 ? 0.223   -3.725  -23.653 1.00 27.11 ? 182  VAL A CG1 1 
ATOM   1465 C CG2 . VAL A 1 182 ? 0.360   -5.605  -22.005 1.00 25.98 ? 182  VAL A CG2 1 
ATOM   1466 N N   . ASN A 1 183 ? 3.192   -2.046  -22.399 1.00 23.29 ? 183  ASN A N   1 
ATOM   1467 C CA  . ASN A 1 183 ? 3.665   -0.762  -22.897 1.00 22.97 ? 183  ASN A CA  1 
ATOM   1468 C C   . ASN A 1 183 ? 5.169   -0.584  -23.057 1.00 23.47 ? 183  ASN A C   1 
ATOM   1469 O O   . ASN A 1 183 ? 5.607   0.171   -23.925 1.00 23.48 ? 183  ASN A O   1 
ATOM   1470 C CB  . ASN A 1 183 ? 3.123   0.361   -22.012 1.00 22.75 ? 183  ASN A CB  1 
ATOM   1471 C CG  . ASN A 1 183 ? 1.606   0.464   -22.062 1.00 24.54 ? 183  ASN A CG  1 
ATOM   1472 O OD1 . ASN A 1 183 ? 1.045   1.285   -22.791 1.00 26.40 ? 183  ASN A OD1 1 
ATOM   1473 N ND2 . ASN A 1 183 ? 0.933   -0.370  -21.276 1.00 22.70 ? 183  ASN A ND2 1 
ATOM   1474 N N   . LEU A 1 184 ? 5.958   -1.256  -22.228 1.00 23.50 ? 184  LEU A N   1 
ATOM   1475 C CA  . LEU A 1 184 ? 7.404   -1.103  -22.317 1.00 24.62 ? 184  LEU A CA  1 
ATOM   1476 C C   . LEU A 1 184 ? 8.119   -2.272  -22.979 1.00 25.89 ? 184  LEU A C   1 
ATOM   1477 O O   . LEU A 1 184 ? 9.162   -2.087  -23.610 1.00 26.38 ? 184  LEU A O   1 
ATOM   1478 C CB  . LEU A 1 184 ? 7.996   -0.868  -20.926 1.00 23.09 ? 184  LEU A CB  1 
ATOM   1479 C CG  . LEU A 1 184 ? 7.476   0.341   -20.143 1.00 21.90 ? 184  LEU A CG  1 
ATOM   1480 C CD1 . LEU A 1 184 ? 8.301   0.499   -18.873 1.00 22.02 ? 184  LEU A CD1 1 
ATOM   1481 C CD2 . LEU A 1 184 ? 7.559   1.606   -20.997 1.00 22.28 ? 184  LEU A CD2 1 
ATOM   1482 N N   . LYS A 1 185 ? 7.567   -3.471  -22.835 1.00 27.33 ? 185  LYS A N   1 
ATOM   1483 C CA  . LYS A 1 185 ? 8.167   -4.663  -23.424 1.00 29.11 ? 185  LYS A CA  1 
ATOM   1484 C C   . LYS A 1 185 ? 9.649   -4.758  -23.069 1.00 29.99 ? 185  LYS A C   1 
ATOM   1485 O O   . LYS A 1 185 ? 10.494  -5.025  -23.922 1.00 30.22 ? 185  LYS A O   1 
ATOM   1486 C CB  . LYS A 1 185 ? 7.997   -4.635  -24.944 1.00 28.63 ? 185  LYS A CB  1 
ATOM   1487 C CG  . LYS A 1 185 ? 6.547   -4.567  -25.387 1.00 30.09 ? 185  LYS A CG  1 
ATOM   1488 C CD  . LYS A 1 185 ? 6.423   -4.501  -26.899 1.00 30.89 ? 185  LYS A CD  1 
ATOM   1489 C CE  . LYS A 1 185 ? 4.968   -4.396  -27.320 1.00 32.33 ? 185  LYS A CE  1 
ATOM   1490 N NZ  . LYS A 1 185 ? 4.812   -4.367  -28.801 1.00 33.83 ? 185  LYS A NZ  1 
ATOM   1491 N N   . TYR A 1 186 ? 9.957   -4.535  -21.798 1.00 31.64 ? 186  TYR A N   1 
ATOM   1492 C CA  . TYR A 1 186 ? 11.328  -4.588  -21.308 1.00 33.51 ? 186  TYR A CA  1 
ATOM   1493 C C   . TYR A 1 186 ? 11.821  -6.029  -21.210 1.00 34.38 ? 186  TYR A C   1 
ATOM   1494 O O   . TYR A 1 186 ? 11.093  -6.919  -21.715 1.00 35.74 ? 186  TYR A O   1 
ATOM   1495 C CB  . TYR A 1 186 ? 11.401  -3.943  -19.930 1.00 34.32 ? 186  TYR A CB  1 
ATOM   1496 C CG  . TYR A 1 186 ? 10.686  -4.763  -18.885 1.00 35.20 ? 186  TYR A CG  1 
ATOM   1497 C CD1 . TYR A 1 186 ? 9.288   -4.806  -18.829 1.00 35.56 ? 186  TYR A CD1 1 
ATOM   1498 C CD2 . TYR A 1 186 ? 11.402  -5.564  -18.002 1.00 35.38 ? 186  TYR A CD2 1 
ATOM   1499 C CE1 . TYR A 1 186 ? 8.633   -5.632  -17.919 1.00 35.47 ? 186  TYR A CE1 1 
ATOM   1500 C CE2 . TYR A 1 186 ? 10.758  -6.385  -17.096 1.00 35.60 ? 186  TYR A CE2 1 
ATOM   1501 C CZ  . TYR A 1 186 ? 9.378   -6.415  -17.058 1.00 36.03 ? 186  TYR A CZ  1 
ATOM   1502 O OH  . TYR A 1 186 ? 8.742   -7.219  -16.144 1.00 36.25 ? 186  TYR A OH  1 
ATOM   1503 O OXT . TYR A 1 186 ? 12.915  -6.219  -20.616 1.00 36.15 ? 186  TYR A OXT 1 
HETATM 1504 C C1  . CIT B 2 .   ? -12.424 0.785   -3.487  1.00 23.61 ? 1200 CIT A C1  1 
HETATM 1505 O O1  . CIT B 2 .   ? -12.284 0.019   -4.473  1.00 26.22 ? 1200 CIT A O1  1 
HETATM 1506 O O2  . CIT B 2 .   ? -11.841 1.924   -3.469  1.00 25.33 ? 1200 CIT A O2  1 
HETATM 1507 C C2  . CIT B 2 .   ? -13.314 0.367   -2.317  1.00 21.66 ? 1200 CIT A C2  1 
HETATM 1508 C C3  . CIT B 2 .   ? -14.844 0.604   -2.550  1.00 19.80 ? 1200 CIT A C3  1 
HETATM 1509 O O7  . CIT B 2 .   ? -15.114 1.730   -3.392  1.00 18.30 ? 1200 CIT A O7  1 
HETATM 1510 C C4  . CIT B 2 .   ? -15.542 0.762   -1.141  1.00 20.55 ? 1200 CIT A C4  1 
HETATM 1511 C C5  . CIT B 2 .   ? -17.069 1.066   -1.227  1.00 20.35 ? 1200 CIT A C5  1 
HETATM 1512 O O3  . CIT B 2 .   ? -17.675 1.202   -2.338  1.00 20.27 ? 1200 CIT A O3  1 
HETATM 1513 O O4  . CIT B 2 .   ? -17.742 1.155   -0.158  1.00 22.56 ? 1200 CIT A O4  1 
HETATM 1514 C C6  . CIT B 2 .   ? -15.413 -0.674  -3.207  1.00 20.71 ? 1200 CIT A C6  1 
HETATM 1515 O O5  . CIT B 2 .   ? -15.963 -0.631  -4.320  1.00 19.27 ? 1200 CIT A O5  1 
HETATM 1516 O O6  . CIT B 2 .   ? -15.286 -1.770  -2.609  1.00 20.82 ? 1200 CIT A O6  1 
HETATM 1517 O O   . HOH C 3 .   ? -0.444  -0.828  3.717   1.00 8.86  ? 1201 HOH A O   1 
HETATM 1518 O O   . HOH C 3 .   ? 5.911   6.535   -2.082  1.00 12.57 ? 1202 HOH A O   1 
HETATM 1519 O O   . HOH C 3 .   ? 0.511   14.567  -2.201  1.00 12.31 ? 1203 HOH A O   1 
HETATM 1520 O O   . HOH C 3 .   ? -16.206 -2.168  10.362  1.00 14.97 ? 1204 HOH A O   1 
HETATM 1521 O O   . HOH C 3 .   ? -12.409 -4.554  18.973  1.00 14.76 ? 1205 HOH A O   1 
HETATM 1522 O O   . HOH C 3 .   ? -4.532  20.207  9.107   1.00 13.19 ? 1206 HOH A O   1 
HETATM 1523 O O   . HOH C 3 .   ? -8.885  6.241   -1.368  1.00 15.48 ? 1207 HOH A O   1 
HETATM 1524 O O   . HOH C 3 .   ? 1.630   -6.815  -0.094  1.00 15.62 ? 1208 HOH A O   1 
HETATM 1525 O O   . HOH C 3 .   ? -9.387  8.745   3.964   1.00 16.61 ? 1209 HOH A O   1 
HETATM 1526 O O   . HOH C 3 .   ? -4.115  15.833  -6.266  1.00 19.46 ? 1210 HOH A O   1 
HETATM 1527 O O   . HOH C 3 .   ? -13.092 -10.323 13.496  1.00 19.30 ? 1211 HOH A O   1 
HETATM 1528 O O   . HOH C 3 .   ? -1.178  7.337   5.995   1.00 16.16 ? 1212 HOH A O   1 
HETATM 1529 O O   . HOH C 3 .   ? -2.760  -9.688  -4.325  1.00 18.08 ? 1213 HOH A O   1 
HETATM 1530 O O   . HOH C 3 .   ? 0.398   -0.224  17.805  1.00 18.82 ? 1214 HOH A O   1 
HETATM 1531 O O   . HOH C 3 .   ? 1.288   -9.010  16.413  1.00 19.67 ? 1215 HOH A O   1 
HETATM 1532 O O   . HOH C 3 .   ? 2.416   8.565   -0.941  1.00 16.89 ? 1216 HOH A O   1 
HETATM 1533 O O   . HOH C 3 .   ? 7.089   -8.778  6.254   1.00 17.73 ? 1217 HOH A O   1 
HETATM 1534 O O   . HOH C 3 .   ? -8.113  16.817  8.947   1.00 18.78 ? 1218 HOH A O   1 
HETATM 1535 O O   . HOH C 3 .   ? -5.353  19.499  0.982   1.00 20.01 ? 1219 HOH A O   1 
HETATM 1536 O O   . HOH C 3 .   ? 4.129   -14.633 12.541  1.00 20.44 ? 1220 HOH A O   1 
HETATM 1537 O O   . HOH C 3 .   ? 4.717   15.536  -21.014 1.00 21.00 ? 1221 HOH A O   1 
HETATM 1538 O O   . HOH C 3 .   ? -11.777 -11.850 6.744   1.00 20.95 ? 1222 HOH A O   1 
HETATM 1539 O O   . HOH C 3 .   ? 2.653   -3.770  12.742  1.00 18.73 ? 1223 HOH A O   1 
HETATM 1540 O O   . HOH C 3 .   ? -1.073  -0.490  20.060  1.00 18.32 ? 1224 HOH A O   1 
HETATM 1541 O O   . HOH C 3 .   ? -8.511  -4.675  -6.621  1.00 20.80 ? 1225 HOH A O   1 
HETATM 1542 O O   . HOH C 3 .   ? -9.792  -3.612  22.828  1.00 20.79 ? 1226 HOH A O   1 
HETATM 1543 O O   . HOH C 3 .   ? 4.595   7.871   -21.045 1.00 17.83 ? 1227 HOH A O   1 
HETATM 1544 O O   . HOH C 3 .   ? 4.917   -1.010  11.570  1.00 19.68 ? 1228 HOH A O   1 
HETATM 1545 O O   . HOH C 3 .   ? -7.527  -1.998  22.742  1.00 19.74 ? 1229 HOH A O   1 
HETATM 1546 O O   . HOH C 3 .   ? -8.713  -0.796  -7.151  1.00 23.37 ? 1230 HOH A O   1 
HETATM 1547 O O   . HOH C 3 .   ? 9.779   0.241   -25.084 1.00 19.21 ? 1231 HOH A O   1 
HETATM 1548 O O   . HOH C 3 .   ? 6.067   5.919   -22.416 1.00 28.93 ? 1232 HOH A O   1 
HETATM 1549 O O   . HOH C 3 .   ? -15.034 -8.227  4.499   1.00 21.44 ? 1233 HOH A O   1 
HETATM 1550 O O   . HOH C 3 .   ? 3.812   -6.225  12.030  1.00 21.59 ? 1234 HOH A O   1 
HETATM 1551 O O   . HOH C 3 .   ? -4.934  -6.336  -10.068 1.00 23.69 ? 1235 HOH A O   1 
HETATM 1552 O O   . HOH C 3 .   ? 3.304   -13.466 -4.118  1.00 22.46 ? 1236 HOH A O   1 
HETATM 1553 O O   . HOH C 3 .   ? -4.369  -7.354  20.718  1.00 22.49 ? 1237 HOH A O   1 
HETATM 1554 O O   . HOH C 3 .   ? -9.107  14.875  4.292   1.00 22.39 ? 1238 HOH A O   1 
HETATM 1555 O O   . HOH C 3 .   ? 0.695   12.973  -16.953 1.00 26.13 ? 1239 HOH A O   1 
HETATM 1556 O O   . HOH C 3 .   ? -1.194  -16.114 0.428   1.00 21.47 ? 1240 HOH A O   1 
HETATM 1557 O O   . HOH C 3 .   ? 1.631   2.290   17.389  1.00 22.90 ? 1241 HOH A O   1 
HETATM 1558 O O   . HOH C 3 .   ? -4.364  -17.373 3.875   1.00 23.65 ? 1242 HOH A O   1 
HETATM 1559 O O   . HOH C 3 .   ? -9.647  11.520  3.539   1.00 21.51 ? 1243 HOH A O   1 
HETATM 1560 O O   . HOH C 3 .   ? 11.530  13.009  -12.914 1.00 20.92 ? 1244 HOH A O   1 
HETATM 1561 O O   . HOH C 3 .   ? -0.513  -3.855  4.438   1.00 20.32 ? 1245 HOH A O   1 
HETATM 1562 O O   . HOH C 3 .   ? -5.571  -0.233  -11.598 1.00 27.24 ? 1246 HOH A O   1 
HETATM 1563 O O   . HOH C 3 .   ? 14.369  1.764   -16.530 1.00 26.64 ? 1247 HOH A O   1 
HETATM 1564 O O   . HOH C 3 .   ? -11.291 -8.085  -1.843  1.00 24.33 ? 1248 HOH A O   1 
HETATM 1565 O O   . HOH C 3 .   ? -6.914  20.180  7.835   1.00 23.95 ? 1249 HOH A O   1 
HETATM 1566 O O   . HOH C 3 .   ? -3.494  6.093   -15.076 1.00 26.22 ? 1250 HOH A O   1 
HETATM 1567 O O   . HOH C 3 .   ? -3.004  -2.765  -15.999 1.00 25.07 ? 1251 HOH A O   1 
HETATM 1568 O O   . HOH C 3 .   ? -14.595 1.277   4.865   1.00 21.46 ? 1252 HOH A O   1 
HETATM 1569 O O   . HOH C 3 .   ? 7.974   19.054  -10.467 1.00 22.78 ? 1253 HOH A O   1 
HETATM 1570 O O   . HOH C 3 .   ? 3.019   -17.738 7.092   1.00 26.70 ? 1254 HOH A O   1 
HETATM 1571 O O   . HOH C 3 .   ? -7.338  -11.185 -1.877  1.00 21.44 ? 1255 HOH A O   1 
HETATM 1572 O O   . HOH C 3 .   ? -13.338 8.219   5.297   1.00 23.95 ? 1256 HOH A O   1 
HETATM 1573 O O   . HOH C 3 .   ? -11.545 -17.046 11.275  1.00 24.32 ? 1257 HOH A O   1 
HETATM 1574 O O   . HOH C 3 .   ? -5.884  14.609  -8.015  1.00 26.22 ? 1258 HOH A O   1 
HETATM 1575 O O   . HOH C 3 .   ? -4.066  3.961   21.935  1.00 28.31 ? 1259 HOH A O   1 
HETATM 1576 O O   . HOH C 3 .   ? 2.291   -2.048  17.363  1.00 31.05 ? 1260 HOH A O   1 
HETATM 1577 O O   . HOH C 3 .   ? 6.233   -17.942 1.580   1.00 28.58 ? 1261 HOH A O   1 
HETATM 1578 O O   . HOH C 3 .   ? -14.255 -11.025 5.373   1.00 29.46 ? 1262 HOH A O   1 
HETATM 1579 O O   . HOH C 3 .   ? -2.970  3.479   -16.092 1.00 34.16 ? 1263 HOH A O   1 
HETATM 1580 O O   . HOH C 3 .   ? -11.169 4.293   -0.664  1.00 27.42 ? 1264 HOH A O   1 
HETATM 1581 O O   . HOH C 3 .   ? 2.944   -4.178  15.444  1.00 24.56 ? 1265 HOH A O   1 
HETATM 1582 O O   . HOH C 3 .   ? -6.543  2.910   22.862  1.00 29.68 ? 1266 HOH A O   1 
HETATM 1583 O O   . HOH C 3 .   ? -4.657  -11.199 -5.787  1.00 27.41 ? 1267 HOH A O   1 
HETATM 1584 O O   . HOH C 3 .   ? -10.889 1.158   -6.554  1.00 28.90 ? 1268 HOH A O   1 
HETATM 1585 O O   . HOH C 3 .   ? 13.069  -5.762  -7.561  1.00 26.79 ? 1269 HOH A O   1 
HETATM 1586 O O   . HOH C 3 .   ? -16.217 -2.190  25.559  1.00 30.76 ? 1270 HOH A O   1 
HETATM 1587 O O   . HOH C 3 .   ? 2.572   15.789  -22.854 1.00 28.08 ? 1271 HOH A O   1 
HETATM 1588 O O   . HOH C 3 .   ? -6.725  -7.228  22.126  1.00 30.64 ? 1272 HOH A O   1 
HETATM 1589 O O   . HOH C 3 .   ? -10.323 -1.531  26.443  1.00 30.92 ? 1273 HOH A O   1 
HETATM 1590 O O   . HOH C 3 .   ? -8.205  16.845  6.201   1.00 27.09 ? 1274 HOH A O   1 
HETATM 1591 O O   . HOH C 3 .   ? 1.542   -10.487 18.677  1.00 34.04 ? 1275 HOH A O   1 
HETATM 1592 O O   . HOH C 3 .   ? -2.274  6.212   22.194  1.00 29.39 ? 1276 HOH A O   1 
HETATM 1593 O O   . HOH C 3 .   ? 0.842   3.930   19.774  1.00 32.26 ? 1277 HOH A O   1 
HETATM 1594 O O   . HOH C 3 .   ? 5.506   -0.636  14.945  1.00 30.89 ? 1278 HOH A O   1 
HETATM 1595 O O   . HOH C 3 .   ? -2.037  3.648   -20.472 1.00 30.04 ? 1279 HOH A O   1 
HETATM 1596 O O   . HOH C 3 .   ? -10.307 -6.220  21.594  1.00 30.47 ? 1280 HOH A O   1 
HETATM 1597 O O   . HOH C 3 .   ? 9.708   -7.529  5.899   1.00 34.68 ? 1281 HOH A O   1 
HETATM 1598 O O   . HOH C 3 .   ? 1.605   -13.384 17.327  1.00 29.23 ? 1282 HOH A O   1 
HETATM 1599 O O   . HOH C 3 .   ? -9.892  16.423  2.099   1.00 31.79 ? 1283 HOH A O   1 
HETATM 1600 O O   . HOH C 3 .   ? -10.025 5.836   -3.645  1.00 26.53 ? 1284 HOH A O   1 
HETATM 1601 O O   . HOH C 3 .   ? -5.796  -19.248 5.939   1.00 30.91 ? 1285 HOH A O   1 
HETATM 1602 O O   . HOH C 3 .   ? -0.281  5.914   3.957   1.00 26.00 ? 1286 HOH A O   1 
HETATM 1603 O O   . HOH C 3 .   ? 13.835  3.425   4.326   1.00 33.92 ? 1287 HOH A O   1 
HETATM 1604 O O   . HOH C 3 .   ? -6.425  -4.251  -9.056  1.00 33.56 ? 1288 HOH A O   1 
HETATM 1605 O O   . HOH C 3 .   ? 3.921   12.812  4.681   1.00 35.94 ? 1289 HOH A O   1 
HETATM 1606 O O   . HOH C 3 .   ? 6.201   -5.013  11.850  1.00 23.57 ? 1290 HOH A O   1 
HETATM 1607 O O   . HOH C 3 .   ? -6.130  -17.500 1.689   1.00 37.59 ? 1291 HOH A O   1 
HETATM 1608 O O   . HOH C 3 .   ? 2.614   7.172   3.036   1.00 31.96 ? 1292 HOH A O   1 
HETATM 1609 O O   . HOH C 3 .   ? 2.116   14.925  -13.276 1.00 35.78 ? 1293 HOH A O   1 
HETATM 1610 O O   . HOH C 3 .   ? 15.499  18.115  -5.527  1.00 38.33 ? 1294 HOH A O   1 
HETATM 1611 O O   . HOH C 3 .   ? 18.539  2.159   -3.171  1.00 34.93 ? 1295 HOH A O   1 
HETATM 1612 O O   . HOH C 3 .   ? 4.225   -7.646  14.429  1.00 27.46 ? 1296 HOH A O   1 
HETATM 1613 O O   . HOH C 3 .   ? 15.814  4.093   -16.531 1.00 30.47 ? 1297 HOH A O   1 
HETATM 1614 O O   . HOH C 3 .   ? 14.448  14.909  0.299   1.00 34.86 ? 1298 HOH A O   1 
HETATM 1615 O O   . HOH C 3 .   ? 5.683   5.534   0.413   1.00 18.87 ? 1299 HOH A O   1 
HETATM 1616 O O   . HOH C 3 .   ? -19.679 3.034   -0.714  1.00 18.13 ? 1300 HOH A O   1 
HETATM 1617 O O   . HOH C 3 .   ? -16.160 -6.566  20.840  1.00 21.36 ? 1301 HOH A O   1 
HETATM 1618 O O   . HOH C 3 .   ? -0.942  11.538  -11.672 1.00 26.71 ? 1302 HOH A O   1 
HETATM 1619 O O   . HOH C 3 .   ? -1.684  -17.127 3.235   1.00 29.07 ? 1303 HOH A O   1 
HETATM 1620 O O   . HOH C 3 .   ? -16.124 -8.662  18.740  1.00 33.09 ? 1304 HOH A O   1 
HETATM 1621 O O   . HOH C 3 .   ? 17.723  13.285  -10.241 1.00 25.89 ? 1305 HOH A O   1 
HETATM 1622 O O   . HOH C 3 .   ? 8.123   -5.123  6.911   1.00 27.21 ? 1306 HOH A O   1 
HETATM 1623 O O   . HOH C 3 .   ? 2.081   18.986  -6.978  1.00 27.58 ? 1307 HOH A O   1 
HETATM 1624 O O   . HOH C 3 .   ? 2.554   -6.573  16.657  1.00 23.98 ? 1308 HOH A O   1 
HETATM 1625 O O   . HOH C 3 .   ? -17.861 -10.078 14.017  1.00 30.02 ? 1309 HOH A O   1 
HETATM 1626 O O   . HOH C 3 .   ? -16.391 -8.245  2.283   1.00 28.62 ? 1310 HOH A O   1 
HETATM 1627 O O   . HOH C 3 .   ? 4.842   3.720   -23.030 1.00 24.64 ? 1311 HOH A O   1 
HETATM 1628 O O   . HOH C 3 .   ? -5.647  17.809  -5.124  1.00 28.91 ? 1312 HOH A O   1 
HETATM 1629 O O   . HOH C 3 .   ? -1.053  -3.288  20.969  1.00 29.17 ? 1313 HOH A O   1 
HETATM 1630 O O   . HOH C 3 .   ? -16.982 1.967   2.169   1.00 26.07 ? 1314 HOH A O   1 
HETATM 1631 O O   . HOH C 3 .   ? -15.927 -13.277 14.168  1.00 27.60 ? 1315 HOH A O   1 
HETATM 1632 O O   . HOH C 3 .   ? 0.404   -17.927 -0.961  1.00 30.38 ? 1316 HOH A O   1 
HETATM 1633 O O   . HOH C 3 .   ? -15.686 -11.037 15.847  1.00 26.57 ? 1317 HOH A O   1 
HETATM 1634 O O   . HOH C 3 .   ? 5.479   1.093   -26.251 1.00 24.81 ? 1318 HOH A O   1 
HETATM 1635 O O   . HOH C 3 .   ? -5.422  -3.790  22.914  1.00 29.18 ? 1319 HOH A O   1 
HETATM 1636 O O   . HOH C 3 .   ? 16.856  -0.306  -3.068  1.00 31.76 ? 1320 HOH A O   1 
HETATM 1637 O O   . HOH C 3 .   ? -14.255 3.963   2.606   1.00 34.02 ? 1321 HOH A O   1 
HETATM 1638 O O   . HOH C 3 .   ? -13.622 -3.722  -3.819  1.00 29.60 ? 1322 HOH A O   1 
HETATM 1639 O O   . HOH C 3 .   ? -16.960 -6.660  17.367  1.00 29.86 ? 1323 HOH A O   1 
HETATM 1640 O O   . HOH C 3 .   ? -2.449  17.065  -8.204  1.00 26.83 ? 1324 HOH A O   1 
HETATM 1641 O O   . HOH C 3 .   ? -7.020  11.694  -8.192  1.00 30.79 ? 1325 HOH A O   1 
HETATM 1642 O O   . HOH C 3 .   ? 4.643   15.799  -17.015 1.00 31.21 ? 1326 HOH A O   1 
HETATM 1643 O O   . HOH C 3 .   ? 7.659   -7.097  11.643  1.00 28.89 ? 1327 HOH A O   1 
HETATM 1644 O O   . HOH C 3 .   ? -11.731 7.421   0.296   1.00 35.12 ? 1328 HOH A O   1 
HETATM 1645 O O   . HOH C 3 .   ? 5.119   -8.214  4.438   1.00 28.09 ? 1329 HOH A O   1 
HETATM 1646 O O   . HOH C 3 .   ? -18.165 -2.931  23.876  1.00 34.67 ? 1330 HOH A O   1 
HETATM 1647 O O   . HOH C 3 .   ? 0.315   13.749  -11.342 1.00 25.51 ? 1331 HOH A O   1 
HETATM 1648 O O   . HOH C 3 .   ? 8.422   -6.834  9.052   1.00 38.02 ? 1332 HOH A O   1 
HETATM 1649 O O   . HOH C 3 .   ? 7.180   -5.731  4.340   1.00 27.57 ? 1333 HOH A O   1 
HETATM 1650 O O   . HOH C 3 .   ? 15.096  -3.267  -3.401  1.00 35.84 ? 1334 HOH A O   1 
HETATM 1651 O O   . HOH C 3 .   ? 8.720   -16.677 1.773   1.00 31.91 ? 1335 HOH A O   1 
HETATM 1652 O O   . HOH C 3 .   ? 7.756   -0.540  7.183   1.00 29.59 ? 1336 HOH A O   1 
HETATM 1653 O O   . HOH C 3 .   ? 4.250   4.698   4.606   1.00 37.41 ? 1337 HOH A O   1 
HETATM 1654 O O   . HOH C 3 .   ? -7.356  17.462  -1.200  1.00 31.05 ? 1338 HOH A O   1 
HETATM 1655 O O   . HOH C 3 .   ? 3.352   -12.769 -8.386  1.00 38.88 ? 1339 HOH A O   1 
HETATM 1656 O O   . HOH C 3 .   ? -3.648  -4.601  21.119  1.00 32.72 ? 1340 HOH A O   1 
HETATM 1657 O O   . HOH C 3 .   ? 3.001   2.087   -25.193 1.00 38.95 ? 1341 HOH A O   1 
HETATM 1658 O O   . HOH C 3 .   ? 5.456   -11.756 -4.668  1.00 33.92 ? 1342 HOH A O   1 
HETATM 1659 O O   . HOH C 3 .   ? -11.494 -14.668 6.145   1.00 32.09 ? 1343 HOH A O   1 
HETATM 1660 O O   . HOH C 3 .   ? -17.050 2.782   17.167  1.00 33.68 ? 1344 HOH A O   1 
HETATM 1661 O O   . HOH C 3 .   ? 2.139   14.973  -18.104 1.00 34.83 ? 1345 HOH A O   1 
HETATM 1662 O O   . HOH C 3 .   ? 11.467  -11.661 -6.186  1.00 37.59 ? 1346 HOH A O   1 
HETATM 1663 O O   . HOH C 3 .   ? -0.308  3.949   -22.907 1.00 40.94 ? 1347 HOH A O   1 
HETATM 1664 O O   . HOH C 3 .   ? -7.702  -1.038  25.302  1.00 32.26 ? 1348 HOH A O   1 
HETATM 1665 O O   . HOH C 3 .   ? 4.312   5.457   17.977  1.00 37.18 ? 1349 HOH A O   1 
HETATM 1666 O O   . HOH C 3 .   ? -3.041  -14.186 -6.254  1.00 39.89 ? 1350 HOH A O   1 
HETATM 1667 O O   . HOH C 3 .   ? -20.692 -0.751  9.421   1.00 37.36 ? 1351 HOH A O   1 
HETATM 1668 O O   . HOH C 3 .   ? 12.382  -2.314  8.285   1.00 38.37 ? 1352 HOH A O   1 
HETATM 1669 O O   . HOH C 3 .   ? 14.874  14.193  -13.358 1.00 31.79 ? 1353 HOH A O   1 
HETATM 1670 O O   . HOH C 3 .   ? -6.016  19.809  -1.790  1.00 29.71 ? 1354 HOH A O   1 
HETATM 1671 O O   . HOH C 3 .   ? 17.387  6.996   -14.643 1.00 32.84 ? 1355 HOH A O   1 
HETATM 1672 O O   . HOH C 3 .   ? 1.751   -12.786 -6.206  1.00 36.95 ? 1356 HOH A O   1 
HETATM 1673 O O   . HOH C 3 .   ? -13.535 4.122   -2.655  1.00 40.86 ? 1357 HOH A O   1 
HETATM 1674 O O   . HOH C 3 .   ? -5.635  12.928  -12.159 1.00 37.42 ? 1358 HOH A O   1 
HETATM 1675 O O   . HOH C 3 .   ? 6.066   -12.081 -7.856  1.00 28.98 ? 1359 HOH A O   1 
HETATM 1676 O O   . HOH C 3 .   ? -9.197  15.506  -2.386  1.00 34.17 ? 1360 HOH A O   1 
HETATM 1677 O O   . HOH C 3 .   ? -2.035  -0.840  -21.131 1.00 39.69 ? 1361 HOH A O   1 
HETATM 1678 O O   . HOH C 3 .   ? 2.557   -4.880  18.873  1.00 37.80 ? 1362 HOH A O   1 
HETATM 1679 O O   . HOH C 3 .   ? -22.259 -2.044  16.216  1.00 40.87 ? 1363 HOH A O   1 
HETATM 1680 O O   . HOH C 3 .   ? -6.450  -12.642 -4.274  1.00 34.92 ? 1364 HOH A O   1 
HETATM 1681 O O   . HOH C 3 .   ? 1.931   -4.604  -26.412 1.00 40.19 ? 1365 HOH A O   1 
HETATM 1682 O O   . HOH C 3 .   ? -12.738 -2.268  -5.939  1.00 36.54 ? 1366 HOH A O   1 
HETATM 1683 O O   . HOH C 3 .   ? 5.904   18.137  -17.156 1.00 40.67 ? 1367 HOH A O   1 
HETATM 1684 O O   . HOH C 3 .   ? -3.069  -8.866  22.517  1.00 37.90 ? 1368 HOH A O   1 
HETATM 1685 O O   . HOH C 3 .   ? 3.243   4.938   10.633  1.00 41.75 ? 1369 HOH A O   1 
HETATM 1686 O O   . HOH C 3 .   ? -3.106  6.050   -19.702 1.00 36.98 ? 1370 HOH A O   1 
HETATM 1687 O O   . HOH C 3 .   ? -8.882  0.735   27.247  1.00 46.29 ? 1371 HOH A O   1 
HETATM 1688 O O   . HOH C 3 .   ? -7.796  3.797   -8.409  1.00 38.51 ? 1372 HOH A O   1 
HETATM 1689 O O   . HOH C 3 .   ? 14.380  -1.550  -20.183 1.00 39.56 ? 1373 HOH A O   1 
HETATM 1690 O O   . HOH C 3 .   ? -18.146 3.248   5.619   1.00 36.19 ? 1374 HOH A O   1 
HETATM 1691 O O   . HOH C 3 .   ? -0.460  14.302  -14.924 1.00 43.32 ? 1375 HOH A O   1 
HETATM 1692 O O   . HOH C 3 .   ? -20.388 -2.090  13.621  1.00 34.09 ? 1376 HOH A O   1 
HETATM 1693 O O   . HOH C 3 .   ? -19.328 -0.690  18.879  1.00 35.76 ? 1377 HOH A O   1 
HETATM 1694 O O   . HOH C 3 .   ? -19.238 2.867   15.064  1.00 41.49 ? 1378 HOH A O   1 
HETATM 1695 O O   . HOH C 3 .   ? 4.548   18.053  -19.594 1.00 37.70 ? 1379 HOH A O   1 
HETATM 1696 O O   . HOH C 3 .   ? -2.584  7.851   -17.102 1.00 31.30 ? 1380 HOH A O   1 
HETATM 1697 O O   . HOH C 3 .   ? 0.503   -16.236 15.231  1.00 35.40 ? 1381 HOH A O   1 
HETATM 1698 O O   . HOH C 3 .   ? 16.967  -0.065  -16.431 1.00 28.36 ? 1382 HOH A O   1 
HETATM 1699 O O   . HOH C 3 .   ? 14.524  -7.501  -17.352 1.00 38.40 ? 1383 HOH A O   1 
HETATM 1700 O O   . HOH C 3 .   ? -3.890  -0.302  -16.099 1.00 36.11 ? 1384 HOH A O   1 
HETATM 1701 O O   . HOH C 3 .   ? 6.055   6.951   4.139   1.00 38.35 ? 1385 HOH A O   1 
HETATM 1702 O O   . HOH C 3 .   ? 14.980  -4.141  -19.389 1.00 37.76 ? 1386 HOH A O   1 
HETATM 1703 O O   . HOH C 3 .   ? -8.063  -20.141 4.183   1.00 39.63 ? 1387 HOH A O   1 
HETATM 1704 O O   . HOH C 3 .   ? 5.507   -3.585  16.156  1.00 36.02 ? 1388 HOH A O   1 
HETATM 1705 O O   . HOH C 3 .   ? -11.322 7.409   5.188   1.00 21.14 ? 1389 HOH A O   1 
HETATM 1706 O O   . HOH C 3 .   ? -13.365 6.933   2.619   1.00 29.92 ? 1390 HOH A O   1 
HETATM 1707 O O   . HOH C 3 .   ? 5.081   3.759   12.214  1.00 38.07 ? 1391 HOH A O   1 
HETATM 1708 O O   . HOH C 3 .   ? -20.500 -2.935  2.438   1.00 23.74 ? 1392 HOH A O   1 
HETATM 1709 O O   . HOH C 3 .   ? -19.582 -0.604  1.655   1.00 24.01 ? 1393 HOH A O   1 
HETATM 1710 O O   . HOH C 3 .   ? 3.428   -9.953  5.748   1.00 24.85 ? 1394 HOH A O   1 
HETATM 1711 O O   . HOH C 3 .   ? 8.589   -2.943  8.188   1.00 26.81 ? 1395 HOH A O   1 
HETATM 1712 O O   . HOH C 3 .   ? -4.706  1.407   -14.122 1.00 30.99 ? 1396 HOH A O   1 
HETATM 1713 O O   . HOH C 3 .   ? -9.767  -10.282 -2.388  1.00 32.73 ? 1397 HOH A O   1 
HETATM 1714 O O   . HOH C 3 .   ? 3.462   -16.516 10.875  1.00 35.79 ? 1398 HOH A O   1 
HETATM 1715 O O   . HOH C 3 .   ? -15.663 5.257   -0.684  1.00 35.65 ? 1399 HOH A O   1 
HETATM 1716 O O   . HOH C 3 .   ? 16.638  9.681   -15.218 1.00 32.03 ? 1400 HOH A O   1 
HETATM 1717 O O   . HOH C 3 .   ? -3.147  -17.141 -1.644  1.00 36.47 ? 1401 HOH A O   1 
HETATM 1718 O O   . HOH C 3 .   ? 11.249  8.860   -18.424 1.00 20.28 ? 1402 HOH A O   1 
# 
loop_
_pdbx_poly_seq_scheme.asym_id 
_pdbx_poly_seq_scheme.entity_id 
_pdbx_poly_seq_scheme.seq_id 
_pdbx_poly_seq_scheme.mon_id 
_pdbx_poly_seq_scheme.ndb_seq_num 
_pdbx_poly_seq_scheme.pdb_seq_num 
_pdbx_poly_seq_scheme.auth_seq_num 
_pdbx_poly_seq_scheme.pdb_mon_id 
_pdbx_poly_seq_scheme.auth_mon_id 
_pdbx_poly_seq_scheme.pdb_strand_id 
_pdbx_poly_seq_scheme.pdb_ins_code 
_pdbx_poly_seq_scheme.hetero 
A 1 1   MET 1   1   1   MET MET A . n 
A 1 2   LYS 2   2   2   LYS LYS A . n 
A 1 3   ILE 3   3   3   ILE ILE A . n 
A 1 4   PHE 4   4   4   PHE PHE A . n 
A 1 5   PHE 5   5   5   PHE PHE A . n 
A 1 6   ILE 6   6   6   ILE ILE A . n 
A 1 7   THR 7   7   7   THR THR A . n 
A 1 8   SER 8   8   8   SER SER A . n 
A 1 9   ASN 9   9   9   ASN ASN A . n 
A 1 10  PRO 10  10  10  PRO PRO A . n 
A 1 11  GLY 11  11  11  GLY GLY A . n 
A 1 12  LYS 12  12  12  LYS LYS A . n 
A 1 13  VAL 13  13  13  VAL VAL A . n 
A 1 14  ARG 14  14  14  ARG ARG A . n 
A 1 15  GLU 15  15  15  GLU GLU A . n 
A 1 16  VAL 16  16  16  VAL VAL A . n 
A 1 17  ALA 17  17  17  ALA ALA A . n 
A 1 18  ASN 18  18  18  ASN ASN A . n 
A 1 19  PHE 19  19  19  PHE PHE A . n 
A 1 20  LEU 20  20  20  LEU LEU A . n 
A 1 21  GLY 21  21  21  GLY GLY A . n 
A 1 22  THR 22  22  22  THR THR A . n 
A 1 23  PHE 23  23  23  PHE PHE A . n 
A 1 24  GLY 24  24  24  GLY GLY A . n 
A 1 25  ILE 25  25  25  ILE ILE A . n 
A 1 26  GLU 26  26  26  GLU GLU A . n 
A 1 27  ILE 27  27  27  ILE ILE A . n 
A 1 28  VAL 28  28  28  VAL VAL A . n 
A 1 29  GLN 29  29  29  GLN GLN A . n 
A 1 30  LEU 30  30  30  LEU LEU A . n 
A 1 31  LYS 31  31  31  LYS LYS A . n 
A 1 32  HIS 32  32  32  HIS HIS A . n 
A 1 33  GLU 33  33  33  GLU GLU A . n 
A 1 34  TYR 34  34  34  TYR TYR A . n 
A 1 35  PRO 35  35  35  PRO PRO A . n 
A 1 36  GLU 36  36  36  GLU GLU A . n 
A 1 37  ILE 37  37  37  ILE ILE A . n 
A 1 38  GLN 38  38  38  GLN GLN A . n 
A 1 39  ALA 39  39  39  ALA ALA A . n 
A 1 40  GLU 40  40  40  GLU GLU A . n 
A 1 41  LYS 41  41  41  LYS LYS A . n 
A 1 42  LEU 42  42  42  LEU LEU A . n 
A 1 43  GLU 43  43  43  GLU GLU A . n 
A 1 44  ASP 44  44  44  ASP ASP A . n 
A 1 45  VAL 45  45  45  VAL VAL A . n 
A 1 46  VAL 46  46  46  VAL VAL A . n 
A 1 47  ASP 47  47  47  ASP ASP A . n 
A 1 48  PHE 48  48  48  PHE PHE A . n 
A 1 49  GLY 49  49  49  GLY GLY A . n 
A 1 50  ILE 50  50  50  ILE ILE A . n 
A 1 51  SER 51  51  51  SER SER A . n 
A 1 52  TRP 52  52  52  TRP TRP A . n 
A 1 53  LEU 53  53  53  LEU LEU A . n 
A 1 54  LYS 54  54  54  LYS LYS A . n 
A 1 55  GLY 55  55  55  GLY GLY A . n 
A 1 56  LYS 56  56  56  LYS LYS A . n 
A 1 57  VAL 57  57  57  VAL VAL A . n 
A 1 58  PRO 58  58  58  PRO PRO A . n 
A 1 59  GLU 59  59  59  GLU GLU A . n 
A 1 60  PRO 60  60  60  PRO PRO A . n 
A 1 61  PHE 61  61  61  PHE PHE A . n 
A 1 62  MET 62  62  62  MET MET A . n 
A 1 63  ILE 63  63  63  ILE ILE A . n 
A 1 64  GLU 64  64  64  GLU GLU A . n 
A 1 65  ASP 65  65  65  ASP ASP A . n 
A 1 66  SER 66  66  66  SER SER A . n 
A 1 67  GLY 67  67  67  GLY GLY A . n 
A 1 68  LEU 68  68  68  LEU LEU A . n 
A 1 69  PHE 69  69  69  PHE PHE A . n 
A 1 70  ILE 70  70  70  ILE ILE A . n 
A 1 71  GLU 71  71  71  GLU GLU A . n 
A 1 72  SER 72  72  72  SER SER A . n 
A 1 73  LEU 73  73  73  LEU LEU A . n 
A 1 74  LYS 74  74  74  LYS LYS A . n 
A 1 75  GLY 75  75  75  GLY GLY A . n 
A 1 76  PHE 76  76  76  PHE PHE A . n 
A 1 77  PRO 77  77  77  PRO PRO A . n 
A 1 78  GLY 78  78  78  GLY GLY A . n 
A 1 79  VAL 79  79  79  VAL VAL A . n 
A 1 80  TYR 80  80  80  TYR TYR A . n 
A 1 81  SER 81  81  81  SER SER A . n 
A 1 82  SER 82  82  82  SER SER A . n 
A 1 83  TYR 83  83  83  TYR TYR A . n 
A 1 84  VAL 84  84  84  VAL VAL A . n 
A 1 85  TYR 85  85  85  TYR TYR A . n 
A 1 86  ARG 86  86  86  ARG ARG A . n 
A 1 87  THR 87  87  87  THR THR A . n 
A 1 88  ILE 88  88  88  ILE ILE A . n 
A 1 89  GLY 89  89  89  GLY GLY A . n 
A 1 90  LEU 90  90  90  LEU LEU A . n 
A 1 91  GLU 91  91  91  GLU GLU A . n 
A 1 92  GLY 92  92  92  GLY GLY A . n 
A 1 93  ILE 93  93  93  ILE ILE A . n 
A 1 94  LEU 94  94  94  LEU LEU A . n 
A 1 95  LYS 95  95  95  LYS LYS A . n 
A 1 96  LEU 96  96  96  LEU LEU A . n 
A 1 97  MET 97  97  97  MET MET A . n 
A 1 98  GLU 98  98  98  GLU GLU A . n 
A 1 99  GLY 99  99  99  GLY GLY A . n 
A 1 100 ALA 100 100 100 ALA ALA A . n 
A 1 101 GLU 101 101 101 GLU GLU A . n 
A 1 102 ASP 102 102 102 ASP ASP A . n 
A 1 103 ARG 103 103 103 ARG ARG A . n 
A 1 104 ARG 104 104 104 ARG ARG A . n 
A 1 105 ALA 105 105 105 ALA ALA A . n 
A 1 106 TYR 106 106 106 TYR TYR A . n 
A 1 107 PHE 107 107 107 PHE PHE A . n 
A 1 108 LYS 108 108 108 LYS LYS A . n 
A 1 109 SER 109 109 109 SER SER A . n 
A 1 110 VAL 110 110 110 VAL VAL A . n 
A 1 111 ILE 111 111 111 ILE ILE A . n 
A 1 112 GLY 112 112 112 GLY GLY A . n 
A 1 113 PHE 113 113 113 PHE PHE A . n 
A 1 114 TYR 114 114 114 TYR TYR A . n 
A 1 115 ILE 115 115 115 ILE ILE A . n 
A 1 116 ASP 116 116 116 ASP ASP A . n 
A 1 117 GLY 117 117 117 GLY GLY A . n 
A 1 118 LYS 118 118 118 LYS LYS A . n 
A 1 119 ALA 119 119 119 ALA ALA A . n 
A 1 120 TYR 120 120 120 TYR TYR A . n 
A 1 121 LYS 121 121 121 LYS LYS A . n 
A 1 122 PHE 122 122 122 PHE PHE A . n 
A 1 123 SER 123 123 123 SER SER A . n 
A 1 124 GLY 124 124 124 GLY GLY A . n 
A 1 125 VAL 125 125 125 VAL VAL A . n 
A 1 126 THR 126 126 126 THR THR A . n 
A 1 127 TRP 127 127 127 TRP TRP A . n 
A 1 128 GLY 128 128 128 GLY GLY A . n 
A 1 129 ARG 129 129 129 ARG ARG A . n 
A 1 130 ILE 130 130 130 ILE ILE A . n 
A 1 131 SER 131 131 131 SER SER A . n 
A 1 132 ASN 132 132 132 ASN ASN A . n 
A 1 133 GLU 133 133 133 GLU GLU A . n 
A 1 134 LYS 134 134 134 LYS LYS A . n 
A 1 135 ARG 135 135 135 ARG ARG A . n 
A 1 136 GLY 136 136 136 GLY GLY A . n 
A 1 137 THR 137 137 137 THR THR A . n 
A 1 138 HIS 138 138 138 HIS HIS A . n 
A 1 139 GLY 139 139 139 GLY GLY A . n 
A 1 140 PHE 140 140 140 PHE PHE A . n 
A 1 141 GLY 141 141 141 GLY GLY A . n 
A 1 142 TYR 142 142 142 TYR TYR A . n 
A 1 143 ASP 143 143 143 ASP ASP A . n 
A 1 144 PRO 144 144 144 PRO PRO A . n 
A 1 145 ILE 145 145 145 ILE ILE A . n 
A 1 146 PHE 146 146 146 PHE PHE A . n 
A 1 147 ILE 147 147 147 ILE ILE A . n 
A 1 148 PRO 148 148 148 PRO PRO A . n 
A 1 149 GLU 149 149 149 GLU GLU A . n 
A 1 150 GLY 150 150 150 GLY GLY A . n 
A 1 151 SER 151 151 151 SER SER A . n 
A 1 152 GLU 152 152 152 GLU GLU A . n 
A 1 153 LYS 153 153 153 LYS LYS A . n 
A 1 154 THR 154 154 154 THR THR A . n 
A 1 155 PHE 155 155 155 PHE PHE A . n 
A 1 156 ALA 156 156 156 ALA ALA A . n 
A 1 157 GLU 157 157 157 GLU GLU A . n 
A 1 158 MET 158 158 158 MET MET A . n 
A 1 159 THR 159 159 159 THR THR A . n 
A 1 160 ILE 160 160 160 ILE ILE A . n 
A 1 161 GLU 161 161 161 GLU GLU A . n 
A 1 162 GLU 162 162 162 GLU GLU A . n 
A 1 163 LYS 163 163 163 LYS LYS A . n 
A 1 164 ASN 164 164 164 ASN ASN A . n 
A 1 165 ALA 165 165 165 ALA ALA A . n 
A 1 166 LEU 166 166 166 LEU LEU A . n 
A 1 167 SER 167 167 167 SER SER A . n 
A 1 168 HIS 168 168 168 HIS HIS A . n 
A 1 169 ARG 169 169 169 ARG ARG A . n 
A 1 170 GLY 170 170 170 GLY GLY A . n 
A 1 171 LYS 171 171 171 LYS LYS A . n 
A 1 172 ALA 172 172 172 ALA ALA A . n 
A 1 173 LEU 173 173 173 LEU LEU A . n 
A 1 174 LYS 174 174 174 LYS LYS A . n 
A 1 175 ALA 175 175 175 ALA ALA A . n 
A 1 176 PHE 176 176 176 PHE PHE A . n 
A 1 177 PHE 177 177 177 PHE PHE A . n 
A 1 178 GLU 178 178 178 GLU GLU A . n 
A 1 179 TRP 179 179 179 TRP TRP A . n 
A 1 180 LEU 180 180 180 LEU LEU A . n 
A 1 181 LYS 181 181 181 LYS LYS A . n 
A 1 182 VAL 182 182 182 VAL VAL A . n 
A 1 183 ASN 183 183 183 ASN ASN A . n 
A 1 184 LEU 184 184 184 LEU LEU A . n 
A 1 185 LYS 185 185 185 LYS LYS A . n 
A 1 186 TYR 186 186 186 TYR TYR A . n 
# 
_pdbx_SG_project.id                    1 
_pdbx_SG_project.project_name          ? 
_pdbx_SG_project.full_name_of_center   'RIKEN Structural Genomics/Proteomics Initiative' 
_pdbx_SG_project.initial_of_center     RSGI 
# 
loop_
_pdbx_nonpoly_scheme.asym_id 
_pdbx_nonpoly_scheme.entity_id 
_pdbx_nonpoly_scheme.mon_id 
_pdbx_nonpoly_scheme.ndb_seq_num 
_pdbx_nonpoly_scheme.pdb_seq_num 
_pdbx_nonpoly_scheme.auth_seq_num 
_pdbx_nonpoly_scheme.pdb_mon_id 
_pdbx_nonpoly_scheme.auth_mon_id 
_pdbx_nonpoly_scheme.pdb_strand_id 
_pdbx_nonpoly_scheme.pdb_ins_code 
B 2 CIT 1   1200 200 CIT CIT A . 
C 3 HOH 1   1201 1   HOH HOH A . 
C 3 HOH 2   1202 2   HOH HOH A . 
C 3 HOH 3   1203 3   HOH HOH A . 
C 3 HOH 4   1204 4   HOH HOH A . 
C 3 HOH 5   1205 5   HOH HOH A . 
C 3 HOH 6   1206 6   HOH HOH A . 
C 3 HOH 7   1207 7   HOH HOH A . 
C 3 HOH 8   1208 8   HOH HOH A . 
C 3 HOH 9   1209 9   HOH HOH A . 
C 3 HOH 10  1210 10  HOH HOH A . 
C 3 HOH 11  1211 11  HOH HOH A . 
C 3 HOH 12  1212 12  HOH HOH A . 
C 3 HOH 13  1213 13  HOH HOH A . 
C 3 HOH 14  1214 14  HOH HOH A . 
C 3 HOH 15  1215 15  HOH HOH A . 
C 3 HOH 16  1216 16  HOH HOH A . 
C 3 HOH 17  1217 17  HOH HOH A . 
C 3 HOH 18  1218 18  HOH HOH A . 
C 3 HOH 19  1219 19  HOH HOH A . 
C 3 HOH 20  1220 20  HOH HOH A . 
C 3 HOH 21  1221 21  HOH HOH A . 
C 3 HOH 22  1222 22  HOH HOH A . 
C 3 HOH 23  1223 23  HOH HOH A . 
C 3 HOH 24  1224 24  HOH HOH A . 
C 3 HOH 25  1225 25  HOH HOH A . 
C 3 HOH 26  1226 26  HOH HOH A . 
C 3 HOH 27  1227 27  HOH HOH A . 
C 3 HOH 28  1228 28  HOH HOH A . 
C 3 HOH 29  1229 29  HOH HOH A . 
C 3 HOH 30  1230 30  HOH HOH A . 
C 3 HOH 31  1231 31  HOH HOH A . 
C 3 HOH 32  1232 32  HOH HOH A . 
C 3 HOH 33  1233 33  HOH HOH A . 
C 3 HOH 34  1234 34  HOH HOH A . 
C 3 HOH 35  1235 35  HOH HOH A . 
C 3 HOH 36  1236 36  HOH HOH A . 
C 3 HOH 37  1237 37  HOH HOH A . 
C 3 HOH 38  1238 38  HOH HOH A . 
C 3 HOH 39  1239 39  HOH HOH A . 
C 3 HOH 40  1240 40  HOH HOH A . 
C 3 HOH 41  1241 41  HOH HOH A . 
C 3 HOH 42  1242 42  HOH HOH A . 
C 3 HOH 43  1243 43  HOH HOH A . 
C 3 HOH 44  1244 44  HOH HOH A . 
C 3 HOH 45  1245 45  HOH HOH A . 
C 3 HOH 46  1246 46  HOH HOH A . 
C 3 HOH 47  1247 47  HOH HOH A . 
C 3 HOH 48  1248 48  HOH HOH A . 
C 3 HOH 49  1249 49  HOH HOH A . 
C 3 HOH 50  1250 50  HOH HOH A . 
C 3 HOH 51  1251 51  HOH HOH A . 
C 3 HOH 52  1252 52  HOH HOH A . 
C 3 HOH 53  1253 53  HOH HOH A . 
C 3 HOH 54  1254 54  HOH HOH A . 
C 3 HOH 55  1255 55  HOH HOH A . 
C 3 HOH 56  1256 56  HOH HOH A . 
C 3 HOH 57  1257 57  HOH HOH A . 
C 3 HOH 58  1258 58  HOH HOH A . 
C 3 HOH 59  1259 59  HOH HOH A . 
C 3 HOH 60  1260 60  HOH HOH A . 
C 3 HOH 61  1261 61  HOH HOH A . 
C 3 HOH 62  1262 62  HOH HOH A . 
C 3 HOH 63  1263 63  HOH HOH A . 
C 3 HOH 64  1264 64  HOH HOH A . 
C 3 HOH 65  1265 65  HOH HOH A . 
C 3 HOH 66  1266 66  HOH HOH A . 
C 3 HOH 67  1267 67  HOH HOH A . 
C 3 HOH 68  1268 68  HOH HOH A . 
C 3 HOH 69  1269 69  HOH HOH A . 
C 3 HOH 70  1270 70  HOH HOH A . 
C 3 HOH 71  1271 71  HOH HOH A . 
C 3 HOH 72  1272 72  HOH HOH A . 
C 3 HOH 73  1273 73  HOH HOH A . 
C 3 HOH 74  1274 74  HOH HOH A . 
C 3 HOH 75  1275 75  HOH HOH A . 
C 3 HOH 76  1276 76  HOH HOH A . 
C 3 HOH 77  1277 77  HOH HOH A . 
C 3 HOH 78  1278 78  HOH HOH A . 
C 3 HOH 79  1279 79  HOH HOH A . 
C 3 HOH 80  1280 80  HOH HOH A . 
C 3 HOH 81  1281 81  HOH HOH A . 
C 3 HOH 82  1282 82  HOH HOH A . 
C 3 HOH 83  1283 83  HOH HOH A . 
C 3 HOH 84  1284 84  HOH HOH A . 
C 3 HOH 85  1285 85  HOH HOH A . 
C 3 HOH 86  1286 86  HOH HOH A . 
C 3 HOH 87  1287 87  HOH HOH A . 
C 3 HOH 88  1288 88  HOH HOH A . 
C 3 HOH 89  1289 89  HOH HOH A . 
C 3 HOH 90  1290 90  HOH HOH A . 
C 3 HOH 91  1291 91  HOH HOH A . 
C 3 HOH 92  1292 92  HOH HOH A . 
C 3 HOH 93  1293 93  HOH HOH A . 
C 3 HOH 94  1294 94  HOH HOH A . 
C 3 HOH 95  1295 95  HOH HOH A . 
C 3 HOH 96  1296 96  HOH HOH A . 
C 3 HOH 97  1297 97  HOH HOH A . 
C 3 HOH 98  1298 98  HOH HOH A . 
C 3 HOH 99  1299 99  HOH HOH A . 
C 3 HOH 100 1300 100 HOH HOH A . 
C 3 HOH 101 1301 101 HOH HOH A . 
C 3 HOH 102 1302 102 HOH HOH A . 
C 3 HOH 103 1303 103 HOH HOH A . 
C 3 HOH 104 1304 104 HOH HOH A . 
C 3 HOH 105 1305 105 HOH HOH A . 
C 3 HOH 106 1306 106 HOH HOH A . 
C 3 HOH 107 1307 107 HOH HOH A . 
C 3 HOH 108 1308 108 HOH HOH A . 
C 3 HOH 109 1309 109 HOH HOH A . 
C 3 HOH 110 1310 110 HOH HOH A . 
C 3 HOH 111 1311 111 HOH HOH A . 
C 3 HOH 112 1312 112 HOH HOH A . 
C 3 HOH 113 1313 113 HOH HOH A . 
C 3 HOH 114 1314 114 HOH HOH A . 
C 3 HOH 115 1315 115 HOH HOH A . 
C 3 HOH 116 1316 116 HOH HOH A . 
C 3 HOH 117 1317 117 HOH HOH A . 
C 3 HOH 118 1318 118 HOH HOH A . 
C 3 HOH 119 1319 119 HOH HOH A . 
C 3 HOH 120 1320 120 HOH HOH A . 
C 3 HOH 121 1321 121 HOH HOH A . 
C 3 HOH 122 1322 122 HOH HOH A . 
C 3 HOH 123 1323 123 HOH HOH A . 
C 3 HOH 124 1324 124 HOH HOH A . 
C 3 HOH 125 1325 125 HOH HOH A . 
C 3 HOH 126 1326 126 HOH HOH A . 
C 3 HOH 127 1327 127 HOH HOH A . 
C 3 HOH 128 1328 128 HOH HOH A . 
C 3 HOH 129 1329 129 HOH HOH A . 
C 3 HOH 130 1330 130 HOH HOH A . 
C 3 HOH 131 1331 131 HOH HOH A . 
C 3 HOH 132 1332 132 HOH HOH A . 
C 3 HOH 133 1333 133 HOH HOH A . 
C 3 HOH 134 1334 134 HOH HOH A . 
C 3 HOH 135 1335 135 HOH HOH A . 
C 3 HOH 136 1336 136 HOH HOH A . 
C 3 HOH 137 1337 137 HOH HOH A . 
C 3 HOH 138 1338 138 HOH HOH A . 
C 3 HOH 139 1339 139 HOH HOH A . 
C 3 HOH 140 1340 140 HOH HOH A . 
C 3 HOH 141 1341 141 HOH HOH A . 
C 3 HOH 142 1342 142 HOH HOH A . 
C 3 HOH 143 1343 143 HOH HOH A . 
C 3 HOH 144 1344 144 HOH HOH A . 
C 3 HOH 145 1345 145 HOH HOH A . 
C 3 HOH 146 1346 146 HOH HOH A . 
C 3 HOH 147 1347 147 HOH HOH A . 
C 3 HOH 148 1348 148 HOH HOH A . 
C 3 HOH 149 1349 149 HOH HOH A . 
C 3 HOH 150 1350 150 HOH HOH A . 
C 3 HOH 151 1351 151 HOH HOH A . 
C 3 HOH 152 1352 152 HOH HOH A . 
C 3 HOH 153 1353 153 HOH HOH A . 
C 3 HOH 154 1354 154 HOH HOH A . 
C 3 HOH 155 1355 155 HOH HOH A . 
C 3 HOH 156 1356 156 HOH HOH A . 
C 3 HOH 157 1357 157 HOH HOH A . 
C 3 HOH 158 1358 158 HOH HOH A . 
C 3 HOH 159 1359 159 HOH HOH A . 
C 3 HOH 160 1360 160 HOH HOH A . 
C 3 HOH 161 1361 161 HOH HOH A . 
C 3 HOH 162 1362 162 HOH HOH A . 
C 3 HOH 163 1363 163 HOH HOH A . 
C 3 HOH 164 1364 164 HOH HOH A . 
C 3 HOH 165 1365 165 HOH HOH A . 
C 3 HOH 166 1366 166 HOH HOH A . 
C 3 HOH 167 1367 167 HOH HOH A . 
C 3 HOH 168 1368 168 HOH HOH A . 
C 3 HOH 169 1369 169 HOH HOH A . 
C 3 HOH 170 1370 170 HOH HOH A . 
C 3 HOH 171 1371 171 HOH HOH A . 
C 3 HOH 172 1372 172 HOH HOH A . 
C 3 HOH 173 1373 173 HOH HOH A . 
C 3 HOH 174 1374 174 HOH HOH A . 
C 3 HOH 175 1375 175 HOH HOH A . 
C 3 HOH 176 1376 176 HOH HOH A . 
C 3 HOH 177 1377 177 HOH HOH A . 
C 3 HOH 178 1378 178 HOH HOH A . 
C 3 HOH 179 1379 179 HOH HOH A . 
C 3 HOH 180 1380 180 HOH HOH A . 
C 3 HOH 181 1381 181 HOH HOH A . 
C 3 HOH 182 1382 182 HOH HOH A . 
C 3 HOH 183 1383 183 HOH HOH A . 
C 3 HOH 184 1384 184 HOH HOH A . 
C 3 HOH 185 1385 185 HOH HOH A . 
C 3 HOH 186 1386 186 HOH HOH A . 
C 3 HOH 187 1387 187 HOH HOH A . 
C 3 HOH 188 1388 188 HOH HOH A . 
C 3 HOH 189 1389 189 HOH HOH A . 
C 3 HOH 190 1390 190 HOH HOH A . 
C 3 HOH 191 1391 191 HOH HOH A . 
C 3 HOH 192 1392 192 HOH HOH A . 
C 3 HOH 193 1393 193 HOH HOH A . 
C 3 HOH 194 1394 194 HOH HOH A . 
C 3 HOH 195 1395 195 HOH HOH A . 
C 3 HOH 196 1396 196 HOH HOH A . 
C 3 HOH 197 1397 197 HOH HOH A . 
C 3 HOH 198 1398 198 HOH HOH A . 
C 3 HOH 199 1399 199 HOH HOH A . 
C 3 HOH 200 1400 200 HOH HOH A . 
C 3 HOH 201 1401 201 HOH HOH A . 
C 3 HOH 202 1402 202 HOH HOH A . 
# 
_pdbx_struct_assembly.id                   1 
_pdbx_struct_assembly.details              author_defined_assembly 
_pdbx_struct_assembly.method_details       ? 
_pdbx_struct_assembly.oligomeric_details   dimeric 
_pdbx_struct_assembly.oligomeric_count     2 
# 
_pdbx_struct_assembly_gen.assembly_id       1 
_pdbx_struct_assembly_gen.oper_expression   1,2 
_pdbx_struct_assembly_gen.asym_id_list      A,B,C 
# 
loop_
_pdbx_struct_oper_list.id 
_pdbx_struct_oper_list.type 
_pdbx_struct_oper_list.name 
_pdbx_struct_oper_list.symmetry_operation 
_pdbx_struct_oper_list.matrix[1][1] 
_pdbx_struct_oper_list.matrix[1][2] 
_pdbx_struct_oper_list.matrix[1][3] 
_pdbx_struct_oper_list.vector[1] 
_pdbx_struct_oper_list.matrix[2][1] 
_pdbx_struct_oper_list.matrix[2][2] 
_pdbx_struct_oper_list.matrix[2][3] 
_pdbx_struct_oper_list.vector[2] 
_pdbx_struct_oper_list.matrix[3][1] 
_pdbx_struct_oper_list.matrix[3][2] 
_pdbx_struct_oper_list.matrix[3][3] 
_pdbx_struct_oper_list.vector[3] 
1 'identity operation'         1_555 x,y,z               1.0000000000 0.0000000000  0.0000000000 0.0000000000   0.0000000000  1.0000000000  0.0000000000  0.0000000000  0.0000000000 0.0000000000  1.0000000000  0.0000000000  
2 'crystal symmetry operation' 6_565 -x+1/2,-y+3/2,z+1/2 0.5680221193 -0.2220828878 0.7924834780 -28.4225525417 -0.2220828878 -0.9685458461 -0.1122414136 -8.6920966247 0.7924834780 -0.1122414136 -0.5994762732 -8.3439657794 
# 
loop_
_pdbx_audit_revision_history.ordinal 
_pdbx_audit_revision_history.data_content_type 
_pdbx_audit_revision_history.major_revision 
_pdbx_audit_revision_history.minor_revision 
_pdbx_audit_revision_history.revision_date 
1 'Structure model' 1 0 2003-12-30 
2 'Structure model' 1 1 2008-04-27 
3 'Structure model' 1 2 2011-07-13 
4 'Structure model' 1 3 2023-10-25 
# 
_pdbx_audit_revision_details.ordinal             1 
_pdbx_audit_revision_details.revision_ordinal    1 
_pdbx_audit_revision_details.data_content_type   'Structure model' 
_pdbx_audit_revision_details.provider            repository 
_pdbx_audit_revision_details.type                'Initial release' 
_pdbx_audit_revision_details.description         ? 
_pdbx_audit_revision_details.details             ? 
# 
loop_
_pdbx_audit_revision_group.ordinal 
_pdbx_audit_revision_group.revision_ordinal 
_pdbx_audit_revision_group.data_content_type 
_pdbx_audit_revision_group.group 
1 2 'Structure model' 'Version format compliance' 
2 3 'Structure model' 'Source and taxonomy'       
3 3 'Structure model' 'Version format compliance' 
4 4 'Structure model' 'Data collection'           
5 4 'Structure model' 'Database references'       
6 4 'Structure model' 'Derived calculations'      
7 4 'Structure model' 'Refinement description'    
# 
loop_
_pdbx_audit_revision_category.ordinal 
_pdbx_audit_revision_category.revision_ordinal 
_pdbx_audit_revision_category.data_content_type 
_pdbx_audit_revision_category.category 
1 4 'Structure model' chem_comp_atom                
2 4 'Structure model' chem_comp_bond                
3 4 'Structure model' database_2                    
4 4 'Structure model' pdbx_initial_refinement_model 
5 4 'Structure model' struct_site                   
# 
loop_
_pdbx_audit_revision_item.ordinal 
_pdbx_audit_revision_item.revision_ordinal 
_pdbx_audit_revision_item.data_content_type 
_pdbx_audit_revision_item.item 
1 4 'Structure model' '_database_2.pdbx_DOI'                
2 4 'Structure model' '_database_2.pdbx_database_accession' 
3 4 'Structure model' '_struct_site.pdbx_auth_asym_id'      
4 4 'Structure model' '_struct_site.pdbx_auth_comp_id'      
5 4 'Structure model' '_struct_site.pdbx_auth_seq_id'       
# 
loop_
_software.name 
_software.classification 
_software.version 
_software.citation_id 
_software.pdbx_ordinal 
CNS       refinement       1.1 ? 1 
HKL-2000  'data reduction' .   ? 2 
SCALEPACK 'data scaling'   .   ? 3 
CNS       phasing          .   ? 4 
# 
_pdbx_validate_close_contact.id               1 
_pdbx_validate_close_contact.PDB_model_num    1 
_pdbx_validate_close_contact.auth_atom_id_1   O 
_pdbx_validate_close_contact.auth_asym_id_1   A 
_pdbx_validate_close_contact.auth_comp_id_1   HOH 
_pdbx_validate_close_contact.auth_seq_id_1    1256 
_pdbx_validate_close_contact.PDB_ins_code_1   ? 
_pdbx_validate_close_contact.label_alt_id_1   ? 
_pdbx_validate_close_contact.auth_atom_id_2   O 
_pdbx_validate_close_contact.auth_asym_id_2   A 
_pdbx_validate_close_contact.auth_comp_id_2   HOH 
_pdbx_validate_close_contact.auth_seq_id_2    1389 
_pdbx_validate_close_contact.PDB_ins_code_2   ? 
_pdbx_validate_close_contact.label_alt_id_2   ? 
_pdbx_validate_close_contact.dist             2.18 
# 
_pdbx_validate_torsion.id              1 
_pdbx_validate_torsion.PDB_model_num   1 
_pdbx_validate_torsion.auth_comp_id    THR 
_pdbx_validate_torsion.auth_asym_id    A 
_pdbx_validate_torsion.auth_seq_id     87 
_pdbx_validate_torsion.PDB_ins_code    ? 
_pdbx_validate_torsion.label_alt_id    ? 
_pdbx_validate_torsion.phi             -95.65 
_pdbx_validate_torsion.psi             -70.80 
# 
loop_
_chem_comp_atom.comp_id 
_chem_comp_atom.atom_id 
_chem_comp_atom.type_symbol 
_chem_comp_atom.pdbx_aromatic_flag 
_chem_comp_atom.pdbx_stereo_config 
_chem_comp_atom.pdbx_ordinal 
ALA N    N N N 1   
ALA CA   C N S 2   
ALA C    C N N 3   
ALA O    O N N 4   
ALA CB   C N N 5   
ALA OXT  O N N 6   
ALA H    H N N 7   
ALA H2   H N N 8   
ALA HA   H N N 9   
ALA HB1  H N N 10  
ALA HB2  H N N 11  
ALA HB3  H N N 12  
ALA HXT  H N N 13  
ARG N    N N N 14  
ARG CA   C N S 15  
ARG C    C N N 16  
ARG O    O N N 17  
ARG CB   C N N 18  
ARG CG   C N N 19  
ARG CD   C N N 20  
ARG NE   N N N 21  
ARG CZ   C N N 22  
ARG NH1  N N N 23  
ARG NH2  N N N 24  
ARG OXT  O N N 25  
ARG H    H N N 26  
ARG H2   H N N 27  
ARG HA   H N N 28  
ARG HB2  H N N 29  
ARG HB3  H N N 30  
ARG HG2  H N N 31  
ARG HG3  H N N 32  
ARG HD2  H N N 33  
ARG HD3  H N N 34  
ARG HE   H N N 35  
ARG HH11 H N N 36  
ARG HH12 H N N 37  
ARG HH21 H N N 38  
ARG HH22 H N N 39  
ARG HXT  H N N 40  
ASN N    N N N 41  
ASN CA   C N S 42  
ASN C    C N N 43  
ASN O    O N N 44  
ASN CB   C N N 45  
ASN CG   C N N 46  
ASN OD1  O N N 47  
ASN ND2  N N N 48  
ASN OXT  O N N 49  
ASN H    H N N 50  
ASN H2   H N N 51  
ASN HA   H N N 52  
ASN HB2  H N N 53  
ASN HB3  H N N 54  
ASN HD21 H N N 55  
ASN HD22 H N N 56  
ASN HXT  H N N 57  
ASP N    N N N 58  
ASP CA   C N S 59  
ASP C    C N N 60  
ASP O    O N N 61  
ASP CB   C N N 62  
ASP CG   C N N 63  
ASP OD1  O N N 64  
ASP OD2  O N N 65  
ASP OXT  O N N 66  
ASP H    H N N 67  
ASP H2   H N N 68  
ASP HA   H N N 69  
ASP HB2  H N N 70  
ASP HB3  H N N 71  
ASP HD2  H N N 72  
ASP HXT  H N N 73  
CIT C1   C N N 74  
CIT O1   O N N 75  
CIT O2   O N N 76  
CIT C2   C N N 77  
CIT C3   C N N 78  
CIT O7   O N N 79  
CIT C4   C N N 80  
CIT C5   C N N 81  
CIT O3   O N N 82  
CIT O4   O N N 83  
CIT C6   C N N 84  
CIT O5   O N N 85  
CIT O6   O N N 86  
CIT HO2  H N N 87  
CIT H21  H N N 88  
CIT H22  H N N 89  
CIT HO7  H N N 90  
CIT H41  H N N 91  
CIT H42  H N N 92  
CIT HO4  H N N 93  
CIT HO6  H N N 94  
GLN N    N N N 95  
GLN CA   C N S 96  
GLN C    C N N 97  
GLN O    O N N 98  
GLN CB   C N N 99  
GLN CG   C N N 100 
GLN CD   C N N 101 
GLN OE1  O N N 102 
GLN NE2  N N N 103 
GLN OXT  O N N 104 
GLN H    H N N 105 
GLN H2   H N N 106 
GLN HA   H N N 107 
GLN HB2  H N N 108 
GLN HB3  H N N 109 
GLN HG2  H N N 110 
GLN HG3  H N N 111 
GLN HE21 H N N 112 
GLN HE22 H N N 113 
GLN HXT  H N N 114 
GLU N    N N N 115 
GLU CA   C N S 116 
GLU C    C N N 117 
GLU O    O N N 118 
GLU CB   C N N 119 
GLU CG   C N N 120 
GLU CD   C N N 121 
GLU OE1  O N N 122 
GLU OE2  O N N 123 
GLU OXT  O N N 124 
GLU H    H N N 125 
GLU H2   H N N 126 
GLU HA   H N N 127 
GLU HB2  H N N 128 
GLU HB3  H N N 129 
GLU HG2  H N N 130 
GLU HG3  H N N 131 
GLU HE2  H N N 132 
GLU HXT  H N N 133 
GLY N    N N N 134 
GLY CA   C N N 135 
GLY C    C N N 136 
GLY O    O N N 137 
GLY OXT  O N N 138 
GLY H    H N N 139 
GLY H2   H N N 140 
GLY HA2  H N N 141 
GLY HA3  H N N 142 
GLY HXT  H N N 143 
HIS N    N N N 144 
HIS CA   C N S 145 
HIS C    C N N 146 
HIS O    O N N 147 
HIS CB   C N N 148 
HIS CG   C Y N 149 
HIS ND1  N Y N 150 
HIS CD2  C Y N 151 
HIS CE1  C Y N 152 
HIS NE2  N Y N 153 
HIS OXT  O N N 154 
HIS H    H N N 155 
HIS H2   H N N 156 
HIS HA   H N N 157 
HIS HB2  H N N 158 
HIS HB3  H N N 159 
HIS HD1  H N N 160 
HIS HD2  H N N 161 
HIS HE1  H N N 162 
HIS HE2  H N N 163 
HIS HXT  H N N 164 
HOH O    O N N 165 
HOH H1   H N N 166 
HOH H2   H N N 167 
ILE N    N N N 168 
ILE CA   C N S 169 
ILE C    C N N 170 
ILE O    O N N 171 
ILE CB   C N S 172 
ILE CG1  C N N 173 
ILE CG2  C N N 174 
ILE CD1  C N N 175 
ILE OXT  O N N 176 
ILE H    H N N 177 
ILE H2   H N N 178 
ILE HA   H N N 179 
ILE HB   H N N 180 
ILE HG12 H N N 181 
ILE HG13 H N N 182 
ILE HG21 H N N 183 
ILE HG22 H N N 184 
ILE HG23 H N N 185 
ILE HD11 H N N 186 
ILE HD12 H N N 187 
ILE HD13 H N N 188 
ILE HXT  H N N 189 
LEU N    N N N 190 
LEU CA   C N S 191 
LEU C    C N N 192 
LEU O    O N N 193 
LEU CB   C N N 194 
LEU CG   C N N 195 
LEU CD1  C N N 196 
LEU CD2  C N N 197 
LEU OXT  O N N 198 
LEU H    H N N 199 
LEU H2   H N N 200 
LEU HA   H N N 201 
LEU HB2  H N N 202 
LEU HB3  H N N 203 
LEU HG   H N N 204 
LEU HD11 H N N 205 
LEU HD12 H N N 206 
LEU HD13 H N N 207 
LEU HD21 H N N 208 
LEU HD22 H N N 209 
LEU HD23 H N N 210 
LEU HXT  H N N 211 
LYS N    N N N 212 
LYS CA   C N S 213 
LYS C    C N N 214 
LYS O    O N N 215 
LYS CB   C N N 216 
LYS CG   C N N 217 
LYS CD   C N N 218 
LYS CE   C N N 219 
LYS NZ   N N N 220 
LYS OXT  O N N 221 
LYS H    H N N 222 
LYS H2   H N N 223 
LYS HA   H N N 224 
LYS HB2  H N N 225 
LYS HB3  H N N 226 
LYS HG2  H N N 227 
LYS HG3  H N N 228 
LYS HD2  H N N 229 
LYS HD3  H N N 230 
LYS HE2  H N N 231 
LYS HE3  H N N 232 
LYS HZ1  H N N 233 
LYS HZ2  H N N 234 
LYS HZ3  H N N 235 
LYS HXT  H N N 236 
MET N    N N N 237 
MET CA   C N S 238 
MET C    C N N 239 
MET O    O N N 240 
MET CB   C N N 241 
MET CG   C N N 242 
MET SD   S N N 243 
MET CE   C N N 244 
MET OXT  O N N 245 
MET H    H N N 246 
MET H2   H N N 247 
MET HA   H N N 248 
MET HB2  H N N 249 
MET HB3  H N N 250 
MET HG2  H N N 251 
MET HG3  H N N 252 
MET HE1  H N N 253 
MET HE2  H N N 254 
MET HE3  H N N 255 
MET HXT  H N N 256 
PHE N    N N N 257 
PHE CA   C N S 258 
PHE C    C N N 259 
PHE O    O N N 260 
PHE CB   C N N 261 
PHE CG   C Y N 262 
PHE CD1  C Y N 263 
PHE CD2  C Y N 264 
PHE CE1  C Y N 265 
PHE CE2  C Y N 266 
PHE CZ   C Y N 267 
PHE OXT  O N N 268 
PHE H    H N N 269 
PHE H2   H N N 270 
PHE HA   H N N 271 
PHE HB2  H N N 272 
PHE HB3  H N N 273 
PHE HD1  H N N 274 
PHE HD2  H N N 275 
PHE HE1  H N N 276 
PHE HE2  H N N 277 
PHE HZ   H N N 278 
PHE HXT  H N N 279 
PRO N    N N N 280 
PRO CA   C N S 281 
PRO C    C N N 282 
PRO O    O N N 283 
PRO CB   C N N 284 
PRO CG   C N N 285 
PRO CD   C N N 286 
PRO OXT  O N N 287 
PRO H    H N N 288 
PRO HA   H N N 289 
PRO HB2  H N N 290 
PRO HB3  H N N 291 
PRO HG2  H N N 292 
PRO HG3  H N N 293 
PRO HD2  H N N 294 
PRO HD3  H N N 295 
PRO HXT  H N N 296 
SER N    N N N 297 
SER CA   C N S 298 
SER C    C N N 299 
SER O    O N N 300 
SER CB   C N N 301 
SER OG   O N N 302 
SER OXT  O N N 303 
SER H    H N N 304 
SER H2   H N N 305 
SER HA   H N N 306 
SER HB2  H N N 307 
SER HB3  H N N 308 
SER HG   H N N 309 
SER HXT  H N N 310 
THR N    N N N 311 
THR CA   C N S 312 
THR C    C N N 313 
THR O    O N N 314 
THR CB   C N R 315 
THR OG1  O N N 316 
THR CG2  C N N 317 
THR OXT  O N N 318 
THR H    H N N 319 
THR H2   H N N 320 
THR HA   H N N 321 
THR HB   H N N 322 
THR HG1  H N N 323 
THR HG21 H N N 324 
THR HG22 H N N 325 
THR HG23 H N N 326 
THR HXT  H N N 327 
TRP N    N N N 328 
TRP CA   C N S 329 
TRP C    C N N 330 
TRP O    O N N 331 
TRP CB   C N N 332 
TRP CG   C Y N 333 
TRP CD1  C Y N 334 
TRP CD2  C Y N 335 
TRP NE1  N Y N 336 
TRP CE2  C Y N 337 
TRP CE3  C Y N 338 
TRP CZ2  C Y N 339 
TRP CZ3  C Y N 340 
TRP CH2  C Y N 341 
TRP OXT  O N N 342 
TRP H    H N N 343 
TRP H2   H N N 344 
TRP HA   H N N 345 
TRP HB2  H N N 346 
TRP HB3  H N N 347 
TRP HD1  H N N 348 
TRP HE1  H N N 349 
TRP HE3  H N N 350 
TRP HZ2  H N N 351 
TRP HZ3  H N N 352 
TRP HH2  H N N 353 
TRP HXT  H N N 354 
TYR N    N N N 355 
TYR CA   C N S 356 
TYR C    C N N 357 
TYR O    O N N 358 
TYR CB   C N N 359 
TYR CG   C Y N 360 
TYR CD1  C Y N 361 
TYR CD2  C Y N 362 
TYR CE1  C Y N 363 
TYR CE2  C Y N 364 
TYR CZ   C Y N 365 
TYR OH   O N N 366 
TYR OXT  O N N 367 
TYR H    H N N 368 
TYR H2   H N N 369 
TYR HA   H N N 370 
TYR HB2  H N N 371 
TYR HB3  H N N 372 
TYR HD1  H N N 373 
TYR HD2  H N N 374 
TYR HE1  H N N 375 
TYR HE2  H N N 376 
TYR HH   H N N 377 
TYR HXT  H N N 378 
VAL N    N N N 379 
VAL CA   C N S 380 
VAL C    C N N 381 
VAL O    O N N 382 
VAL CB   C N N 383 
VAL CG1  C N N 384 
VAL CG2  C N N 385 
VAL OXT  O N N 386 
VAL H    H N N 387 
VAL H2   H N N 388 
VAL HA   H N N 389 
VAL HB   H N N 390 
VAL HG11 H N N 391 
VAL HG12 H N N 392 
VAL HG13 H N N 393 
VAL HG21 H N N 394 
VAL HG22 H N N 395 
VAL HG23 H N N 396 
VAL HXT  H N N 397 
# 
loop_
_chem_comp_bond.comp_id 
_chem_comp_bond.atom_id_1 
_chem_comp_bond.atom_id_2 
_chem_comp_bond.value_order 
_chem_comp_bond.pdbx_aromatic_flag 
_chem_comp_bond.pdbx_stereo_config 
_chem_comp_bond.pdbx_ordinal 
ALA N   CA   sing N N 1   
ALA N   H    sing N N 2   
ALA N   H2   sing N N 3   
ALA CA  C    sing N N 4   
ALA CA  CB   sing N N 5   
ALA CA  HA   sing N N 6   
ALA C   O    doub N N 7   
ALA C   OXT  sing N N 8   
ALA CB  HB1  sing N N 9   
ALA CB  HB2  sing N N 10  
ALA CB  HB3  sing N N 11  
ALA OXT HXT  sing N N 12  
ARG N   CA   sing N N 13  
ARG N   H    sing N N 14  
ARG N   H2   sing N N 15  
ARG CA  C    sing N N 16  
ARG CA  CB   sing N N 17  
ARG CA  HA   sing N N 18  
ARG C   O    doub N N 19  
ARG C   OXT  sing N N 20  
ARG CB  CG   sing N N 21  
ARG CB  HB2  sing N N 22  
ARG CB  HB3  sing N N 23  
ARG CG  CD   sing N N 24  
ARG CG  HG2  sing N N 25  
ARG CG  HG3  sing N N 26  
ARG CD  NE   sing N N 27  
ARG CD  HD2  sing N N 28  
ARG CD  HD3  sing N N 29  
ARG NE  CZ   sing N N 30  
ARG NE  HE   sing N N 31  
ARG CZ  NH1  sing N N 32  
ARG CZ  NH2  doub N N 33  
ARG NH1 HH11 sing N N 34  
ARG NH1 HH12 sing N N 35  
ARG NH2 HH21 sing N N 36  
ARG NH2 HH22 sing N N 37  
ARG OXT HXT  sing N N 38  
ASN N   CA   sing N N 39  
ASN N   H    sing N N 40  
ASN N   H2   sing N N 41  
ASN CA  C    sing N N 42  
ASN CA  CB   sing N N 43  
ASN CA  HA   sing N N 44  
ASN C   O    doub N N 45  
ASN C   OXT  sing N N 46  
ASN CB  CG   sing N N 47  
ASN CB  HB2  sing N N 48  
ASN CB  HB3  sing N N 49  
ASN CG  OD1  doub N N 50  
ASN CG  ND2  sing N N 51  
ASN ND2 HD21 sing N N 52  
ASN ND2 HD22 sing N N 53  
ASN OXT HXT  sing N N 54  
ASP N   CA   sing N N 55  
ASP N   H    sing N N 56  
ASP N   H2   sing N N 57  
ASP CA  C    sing N N 58  
ASP CA  CB   sing N N 59  
ASP CA  HA   sing N N 60  
ASP C   O    doub N N 61  
ASP C   OXT  sing N N 62  
ASP CB  CG   sing N N 63  
ASP CB  HB2  sing N N 64  
ASP CB  HB3  sing N N 65  
ASP CG  OD1  doub N N 66  
ASP CG  OD2  sing N N 67  
ASP OD2 HD2  sing N N 68  
ASP OXT HXT  sing N N 69  
CIT C1  O1   doub N N 70  
CIT C1  O2   sing N N 71  
CIT C1  C2   sing N N 72  
CIT O2  HO2  sing N N 73  
CIT C2  C3   sing N N 74  
CIT C2  H21  sing N N 75  
CIT C2  H22  sing N N 76  
CIT C3  O7   sing N N 77  
CIT C3  C4   sing N N 78  
CIT C3  C6   sing N N 79  
CIT O7  HO7  sing N N 80  
CIT C4  C5   sing N N 81  
CIT C4  H41  sing N N 82  
CIT C4  H42  sing N N 83  
CIT C5  O3   doub N N 84  
CIT C5  O4   sing N N 85  
CIT O4  HO4  sing N N 86  
CIT C6  O5   doub N N 87  
CIT C6  O6   sing N N 88  
CIT O6  HO6  sing N N 89  
GLN N   CA   sing N N 90  
GLN N   H    sing N N 91  
GLN N   H2   sing N N 92  
GLN CA  C    sing N N 93  
GLN CA  CB   sing N N 94  
GLN CA  HA   sing N N 95  
GLN C   O    doub N N 96  
GLN C   OXT  sing N N 97  
GLN CB  CG   sing N N 98  
GLN CB  HB2  sing N N 99  
GLN CB  HB3  sing N N 100 
GLN CG  CD   sing N N 101 
GLN CG  HG2  sing N N 102 
GLN CG  HG3  sing N N 103 
GLN CD  OE1  doub N N 104 
GLN CD  NE2  sing N N 105 
GLN NE2 HE21 sing N N 106 
GLN NE2 HE22 sing N N 107 
GLN OXT HXT  sing N N 108 
GLU N   CA   sing N N 109 
GLU N   H    sing N N 110 
GLU N   H2   sing N N 111 
GLU CA  C    sing N N 112 
GLU CA  CB   sing N N 113 
GLU CA  HA   sing N N 114 
GLU C   O    doub N N 115 
GLU C   OXT  sing N N 116 
GLU CB  CG   sing N N 117 
GLU CB  HB2  sing N N 118 
GLU CB  HB3  sing N N 119 
GLU CG  CD   sing N N 120 
GLU CG  HG2  sing N N 121 
GLU CG  HG3  sing N N 122 
GLU CD  OE1  doub N N 123 
GLU CD  OE2  sing N N 124 
GLU OE2 HE2  sing N N 125 
GLU OXT HXT  sing N N 126 
GLY N   CA   sing N N 127 
GLY N   H    sing N N 128 
GLY N   H2   sing N N 129 
GLY CA  C    sing N N 130 
GLY CA  HA2  sing N N 131 
GLY CA  HA3  sing N N 132 
GLY C   O    doub N N 133 
GLY C   OXT  sing N N 134 
GLY OXT HXT  sing N N 135 
HIS N   CA   sing N N 136 
HIS N   H    sing N N 137 
HIS N   H2   sing N N 138 
HIS CA  C    sing N N 139 
HIS CA  CB   sing N N 140 
HIS CA  HA   sing N N 141 
HIS C   O    doub N N 142 
HIS C   OXT  sing N N 143 
HIS CB  CG   sing N N 144 
HIS CB  HB2  sing N N 145 
HIS CB  HB3  sing N N 146 
HIS CG  ND1  sing Y N 147 
HIS CG  CD2  doub Y N 148 
HIS ND1 CE1  doub Y N 149 
HIS ND1 HD1  sing N N 150 
HIS CD2 NE2  sing Y N 151 
HIS CD2 HD2  sing N N 152 
HIS CE1 NE2  sing Y N 153 
HIS CE1 HE1  sing N N 154 
HIS NE2 HE2  sing N N 155 
HIS OXT HXT  sing N N 156 
HOH O   H1   sing N N 157 
HOH O   H2   sing N N 158 
ILE N   CA   sing N N 159 
ILE N   H    sing N N 160 
ILE N   H2   sing N N 161 
ILE CA  C    sing N N 162 
ILE CA  CB   sing N N 163 
ILE CA  HA   sing N N 164 
ILE C   O    doub N N 165 
ILE C   OXT  sing N N 166 
ILE CB  CG1  sing N N 167 
ILE CB  CG2  sing N N 168 
ILE CB  HB   sing N N 169 
ILE CG1 CD1  sing N N 170 
ILE CG1 HG12 sing N N 171 
ILE CG1 HG13 sing N N 172 
ILE CG2 HG21 sing N N 173 
ILE CG2 HG22 sing N N 174 
ILE CG2 HG23 sing N N 175 
ILE CD1 HD11 sing N N 176 
ILE CD1 HD12 sing N N 177 
ILE CD1 HD13 sing N N 178 
ILE OXT HXT  sing N N 179 
LEU N   CA   sing N N 180 
LEU N   H    sing N N 181 
LEU N   H2   sing N N 182 
LEU CA  C    sing N N 183 
LEU CA  CB   sing N N 184 
LEU CA  HA   sing N N 185 
LEU C   O    doub N N 186 
LEU C   OXT  sing N N 187 
LEU CB  CG   sing N N 188 
LEU CB  HB2  sing N N 189 
LEU CB  HB3  sing N N 190 
LEU CG  CD1  sing N N 191 
LEU CG  CD2  sing N N 192 
LEU CG  HG   sing N N 193 
LEU CD1 HD11 sing N N 194 
LEU CD1 HD12 sing N N 195 
LEU CD1 HD13 sing N N 196 
LEU CD2 HD21 sing N N 197 
LEU CD2 HD22 sing N N 198 
LEU CD2 HD23 sing N N 199 
LEU OXT HXT  sing N N 200 
LYS N   CA   sing N N 201 
LYS N   H    sing N N 202 
LYS N   H2   sing N N 203 
LYS CA  C    sing N N 204 
LYS CA  CB   sing N N 205 
LYS CA  HA   sing N N 206 
LYS C   O    doub N N 207 
LYS C   OXT  sing N N 208 
LYS CB  CG   sing N N 209 
LYS CB  HB2  sing N N 210 
LYS CB  HB3  sing N N 211 
LYS CG  CD   sing N N 212 
LYS CG  HG2  sing N N 213 
LYS CG  HG3  sing N N 214 
LYS CD  CE   sing N N 215 
LYS CD  HD2  sing N N 216 
LYS CD  HD3  sing N N 217 
LYS CE  NZ   sing N N 218 
LYS CE  HE2  sing N N 219 
LYS CE  HE3  sing N N 220 
LYS NZ  HZ1  sing N N 221 
LYS NZ  HZ2  sing N N 222 
LYS NZ  HZ3  sing N N 223 
LYS OXT HXT  sing N N 224 
MET N   CA   sing N N 225 
MET N   H    sing N N 226 
MET N   H2   sing N N 227 
MET CA  C    sing N N 228 
MET CA  CB   sing N N 229 
MET CA  HA   sing N N 230 
MET C   O    doub N N 231 
MET C   OXT  sing N N 232 
MET CB  CG   sing N N 233 
MET CB  HB2  sing N N 234 
MET CB  HB3  sing N N 235 
MET CG  SD   sing N N 236 
MET CG  HG2  sing N N 237 
MET CG  HG3  sing N N 238 
MET SD  CE   sing N N 239 
MET CE  HE1  sing N N 240 
MET CE  HE2  sing N N 241 
MET CE  HE3  sing N N 242 
MET OXT HXT  sing N N 243 
PHE N   CA   sing N N 244 
PHE N   H    sing N N 245 
PHE N   H2   sing N N 246 
PHE CA  C    sing N N 247 
PHE CA  CB   sing N N 248 
PHE CA  HA   sing N N 249 
PHE C   O    doub N N 250 
PHE C   OXT  sing N N 251 
PHE CB  CG   sing N N 252 
PHE CB  HB2  sing N N 253 
PHE CB  HB3  sing N N 254 
PHE CG  CD1  doub Y N 255 
PHE CG  CD2  sing Y N 256 
PHE CD1 CE1  sing Y N 257 
PHE CD1 HD1  sing N N 258 
PHE CD2 CE2  doub Y N 259 
PHE CD2 HD2  sing N N 260 
PHE CE1 CZ   doub Y N 261 
PHE CE1 HE1  sing N N 262 
PHE CE2 CZ   sing Y N 263 
PHE CE2 HE2  sing N N 264 
PHE CZ  HZ   sing N N 265 
PHE OXT HXT  sing N N 266 
PRO N   CA   sing N N 267 
PRO N   CD   sing N N 268 
PRO N   H    sing N N 269 
PRO CA  C    sing N N 270 
PRO CA  CB   sing N N 271 
PRO CA  HA   sing N N 272 
PRO C   O    doub N N 273 
PRO C   OXT  sing N N 274 
PRO CB  CG   sing N N 275 
PRO CB  HB2  sing N N 276 
PRO CB  HB3  sing N N 277 
PRO CG  CD   sing N N 278 
PRO CG  HG2  sing N N 279 
PRO CG  HG3  sing N N 280 
PRO CD  HD2  sing N N 281 
PRO CD  HD3  sing N N 282 
PRO OXT HXT  sing N N 283 
SER N   CA   sing N N 284 
SER N   H    sing N N 285 
SER N   H2   sing N N 286 
SER CA  C    sing N N 287 
SER CA  CB   sing N N 288 
SER CA  HA   sing N N 289 
SER C   O    doub N N 290 
SER C   OXT  sing N N 291 
SER CB  OG   sing N N 292 
SER CB  HB2  sing N N 293 
SER CB  HB3  sing N N 294 
SER OG  HG   sing N N 295 
SER OXT HXT  sing N N 296 
THR N   CA   sing N N 297 
THR N   H    sing N N 298 
THR N   H2   sing N N 299 
THR CA  C    sing N N 300 
THR CA  CB   sing N N 301 
THR CA  HA   sing N N 302 
THR C   O    doub N N 303 
THR C   OXT  sing N N 304 
THR CB  OG1  sing N N 305 
THR CB  CG2  sing N N 306 
THR CB  HB   sing N N 307 
THR OG1 HG1  sing N N 308 
THR CG2 HG21 sing N N 309 
THR CG2 HG22 sing N N 310 
THR CG2 HG23 sing N N 311 
THR OXT HXT  sing N N 312 
TRP N   CA   sing N N 313 
TRP N   H    sing N N 314 
TRP N   H2   sing N N 315 
TRP CA  C    sing N N 316 
TRP CA  CB   sing N N 317 
TRP CA  HA   sing N N 318 
TRP C   O    doub N N 319 
TRP C   OXT  sing N N 320 
TRP CB  CG   sing N N 321 
TRP CB  HB2  sing N N 322 
TRP CB  HB3  sing N N 323 
TRP CG  CD1  doub Y N 324 
TRP CG  CD2  sing Y N 325 
TRP CD1 NE1  sing Y N 326 
TRP CD1 HD1  sing N N 327 
TRP CD2 CE2  doub Y N 328 
TRP CD2 CE3  sing Y N 329 
TRP NE1 CE2  sing Y N 330 
TRP NE1 HE1  sing N N 331 
TRP CE2 CZ2  sing Y N 332 
TRP CE3 CZ3  doub Y N 333 
TRP CE3 HE3  sing N N 334 
TRP CZ2 CH2  doub Y N 335 
TRP CZ2 HZ2  sing N N 336 
TRP CZ3 CH2  sing Y N 337 
TRP CZ3 HZ3  sing N N 338 
TRP CH2 HH2  sing N N 339 
TRP OXT HXT  sing N N 340 
TYR N   CA   sing N N 341 
TYR N   H    sing N N 342 
TYR N   H2   sing N N 343 
TYR CA  C    sing N N 344 
TYR CA  CB   sing N N 345 
TYR CA  HA   sing N N 346 
TYR C   O    doub N N 347 
TYR C   OXT  sing N N 348 
TYR CB  CG   sing N N 349 
TYR CB  HB2  sing N N 350 
TYR CB  HB3  sing N N 351 
TYR CG  CD1  doub Y N 352 
TYR CG  CD2  sing Y N 353 
TYR CD1 CE1  sing Y N 354 
TYR CD1 HD1  sing N N 355 
TYR CD2 CE2  doub Y N 356 
TYR CD2 HD2  sing N N 357 
TYR CE1 CZ   doub Y N 358 
TYR CE1 HE1  sing N N 359 
TYR CE2 CZ   sing Y N 360 
TYR CE2 HE2  sing N N 361 
TYR CZ  OH   sing N N 362 
TYR OH  HH   sing N N 363 
TYR OXT HXT  sing N N 364 
VAL N   CA   sing N N 365 
VAL N   H    sing N N 366 
VAL N   H2   sing N N 367 
VAL CA  C    sing N N 368 
VAL CA  CB   sing N N 369 
VAL CA  HA   sing N N 370 
VAL C   O    doub N N 371 
VAL C   OXT  sing N N 372 
VAL CB  CG1  sing N N 373 
VAL CB  CG2  sing N N 374 
VAL CB  HB   sing N N 375 
VAL CG1 HG11 sing N N 376 
VAL CG1 HG12 sing N N 377 
VAL CG1 HG13 sing N N 378 
VAL CG2 HG21 sing N N 379 
VAL CG2 HG22 sing N N 380 
VAL CG2 HG23 sing N N 381 
VAL OXT HXT  sing N N 382 
# 
loop_
_pdbx_entity_nonpoly.entity_id 
_pdbx_entity_nonpoly.name 
_pdbx_entity_nonpoly.comp_id 
2 'CITRIC ACID' CIT 
3 water         HOH 
# 
_pdbx_initial_refinement_model.id               1 
_pdbx_initial_refinement_model.entity_id_list   ? 
_pdbx_initial_refinement_model.type             'experimental model' 
_pdbx_initial_refinement_model.source_name      PDB 
_pdbx_initial_refinement_model.accession_code   1B78 
_pdbx_initial_refinement_model.details          ? 
# 
